data_4PIV
#
_entry.id   4PIV
#
_cell.length_a   48.221
_cell.length_b   85.761
_cell.length_c   85.995
_cell.angle_alpha   65.490
_cell.angle_beta   89.960
_cell.angle_gamma   87.220
#
_symmetry.space_group_name_H-M   'P 1'
#
loop_
_entity.id
_entity.type
_entity.pdbx_description
1 polymer 'Fatty acid synthase'
2 non-polymer 'CACODYLATE ION'
3 non-polymer 'NADPH DIHYDRO-NICOTINAMIDE-ADENINE-DINUCLEOTIDE PHOSPHATE'
4 non-polymer 'SULFATE ION'
5 non-polymer 4-[4-(1-benzofuran-5-yl)phenyl]-5-{[(3S)-1-(cyclopropylcarbonyl)pyrrolidin-3-yl]methyl}-2,4-dihydro-3H-1,2,4-triazol-3-one
6 water water
#
_entity_poly.entity_id   1
_entity_poly.type   'polypeptide(L)'
_entity_poly.pdbx_seq_one_letter_code
;MQVPILEKFCFTPHTEEGCLSERAALQEELQLCKGLVQALQTKVTQQGLKMVVPGLDGAQIPRDPSQQELPRLLSAACRL
QLNGNLQLELAQVLAQERPKLPEDPLLSGLLDSPALKACLDTAVENMPSLKMKVVEVLAGHGHLYSRIPGLLSPHPLLQL
SYTATDRHPQALEAAQAELQQHDVAQGQWDPADPAPSALGSADLLVCNCAVAALGDPASALSNMVAALREGGFLLLHTLL
RGHPLGDIVAFLTSTEPQYGQGILSQDAWESLFSRVSLRLVGLKKSFYGSTLFLCRRPTPQDSPIFLPVDDTSFRWVESL
KGILADEDSARPVWLKAINCATSGVVGLVNCLRREPGGNRLRCVLLSNLSSTSHVPEVDPGSAELQKVLQGDLVMNVYRD
GAWGAFRHFLLEEDKGSKTFCPAHKSYIIAGGLGGFGLELAQWLIQRGVQKLVLTSRSGIRTGYQAKQVRRWRRQGVQVQ
VSTSNISSLEGARGLIAEAAQLGPVGGVFNLAVVLRDGLLENQTPEFFQDVCKPKYSGTLNLDRVTREACPELDYFVVFS
SVSCGRGNAGQSNYGFANSAMERICEKRRHEGLPGLAVQWGAIGDVGILVETMSTNDTIVSGTLPQRMASCLEVLDLFLN
QPHMVLSSFVLAEKHHHHHH
;
_entity_poly.pdbx_strand_id   A,B
#
loop_
_chem_comp.id
_chem_comp.type
_chem_comp.name
_chem_comp.formula
2W4 non-polymer 4-[4-(1-benzofuran-5-yl)phenyl]-5-{[(3S)-1-(cyclopropylcarbonyl)pyrrolidin-3-yl]methyl}-2,4-dihydro-3H-1,2,4-triazol-3-one 'C25 H24 N4 O3'
CAC non-polymer 'CACODYLATE ION' 'C2 H6 As O2 -1'
NDP non-polymer 'NADPH DIHYDRO-NICOTINAMIDE-ADENINE-DINUCLEOTIDE PHOSPHATE' 'C21 H30 N7 O17 P3'
SO4 non-polymer 'SULFATE ION' 'O4 S -2'
#
# COMPACT_ATOMS: atom_id res chain seq x y z
N MET A 1 1.84 43.92 24.36
CA MET A 1 1.32 42.53 24.45
C MET A 1 2.02 41.59 23.45
N GLN A 2 2.51 40.47 23.98
CA GLN A 2 3.16 39.40 23.21
C GLN A 2 2.31 38.80 22.09
N VAL A 3 2.99 38.24 21.10
CA VAL A 3 2.37 37.74 19.88
C VAL A 3 2.67 36.25 19.71
N PRO A 4 1.66 35.39 19.94
CA PRO A 4 1.91 33.96 19.90
C PRO A 4 2.02 33.41 18.48
N ILE A 5 2.67 32.27 18.35
CA ILE A 5 2.69 31.54 17.10
C ILE A 5 1.49 30.58 17.12
N LEU A 6 0.57 30.82 16.18
CA LEU A 6 -0.68 30.08 16.12
C LEU A 6 -0.66 29.15 14.94
N GLU A 7 -0.82 27.86 15.23
CA GLU A 7 -0.75 26.83 14.21
C GLU A 7 -1.88 25.82 14.28
N LYS A 8 -2.19 25.25 13.12
CA LYS A 8 -3.00 24.04 13.04
C LYS A 8 -2.11 22.81 12.93
N PHE A 9 -2.59 21.70 13.47
CA PHE A 9 -1.87 20.43 13.52
C PHE A 9 -2.67 19.40 12.72
N CYS A 10 -2.14 19.00 11.56
CA CYS A 10 -2.91 18.21 10.60
C CYS A 10 -2.19 16.96 10.12
N PHE A 11 -2.98 15.91 9.89
CA PHE A 11 -2.47 14.73 9.24
C PHE A 11 -2.06 15.15 7.83
N THR A 12 -0.81 14.85 7.50
CA THR A 12 -0.24 15.26 6.22
C THR A 12 0.33 14.05 5.48
N PRO A 13 -0.32 13.66 4.36
CA PRO A 13 0.24 12.57 3.56
C PRO A 13 1.65 12.89 3.09
N HIS A 14 2.50 11.87 3.03
CA HIS A 14 3.85 12.00 2.48
C HIS A 14 3.76 12.46 1.04
N THR A 15 2.86 11.82 0.29
CA THR A 15 2.59 12.16 -1.10
C THR A 15 1.33 13.03 -1.25
N GLU A 16 1.51 14.23 -1.80
CA GLU A 16 0.41 15.14 -2.14
C GLU A 16 0.53 15.62 -3.59
N GLU A 17 -0.60 15.60 -4.29
CA GLU A 17 -0.68 16.03 -5.67
C GLU A 17 -1.77 17.08 -5.81
N GLY A 18 -1.74 17.79 -6.92
CA GLY A 18 -2.67 18.88 -7.18
C GLY A 18 -2.53 20.05 -6.23
N CYS A 19 -1.33 20.22 -5.66
CA CYS A 19 -1.08 21.33 -4.75
C CYS A 19 -1.23 22.69 -5.44
N LEU A 20 -1.64 23.68 -4.65
CA LEU A 20 -1.81 25.06 -5.11
C LEU A 20 -3.02 25.27 -6.01
N SER A 21 -3.89 24.26 -6.12
CA SER A 21 -5.08 24.33 -6.97
C SER A 21 -6.05 25.45 -6.59
N GLU A 22 -6.15 25.72 -5.30
CA GLU A 22 -7.05 26.76 -4.78
C GLU A 22 -6.60 28.18 -5.16
N ARG A 23 -5.32 28.34 -5.51
CA ARG A 23 -4.75 29.66 -5.76
C ARG A 23 -5.09 30.15 -7.16
N ALA A 24 -6.00 31.12 -7.23
CA ALA A 24 -6.53 31.64 -8.48
C ALA A 24 -5.47 32.32 -9.34
N ALA A 25 -4.57 33.06 -8.70
CA ALA A 25 -3.51 33.81 -9.39
C ALA A 25 -2.65 32.88 -10.26
N LEU A 26 -2.31 31.71 -9.73
CA LEU A 26 -1.44 30.76 -10.42
C LEU A 26 -2.21 30.06 -11.54
N GLN A 27 -3.46 29.75 -11.27
CA GLN A 27 -4.34 29.11 -12.25
C GLN A 27 -4.56 30.06 -13.42
N GLU A 28 -4.71 31.34 -13.11
CA GLU A 28 -4.88 32.39 -14.11
C GLU A 28 -3.60 32.60 -14.92
N GLU A 29 -2.45 32.59 -14.24
CA GLU A 29 -1.17 32.81 -14.92
C GLU A 29 -0.81 31.63 -15.84
N LEU A 30 -1.19 30.43 -15.43
CA LEU A 30 -0.91 29.21 -16.22
C LEU A 30 -1.67 29.22 -17.55
N GLN A 31 -2.94 29.60 -17.47
CA GLN A 31 -3.82 29.67 -18.64
C GLN A 31 -3.25 30.65 -19.66
N LEU A 32 -2.78 31.79 -19.17
CA LEU A 32 -2.14 32.82 -19.99
C LEU A 32 -0.86 32.30 -20.66
N CYS A 33 -0.01 31.66 -19.86
CA CYS A 33 1.24 31.11 -20.36
C CYS A 33 0.99 30.04 -21.42
N LYS A 34 -0.04 29.23 -21.19
CA LYS A 34 -0.44 28.20 -22.15
C LYS A 34 -0.89 28.81 -23.48
N GLY A 35 -1.64 29.91 -23.39
CA GLY A 35 -2.10 30.63 -24.58
C GLY A 35 -0.97 31.23 -25.38
N LEU A 36 -0.01 31.82 -24.68
CA LEU A 36 1.15 32.46 -25.31
C LEU A 36 2.01 31.42 -26.05
N VAL A 37 2.23 30.28 -25.41
CA VAL A 37 3.00 29.19 -26.02
C VAL A 37 2.28 28.65 -27.25
N GLN A 38 0.96 28.54 -27.15
CA GLN A 38 0.12 28.10 -28.27
C GLN A 38 0.23 29.08 -29.42
N ALA A 39 0.33 30.37 -29.09
CA ALA A 39 0.49 31.44 -30.07
C ALA A 39 1.82 31.32 -30.83
N LEU A 40 2.89 30.99 -30.11
CA LEU A 40 4.21 30.83 -30.72
C LEU A 40 4.21 29.68 -31.73
N GLN A 41 3.59 28.57 -31.33
CA GLN A 41 3.47 27.39 -32.22
C GLN A 41 2.54 27.70 -33.39
N THR A 42 1.44 28.38 -33.09
CA THR A 42 0.44 28.70 -34.09
C THR A 42 0.87 29.93 -34.88
N PRO A 65 0.27 40.05 -12.95
CA PRO A 65 -0.33 38.77 -13.31
C PRO A 65 0.08 38.39 -14.73
N SER A 66 -0.37 39.18 -15.70
CA SER A 66 0.18 39.15 -17.06
C SER A 66 1.56 39.80 -17.06
N GLN A 67 1.83 40.57 -16.00
CA GLN A 67 3.10 41.29 -15.84
C GLN A 67 4.12 40.49 -15.03
N GLN A 68 3.85 39.21 -14.79
CA GLN A 68 4.83 38.32 -14.15
C GLN A 68 5.95 37.93 -15.11
N GLU A 69 7.05 37.45 -14.54
CA GLU A 69 8.29 37.26 -15.31
C GLU A 69 8.15 36.25 -16.45
N LEU A 70 7.46 35.13 -16.18
CA LEU A 70 7.29 34.09 -17.20
C LEU A 70 6.38 34.54 -18.36
N PRO A 71 5.23 35.17 -18.06
CA PRO A 71 4.45 35.68 -19.18
C PRO A 71 5.16 36.76 -19.99
N ARG A 72 5.82 37.69 -19.29
CA ARG A 72 6.54 38.77 -19.94
C ARG A 72 7.60 38.21 -20.88
N LEU A 73 8.29 37.18 -20.41
CA LEU A 73 9.32 36.50 -21.19
C LEU A 73 8.74 35.86 -22.45
N LEU A 74 7.61 35.17 -22.29
CA LEU A 74 6.95 34.47 -23.39
C LEU A 74 6.52 35.44 -24.48
N SER A 75 5.90 36.55 -24.07
CA SER A 75 5.37 37.54 -25.00
C SER A 75 6.52 38.12 -25.82
N ALA A 76 7.65 38.37 -25.15
CA ALA A 76 8.85 38.85 -25.80
C ALA A 76 9.28 37.88 -26.90
N ALA A 77 9.15 36.59 -26.61
CA ALA A 77 9.41 35.53 -27.60
C ALA A 77 8.44 35.65 -28.77
N CYS A 78 7.19 35.98 -28.45
CA CYS A 78 6.15 36.20 -29.47
C CYS A 78 6.53 37.35 -30.38
N ARG A 79 7.11 38.40 -29.81
CA ARG A 79 7.62 39.54 -30.58
C ARG A 79 8.66 39.07 -31.60
N LEU A 80 9.54 38.15 -31.16
CA LEU A 80 10.53 37.51 -32.02
C LEU A 80 9.91 36.38 -32.84
N ALA A 91 17.20 34.17 -26.77
CA ALA A 91 18.48 33.83 -26.16
C ALA A 91 19.10 35.07 -25.52
N GLN A 92 19.31 36.11 -26.33
CA GLN A 92 19.74 37.41 -25.83
C GLN A 92 18.68 37.94 -24.87
N VAL A 93 17.41 37.73 -25.23
CA VAL A 93 16.29 38.12 -24.38
C VAL A 93 16.22 37.25 -23.14
N LEU A 94 16.37 35.93 -23.34
CA LEU A 94 16.24 34.94 -22.26
C LEU A 94 17.37 35.04 -21.26
N ALA A 95 18.60 35.18 -21.77
CA ALA A 95 19.79 35.24 -20.92
C ALA A 95 19.74 36.43 -19.98
N GLN A 96 19.25 37.55 -20.51
CA GLN A 96 19.16 38.79 -19.75
C GLN A 96 18.21 38.66 -18.56
N GLU A 97 17.09 37.98 -18.76
CA GLU A 97 16.00 37.93 -17.78
C GLU A 97 16.04 36.72 -16.82
N ARG A 98 17.07 35.88 -16.94
CA ARG A 98 17.16 34.63 -16.16
C ARG A 98 17.21 34.82 -14.64
N PRO A 99 18.01 35.79 -14.15
CA PRO A 99 18.05 35.96 -12.69
C PRO A 99 16.70 36.33 -12.06
N LYS A 100 15.86 37.01 -12.84
CA LYS A 100 14.52 37.40 -12.39
C LYS A 100 13.51 36.24 -12.37
N LEU A 101 13.79 35.20 -13.16
CA LEU A 101 12.82 34.11 -13.42
C LEU A 101 12.40 33.20 -12.24
N PRO A 102 13.34 32.82 -11.34
CA PRO A 102 12.90 31.91 -10.27
C PRO A 102 11.80 32.46 -9.38
N GLU A 103 11.74 33.78 -9.25
CA GLU A 103 10.76 34.43 -8.38
C GLU A 103 9.39 34.60 -9.05
N ASP A 104 9.23 34.05 -10.26
CA ASP A 104 7.92 33.98 -10.90
C ASP A 104 6.98 33.17 -10.01
N PRO A 105 5.72 33.61 -9.83
CA PRO A 105 4.88 32.87 -8.89
C PRO A 105 4.68 31.38 -9.21
N LEU A 106 4.59 31.03 -10.48
CA LEU A 106 4.45 29.61 -10.86
C LEU A 106 5.73 28.82 -10.52
N LEU A 107 6.87 29.40 -10.85
CA LEU A 107 8.15 28.74 -10.61
C LEU A 107 8.46 28.63 -9.11
N SER A 108 7.93 29.56 -8.32
CA SER A 108 8.19 29.59 -6.87
C SER A 108 6.98 29.15 -6.04
N GLY A 109 5.96 28.61 -6.69
CA GLY A 109 4.66 28.38 -6.06
C GLY A 109 4.68 27.44 -4.87
N LEU A 110 5.33 26.28 -5.05
CA LEU A 110 5.44 25.29 -3.99
C LEU A 110 6.30 25.80 -2.85
N LEU A 111 7.30 26.62 -3.19
CA LEU A 111 8.25 27.15 -2.23
C LEU A 111 7.58 28.09 -1.23
N ASP A 112 6.66 28.91 -1.71
CA ASP A 112 5.90 29.83 -0.86
C ASP A 112 4.57 29.19 -0.46
N SER A 113 4.62 27.90 -0.13
CA SER A 113 3.44 27.16 0.31
C SER A 113 3.77 26.27 1.50
N PRO A 114 2.74 25.74 2.17
CA PRO A 114 2.93 24.82 3.30
C PRO A 114 3.63 23.50 2.93
N ALA A 115 3.70 23.18 1.64
CA ALA A 115 4.44 21.98 1.18
C ALA A 115 5.91 22.06 1.59
N LEU A 116 6.52 23.24 1.42
CA LEU A 116 7.92 23.43 1.77
C LEU A 116 8.16 23.19 3.26
N LYS A 117 7.32 23.82 4.08
CA LYS A 117 7.41 23.67 5.55
C LYS A 117 7.25 22.21 5.96
N ALA A 118 6.29 21.54 5.34
CA ALA A 118 6.03 20.12 5.62
C ALA A 118 7.28 19.27 5.44
N CYS A 119 7.97 19.49 4.33
CA CYS A 119 9.17 18.74 4.01
C CYS A 119 10.30 19.05 4.97
N LEU A 120 10.50 20.33 5.27
CA LEU A 120 11.54 20.76 6.19
C LEU A 120 11.33 20.15 7.59
N ASP A 121 10.10 20.22 8.07
CA ASP A 121 9.78 19.75 9.42
C ASP A 121 9.94 18.24 9.53
N THR A 122 9.70 17.54 8.43
CA THR A 122 9.92 16.09 8.39
C THR A 122 11.41 15.82 8.62
N ALA A 123 12.26 16.54 7.90
CA ALA A 123 13.72 16.45 8.10
C ALA A 123 14.10 16.72 9.56
N VAL A 124 13.56 17.81 10.11
CA VAL A 124 13.91 18.26 11.46
C VAL A 124 13.55 17.23 12.51
N GLU A 125 12.35 16.68 12.36
CA GLU A 125 11.83 15.63 13.23
C GLU A 125 12.68 14.36 13.22
N ASN A 126 13.41 14.16 12.12
CA ASN A 126 14.26 12.97 11.97
C ASN A 126 15.75 13.23 12.22
N MET A 127 16.08 14.39 12.78
CA MET A 127 17.45 14.69 13.17
C MET A 127 17.78 14.00 14.48
N PRO A 128 19.03 13.54 14.64
CA PRO A 128 19.40 12.89 15.88
C PRO A 128 19.54 13.89 17.03
N SER A 129 19.77 15.16 16.68
CA SER A 129 19.85 16.23 17.67
C SER A 129 19.07 17.49 17.26
N LEU A 130 19.26 18.56 18.02
CA LEU A 130 18.60 19.85 17.80
C LEU A 130 19.36 20.69 16.78
N LYS A 131 20.52 20.20 16.35
CA LYS A 131 21.33 20.87 15.34
C LYS A 131 20.97 20.35 13.95
N MET A 132 20.86 21.26 12.99
CA MET A 132 20.71 20.88 11.59
C MET A 132 21.68 21.66 10.71
N LYS A 133 22.64 20.94 10.14
CA LYS A 133 23.58 21.51 9.17
C LYS A 133 22.97 21.47 7.76
N VAL A 134 22.70 22.65 7.20
CA VAL A 134 22.07 22.76 5.89
C VAL A 134 22.99 23.39 4.83
N VAL A 135 23.08 22.74 3.66
CA VAL A 135 23.82 23.28 2.51
C VAL A 135 22.93 23.43 1.28
N GLU A 136 22.82 24.66 0.78
CA GLU A 136 22.08 24.92 -0.46
C GLU A 136 22.97 24.86 -1.70
N VAL A 137 22.60 23.98 -2.62
CA VAL A 137 23.27 23.87 -3.91
C VAL A 137 22.64 24.82 -4.92
N LEU A 138 23.49 25.52 -5.66
CA LEU A 138 23.09 26.49 -6.71
C LEU A 138 22.15 27.57 -6.20
N ALA A 139 22.58 28.22 -5.11
CA ALA A 139 21.77 29.22 -4.41
C ALA A 139 21.50 30.46 -5.25
N GLY A 140 22.43 30.78 -6.17
CA GLY A 140 22.32 31.97 -7.01
C GLY A 140 20.96 32.12 -7.68
N HIS A 141 20.49 31.03 -8.28
CA HIS A 141 19.18 31.02 -8.94
C HIS A 141 18.13 30.20 -8.18
N GLY A 142 18.56 29.57 -7.09
CA GLY A 142 17.66 28.73 -6.28
C GLY A 142 16.81 29.48 -5.28
N HIS A 143 17.44 30.44 -4.60
CA HIS A 143 16.75 31.40 -3.72
C HIS A 143 16.10 30.78 -2.49
N LEU A 144 16.57 29.61 -2.07
CA LEU A 144 15.97 28.94 -0.89
C LEU A 144 16.39 29.57 0.43
N TYR A 145 17.51 30.30 0.41
CA TYR A 145 17.98 31.11 1.55
C TYR A 145 16.96 32.15 2.01
N SER A 146 16.12 32.61 1.09
CA SER A 146 15.10 33.61 1.39
C SER A 146 13.80 32.99 1.92
N ARG A 147 13.83 31.69 2.20
CA ARG A 147 12.65 30.98 2.71
C ARG A 147 12.92 30.02 3.87
N ILE A 148 13.94 29.18 3.72
CA ILE A 148 14.19 28.09 4.68
C ILE A 148 14.59 28.55 6.09
N PRO A 149 15.61 29.43 6.21
CA PRO A 149 15.93 29.96 7.54
C PRO A 149 14.72 30.61 8.21
N GLY A 150 13.99 31.41 7.44
CA GLY A 150 12.82 32.13 7.95
C GLY A 150 11.67 31.22 8.36
N LEU A 151 11.54 30.10 7.69
CA LEU A 151 10.51 29.12 8.02
C LEU A 151 10.87 28.36 9.29
N LEU A 152 12.17 28.16 9.51
CA LEU A 152 12.66 27.41 10.68
C LEU A 152 12.98 28.30 11.88
N SER A 153 13.01 29.62 11.66
CA SER A 153 13.42 30.58 12.70
C SER A 153 12.50 30.62 13.93
N PRO A 154 11.17 30.42 13.73
CA PRO A 154 10.23 30.39 14.87
C PRO A 154 10.36 29.17 15.76
N HIS A 155 11.15 28.21 15.32
CA HIS A 155 11.47 27.04 16.13
C HIS A 155 12.34 27.50 17.30
N PRO A 156 11.89 27.27 18.54
CA PRO A 156 12.59 27.81 19.72
C PRO A 156 13.88 27.08 20.11
N LEU A 157 14.00 25.82 19.73
CA LEU A 157 15.16 25.00 20.12
C LEU A 157 16.16 24.76 18.99
N LEU A 158 15.68 24.79 17.74
CA LEU A 158 16.49 24.38 16.58
C LEU A 158 17.71 25.27 16.34
N GLN A 159 18.87 24.63 16.28
CA GLN A 159 20.14 25.25 15.95
C GLN A 159 20.46 25.08 14.46
N LEU A 160 20.21 26.12 13.68
CA LEU A 160 20.37 26.06 12.22
C LEU A 160 21.72 26.57 11.73
N SER A 161 22.46 25.71 11.03
CA SER A 161 23.65 26.13 10.25
C SER A 161 23.34 26.08 8.76
N TYR A 162 23.25 27.24 8.13
CA TYR A 162 22.87 27.32 6.71
C TYR A 162 23.95 27.96 5.85
N THR A 163 24.39 27.21 4.85
CA THR A 163 25.37 27.69 3.89
C THR A 163 24.80 27.74 2.48
N ALA A 164 24.68 28.96 1.95
CA ALA A 164 24.33 29.18 0.54
C ALA A 164 25.57 29.02 -0.33
N THR A 165 25.53 28.08 -1.27
CA THR A 165 26.66 27.87 -2.17
C THR A 165 26.28 27.99 -3.65
N ASP A 166 27.29 28.17 -4.48
CA ASP A 166 27.14 28.23 -5.94
C ASP A 166 28.49 28.02 -6.62
N ARG A 167 28.47 27.89 -7.94
CA ARG A 167 29.70 27.67 -8.73
C ARG A 167 30.55 28.95 -8.83
N HIS A 168 29.88 30.10 -8.92
CA HIS A 168 30.54 31.40 -9.02
C HIS A 168 30.21 32.31 -7.84
N PRO A 169 31.21 33.04 -7.32
CA PRO A 169 30.97 33.96 -6.20
C PRO A 169 30.04 35.10 -6.60
N GLN A 170 30.15 35.48 -7.87
CA GLN A 170 29.32 36.53 -8.45
C GLN A 170 27.83 36.21 -8.38
N ALA A 171 27.51 34.91 -8.38
CA ALA A 171 26.12 34.44 -8.39
C ALA A 171 25.30 34.90 -7.20
N LEU A 172 25.96 35.10 -6.06
CA LEU A 172 25.28 35.45 -4.80
C LEU A 172 25.40 36.94 -4.42
N GLU A 173 25.85 37.76 -5.36
CA GLU A 173 26.16 39.17 -5.07
C GLU A 173 24.92 39.98 -4.69
N ALA A 174 23.83 39.77 -5.44
CA ALA A 174 22.60 40.54 -5.25
C ALA A 174 21.83 40.13 -3.99
N ALA A 175 22.18 38.97 -3.45
CA ALA A 175 21.48 38.39 -2.29
C ALA A 175 22.17 38.65 -0.96
N GLN A 176 23.26 39.40 -0.97
CA GLN A 176 24.10 39.56 0.24
C GLN A 176 23.33 40.16 1.41
N ALA A 177 22.51 41.16 1.12
CA ALA A 177 21.66 41.80 2.13
C ALA A 177 20.71 40.79 2.77
N GLU A 178 20.14 39.92 1.95
CA GLU A 178 19.24 38.86 2.42
C GLU A 178 20.00 37.82 3.23
N LEU A 179 21.19 37.46 2.74
CA LEU A 179 22.03 36.44 3.40
C LEU A 179 22.49 36.92 4.77
N GLN A 180 22.87 38.19 4.84
CA GLN A 180 23.35 38.81 6.10
C GLN A 180 22.27 38.78 7.19
N GLN A 181 21.06 39.18 6.83
CA GLN A 181 19.94 39.21 7.77
C GLN A 181 19.68 37.83 8.39
N HIS A 182 19.74 36.78 7.58
CA HIS A 182 19.40 35.44 8.02
C HIS A 182 20.58 34.62 8.56
N ASP A 183 21.74 35.28 8.69
CA ASP A 183 22.95 34.65 9.21
C ASP A 183 23.42 33.47 8.34
N VAL A 184 23.15 33.58 7.03
CA VAL A 184 23.51 32.53 6.08
C VAL A 184 24.99 32.65 5.69
N ALA A 185 25.74 31.58 5.93
CA ALA A 185 27.14 31.52 5.49
C ALA A 185 27.19 31.32 3.98
N GLN A 186 28.38 31.50 3.40
CA GLN A 186 28.59 31.34 1.97
C GLN A 186 29.67 30.32 1.66
N GLY A 187 29.60 29.79 0.45
CA GLY A 187 30.54 28.79 -0.02
C GLY A 187 30.60 28.68 -1.53
N GLN A 188 31.71 28.16 -2.03
CA GLN A 188 31.89 27.92 -3.46
C GLN A 188 31.79 26.42 -3.71
N TRP A 189 30.83 26.04 -4.54
CA TRP A 189 30.65 24.63 -4.89
C TRP A 189 29.91 24.44 -6.20
N ASP A 190 30.61 23.85 -7.16
CA ASP A 190 29.99 23.38 -8.40
C ASP A 190 29.69 21.89 -8.20
N PRO A 191 28.39 21.52 -8.20
CA PRO A 191 27.95 20.17 -7.85
C PRO A 191 28.45 19.08 -8.80
N ALA A 192 28.96 19.49 -9.96
CA ALA A 192 29.68 18.58 -10.86
C ALA A 192 30.91 17.97 -10.18
N ASP A 193 31.43 18.68 -9.16
CA ASP A 193 32.59 18.21 -8.39
C ASP A 193 32.15 17.72 -7.01
N PRO A 194 33.00 16.92 -6.35
CA PRO A 194 32.74 16.64 -4.94
C PRO A 194 32.72 17.90 -4.09
N ALA A 195 32.01 17.82 -2.97
CA ALA A 195 31.88 18.97 -2.08
C ALA A 195 33.20 19.26 -1.38
N PRO A 196 33.47 20.55 -1.08
CA PRO A 196 34.59 20.87 -0.18
C PRO A 196 34.39 20.20 1.18
N SER A 197 35.48 19.94 1.88
CA SER A 197 35.41 19.21 3.16
C SER A 197 34.52 19.90 4.17
N ALA A 198 34.55 21.23 4.18
CA ALA A 198 33.79 22.04 5.14
C ALA A 198 32.28 21.81 5.06
N LEU A 199 31.80 21.47 3.86
CA LEU A 199 30.35 21.37 3.61
C LEU A 199 29.81 19.96 3.84
N GLY A 200 30.70 19.02 4.14
CA GLY A 200 30.34 17.61 4.29
C GLY A 200 29.70 17.25 5.61
N SER A 201 29.27 16.00 5.72
CA SER A 201 28.51 15.50 6.87
C SER A 201 27.27 16.36 7.12
N ALA A 202 26.70 16.92 6.05
CA ALA A 202 25.49 17.73 6.15
C ALA A 202 24.28 16.87 6.49
N ASP A 203 23.35 17.48 7.21
CA ASP A 203 22.10 16.83 7.61
C ASP A 203 21.03 17.01 6.53
N LEU A 204 21.08 18.16 5.87
CA LEU A 204 20.09 18.52 4.84
C LEU A 204 20.75 19.28 3.70
N LEU A 205 20.61 18.72 2.50
CA LEU A 205 20.97 19.42 1.26
C LEU A 205 19.71 19.85 0.52
N VAL A 206 19.65 21.12 0.14
CA VAL A 206 18.52 21.69 -0.59
C VAL A 206 18.93 22.28 -1.93
N CYS A 207 18.09 22.10 -2.93
CA CYS A 207 18.35 22.61 -4.27
C CYS A 207 17.05 22.95 -4.99
N ASN A 208 16.92 24.21 -5.39
CA ASN A 208 15.86 24.62 -6.30
C ASN A 208 16.47 24.70 -7.68
N CYS A 209 16.25 23.66 -8.47
CA CYS A 209 16.77 23.61 -9.84
C CYS A 209 15.64 23.76 -10.86
N ALA A 210 14.66 24.58 -10.51
CA ALA A 210 13.60 24.97 -11.45
C ALA A 210 14.17 25.80 -12.59
N VAL A 211 15.09 26.69 -12.25
CA VAL A 211 15.79 27.54 -13.23
C VAL A 211 17.28 27.19 -13.29
N ALA A 212 17.91 27.02 -12.13
CA ALA A 212 19.32 26.66 -12.05
C ALA A 212 19.59 25.28 -12.63
N ALA A 213 20.69 25.17 -13.39
CA ALA A 213 21.06 23.91 -14.07
C ALA A 213 22.13 23.12 -13.29
N LEU A 214 21.80 21.87 -12.98
CA LEU A 214 22.73 20.97 -12.26
C LEU A 214 23.88 20.51 -13.16
N GLY A 215 23.69 20.60 -14.47
CA GLY A 215 24.56 19.93 -15.43
C GLY A 215 24.12 18.47 -15.52
N ASP A 216 25.09 17.56 -15.62
CA ASP A 216 24.78 16.13 -15.64
C ASP A 216 24.11 15.74 -14.30
N PRO A 217 22.81 15.39 -14.32
CA PRO A 217 22.09 15.16 -13.06
C PRO A 217 22.64 14.03 -12.21
N ALA A 218 23.01 12.92 -12.86
CA ALA A 218 23.53 11.75 -12.14
C ALA A 218 24.80 12.09 -11.37
N SER A 219 25.72 12.81 -12.02
CA SER A 219 26.97 13.25 -11.40
C SER A 219 26.71 14.24 -10.28
N ALA A 220 25.84 15.20 -10.55
CA ALA A 220 25.46 16.22 -9.56
C ALA A 220 24.89 15.59 -8.29
N LEU A 221 23.88 14.73 -8.47
CA LEU A 221 23.20 14.08 -7.33
C LEU A 221 24.13 13.15 -6.56
N SER A 222 25.04 12.50 -7.29
CA SER A 222 26.03 11.61 -6.68
C SER A 222 26.89 12.36 -5.66
N ASN A 223 27.39 13.52 -6.08
CA ASN A 223 28.21 14.36 -5.20
C ASN A 223 27.40 14.92 -4.04
N MET A 224 26.15 15.29 -4.31
CA MET A 224 25.24 15.80 -3.28
C MET A 224 25.02 14.75 -2.19
N VAL A 225 24.78 13.51 -2.59
CA VAL A 225 24.61 12.39 -1.66
C VAL A 225 25.83 12.18 -0.78
N ALA A 226 27.00 12.24 -1.41
CA ALA A 226 28.27 12.07 -0.71
C ALA A 226 28.45 13.13 0.38
N ALA A 227 27.95 14.33 0.11
CA ALA A 227 28.02 15.45 1.05
C ALA A 227 27.10 15.27 2.26
N LEU A 228 26.13 14.37 2.14
CA LEU A 228 25.20 14.08 3.23
C LEU A 228 25.75 13.04 4.19
N ARG A 229 25.53 13.25 5.48
CA ARG A 229 25.77 12.20 6.47
C ARG A 229 24.76 11.08 6.17
N GLU A 230 25.04 9.88 6.67
CA GLU A 230 24.06 8.79 6.54
C GLU A 230 22.80 9.18 7.31
N GLY A 231 21.65 8.93 6.70
CA GLY A 231 20.36 9.35 7.28
C GLY A 231 19.97 10.77 6.93
N GLY A 232 20.88 11.51 6.31
CA GLY A 232 20.63 12.88 5.90
C GLY A 232 19.59 12.99 4.79
N PHE A 233 19.06 14.21 4.62
CA PHE A 233 17.99 14.44 3.65
C PHE A 233 18.42 15.29 2.46
N LEU A 234 17.83 14.99 1.32
CA LEU A 234 17.92 15.83 0.13
C LEU A 234 16.53 16.37 -0.20
N LEU A 235 16.46 17.69 -0.38
CA LEU A 235 15.23 18.36 -0.77
C LEU A 235 15.43 19.06 -2.11
N LEU A 236 14.83 18.48 -3.14
CA LEU A 236 14.95 19.00 -4.49
C LEU A 236 13.64 19.61 -4.96
N HIS A 237 13.72 20.85 -5.42
CA HIS A 237 12.60 21.49 -6.11
C HIS A 237 12.92 21.62 -7.60
N THR A 238 11.95 21.26 -8.43
CA THR A 238 12.15 21.22 -9.87
C THR A 238 10.85 21.25 -10.64
N LEU A 239 10.97 21.32 -11.97
CA LEU A 239 9.83 21.28 -12.87
C LEU A 239 9.80 19.93 -13.57
N LEU A 240 8.61 19.37 -13.70
CA LEU A 240 8.43 18.07 -14.34
C LEU A 240 8.12 18.21 -15.82
N ARG A 241 8.92 17.51 -16.63
CA ARG A 241 8.60 17.34 -18.03
C ARG A 241 7.38 16.44 -18.16
N GLY A 242 6.53 16.71 -19.14
CA GLY A 242 5.24 16.02 -19.28
C GLY A 242 4.11 16.66 -18.47
N HIS A 243 4.37 17.83 -17.91
CA HIS A 243 3.36 18.63 -17.21
C HIS A 243 3.44 20.07 -17.74
N PRO A 244 2.35 20.85 -17.59
CA PRO A 244 2.32 22.10 -18.34
C PRO A 244 3.52 23.04 -18.14
N LEU A 245 3.87 23.32 -16.89
CA LEU A 245 4.92 24.32 -16.63
C LEU A 245 6.26 23.90 -17.23
N GLY A 246 6.60 22.63 -17.03
CA GLY A 246 7.86 22.09 -17.52
C GLY A 246 7.94 22.06 -19.04
N ASP A 247 6.83 21.68 -19.67
CA ASP A 247 6.75 21.64 -21.13
C ASP A 247 6.83 23.04 -21.72
N ILE A 248 6.19 23.99 -21.05
CA ILE A 248 6.20 25.39 -21.47
C ILE A 248 7.63 25.94 -21.44
N VAL A 249 8.34 25.66 -20.35
CA VAL A 249 9.72 26.15 -20.17
C VAL A 249 10.68 25.45 -21.16
N ALA A 250 10.50 24.15 -21.35
CA ALA A 250 11.36 23.35 -22.23
C ALA A 250 11.30 23.84 -23.67
N PHE A 251 10.10 24.24 -24.09
CA PHE A 251 9.88 24.83 -25.41
C PHE A 251 10.64 26.14 -25.56
N LEU A 252 10.53 26.98 -24.53
CA LEU A 252 11.15 28.31 -24.52
C LEU A 252 12.67 28.23 -24.60
N THR A 253 13.26 27.21 -23.97
CA THR A 253 14.72 27.06 -23.90
C THR A 253 15.34 26.25 -25.06
N SER A 254 14.55 25.93 -26.10
CA SER A 254 15.08 25.31 -27.33
C SER A 254 14.89 26.23 -28.53
N GLN A 261 21.17 16.80 -19.60
CA GLN A 261 20.78 18.07 -18.97
C GLN A 261 19.39 18.51 -19.40
N GLY A 262 18.85 19.50 -18.68
CA GLY A 262 17.55 20.09 -18.98
C GLY A 262 16.43 19.68 -18.05
N ILE A 263 15.20 19.86 -18.53
CA ILE A 263 13.98 19.49 -17.80
C ILE A 263 13.70 18.00 -17.92
N LEU A 264 13.45 17.36 -16.79
CA LEU A 264 13.27 15.90 -16.73
C LEU A 264 11.87 15.47 -16.32
N SER A 265 11.49 14.27 -16.73
CA SER A 265 10.25 13.65 -16.29
C SER A 265 10.40 13.18 -14.85
N GLN A 266 9.26 12.92 -14.22
CA GLN A 266 9.20 12.45 -12.84
C GLN A 266 9.87 11.09 -12.71
N ASP A 267 9.58 10.21 -13.67
CA ASP A 267 10.16 8.87 -13.70
C ASP A 267 11.67 8.93 -13.79
N ALA A 268 12.17 9.88 -14.60
CA ALA A 268 13.60 10.09 -14.77
C ALA A 268 14.28 10.49 -13.47
N TRP A 269 13.66 11.42 -12.75
CA TRP A 269 14.15 11.89 -11.45
C TRP A 269 14.17 10.76 -10.43
N GLU A 270 13.09 10.02 -10.37
CA GLU A 270 12.97 8.91 -9.42
C GLU A 270 13.93 7.76 -9.75
N SER A 271 14.21 7.58 -11.03
CA SER A 271 15.21 6.62 -11.49
C SER A 271 16.62 7.07 -11.09
N LEU A 272 16.87 8.37 -11.23
CA LEU A 272 18.14 8.97 -10.81
C LEU A 272 18.36 8.83 -9.29
N PHE A 273 17.29 9.03 -8.52
CA PHE A 273 17.37 8.89 -7.05
C PHE A 273 17.77 7.46 -6.66
N SER A 274 17.11 6.47 -7.25
CA SER A 274 17.46 5.07 -7.01
C SER A 274 18.91 4.79 -7.40
N ARG A 275 19.31 5.32 -8.55
CA ARG A 275 20.66 5.12 -9.12
C ARG A 275 21.77 5.55 -8.17
N VAL A 276 21.58 6.68 -7.50
CA VAL A 276 22.55 7.20 -6.52
C VAL A 276 22.23 6.77 -5.08
N SER A 277 21.39 5.76 -4.93
CA SER A 277 21.04 5.17 -3.62
C SER A 277 20.23 6.09 -2.71
N LEU A 278 19.48 7.02 -3.29
CA LEU A 278 18.54 7.85 -2.51
C LEU A 278 17.19 7.17 -2.39
N ARG A 279 16.58 7.27 -1.21
CA ARG A 279 15.22 6.78 -0.99
C ARG A 279 14.22 7.92 -0.90
N LEU A 280 13.18 7.86 -1.74
CA LEU A 280 12.16 8.91 -1.78
C LEU A 280 11.18 8.72 -0.64
N VAL A 281 11.14 9.68 0.27
CA VAL A 281 10.26 9.60 1.45
C VAL A 281 9.17 10.69 1.49
N GLY A 282 9.21 11.61 0.54
CA GLY A 282 8.23 12.69 0.46
C GLY A 282 8.09 13.21 -0.96
N LEU A 283 6.86 13.54 -1.34
CA LEU A 283 6.56 14.02 -2.69
C LEU A 283 5.38 15.00 -2.70
N LYS A 284 5.67 16.23 -3.10
CA LYS A 284 4.67 17.30 -3.23
C LYS A 284 4.65 17.77 -4.68
N LYS A 285 3.52 17.57 -5.34
CA LYS A 285 3.34 17.99 -6.74
C LYS A 285 2.22 19.02 -6.89
N SER A 286 2.57 20.15 -7.51
CA SER A 286 1.58 21.17 -7.85
C SER A 286 0.70 20.72 -9.02
N PHE A 287 -0.40 21.45 -9.22
CA PHE A 287 -1.36 21.13 -10.29
C PHE A 287 -0.77 21.35 -11.68
N TYR A 288 0.31 22.14 -11.75
CA TYR A 288 0.98 22.46 -13.03
C TYR A 288 2.31 21.73 -13.23
N GLY A 289 2.67 20.88 -12.28
CA GLY A 289 3.82 19.99 -12.42
C GLY A 289 5.15 20.47 -11.88
N SER A 290 5.13 21.46 -10.99
CA SER A 290 6.30 21.74 -10.17
C SER A 290 6.28 20.76 -9.02
N THR A 291 7.45 20.37 -8.54
CA THR A 291 7.55 19.28 -7.58
C THR A 291 8.64 19.44 -6.56
N LEU A 292 8.28 19.16 -5.31
CA LEU A 292 9.24 18.99 -4.23
C LEU A 292 9.47 17.49 -4.02
N PHE A 293 10.70 17.04 -4.29
CA PHE A 293 11.14 15.69 -3.90
C PHE A 293 11.91 15.73 -2.57
N LEU A 294 11.43 14.98 -1.59
CA LEU A 294 12.15 14.81 -0.32
C LEU A 294 12.75 13.40 -0.30
N CYS A 295 14.08 13.34 -0.28
CA CYS A 295 14.81 12.07 -0.32
C CYS A 295 15.71 11.91 0.89
N ARG A 296 16.11 10.67 1.13
CA ARG A 296 16.94 10.33 2.27
C ARG A 296 18.07 9.38 1.87
N ARG A 297 19.29 9.72 2.29
CA ARG A 297 20.42 8.82 2.15
C ARG A 297 20.28 7.72 3.20
N PRO A 298 20.25 6.44 2.79
CA PRO A 298 20.04 5.39 3.79
C PRO A 298 21.18 5.21 4.79
N THR A 299 20.85 4.51 5.87
CA THR A 299 21.78 4.13 6.92
C THR A 299 21.69 2.61 7.10
N PRO A 300 22.83 1.92 7.27
CA PRO A 300 22.74 0.47 7.50
C PRO A 300 21.99 0.17 8.79
N GLN A 301 20.92 -0.62 8.66
CA GLN A 301 19.94 -0.79 9.73
C GLN A 301 20.15 -2.08 10.50
N ASP A 302 20.40 -1.94 11.81
CA ASP A 302 20.36 -3.06 12.72
C ASP A 302 18.93 -3.60 12.81
N SER A 303 18.78 -4.83 13.27
CA SER A 303 17.47 -5.48 13.31
C SER A 303 16.52 -4.70 14.23
N PRO A 304 15.31 -4.37 13.73
CA PRO A 304 14.45 -3.55 14.57
C PRO A 304 13.75 -4.32 15.67
N ILE A 305 13.51 -3.63 16.78
CA ILE A 305 12.76 -4.20 17.88
C ILE A 305 11.33 -3.69 17.82
N PHE A 306 10.39 -4.61 17.70
CA PHE A 306 8.97 -4.26 17.63
C PHE A 306 8.31 -4.46 18.98
N LEU A 307 7.59 -3.42 19.43
CA LEU A 307 6.84 -3.45 20.69
C LEU A 307 5.44 -2.89 20.47
N PRO A 308 4.41 -3.73 20.63
CA PRO A 308 3.03 -3.22 20.65
C PRO A 308 2.79 -2.34 21.87
N VAL A 309 2.14 -1.20 21.65
CA VAL A 309 1.82 -0.28 22.75
C VAL A 309 0.31 -0.10 22.91
N ASP A 310 -0.44 -1.14 22.55
CA ASP A 310 -1.91 -1.14 22.56
C ASP A 310 -2.51 -1.68 23.87
N ASP A 311 -1.73 -2.43 24.64
CA ASP A 311 -2.22 -3.00 25.89
C ASP A 311 -2.77 -1.93 26.82
N THR A 312 -3.99 -2.15 27.31
CA THR A 312 -4.72 -1.18 28.14
C THR A 312 -4.09 -1.01 29.52
N SER A 313 -3.40 -2.04 30.00
CA SER A 313 -2.77 -2.02 31.31
C SER A 313 -1.41 -1.33 31.33
N PHE A 314 -0.91 -0.94 30.15
CA PHE A 314 0.39 -0.25 30.01
C PHE A 314 1.60 -1.11 30.39
N ARG A 315 1.43 -2.44 30.34
CA ARG A 315 2.52 -3.38 30.62
C ARG A 315 3.71 -3.21 29.67
N TRP A 316 3.43 -2.73 28.45
CA TRP A 316 4.49 -2.43 27.48
C TRP A 316 5.50 -1.40 28.00
N VAL A 317 5.10 -0.62 29.00
CA VAL A 317 6.02 0.35 29.59
C VAL A 317 7.23 -0.36 30.16
N GLU A 318 6.98 -1.42 30.94
CA GLU A 318 8.06 -2.18 31.57
C GLU A 318 8.97 -2.78 30.49
N SER A 319 8.35 -3.34 29.46
CA SER A 319 9.09 -3.92 28.32
C SER A 319 10.00 -2.88 27.67
N LEU A 320 9.44 -1.70 27.42
CA LEU A 320 10.18 -0.62 26.76
C LEU A 320 11.35 -0.13 27.60
N LYS A 321 11.16 -0.09 28.92
CA LYS A 321 12.21 0.31 29.87
C LYS A 321 13.40 -0.65 29.82
N GLY A 322 13.11 -1.94 29.72
CA GLY A 322 14.14 -2.97 29.59
C GLY A 322 14.92 -2.83 28.30
N ILE A 323 14.20 -2.50 27.23
CA ILE A 323 14.79 -2.35 25.89
C ILE A 323 15.72 -1.15 25.83
N LEU A 324 15.26 -0.03 26.36
CA LEU A 324 16.05 1.20 26.39
C LEU A 324 17.20 1.14 27.40
N ALA A 325 17.04 0.33 28.44
CA ALA A 325 18.08 0.17 29.48
C ALA A 325 19.41 -0.37 28.94
N ASP A 326 19.34 -1.11 27.83
CA ASP A 326 20.53 -1.58 27.13
C ASP A 326 21.23 -0.41 26.44
N GLU A 327 22.17 0.20 27.16
CA GLU A 327 22.90 1.37 26.66
C GLU A 327 23.70 1.07 25.40
N ASP A 328 24.29 -0.12 25.34
CA ASP A 328 25.13 -0.52 24.21
C ASP A 328 24.33 -0.62 22.91
N SER A 329 23.07 -1.04 23.01
CA SER A 329 22.28 -1.40 21.82
C SER A 329 22.00 -0.20 20.91
N ALA A 330 22.19 -0.42 19.61
CA ALA A 330 21.92 0.58 18.58
C ALA A 330 20.75 0.15 17.70
N ARG A 331 20.05 -0.89 18.11
CA ARG A 331 18.89 -1.39 17.37
C ARG A 331 17.71 -0.41 17.50
N PRO A 332 17.09 -0.01 16.37
CA PRO A 332 15.99 0.94 16.53
C PRO A 332 14.76 0.32 17.17
N VAL A 333 14.05 1.12 17.95
CA VAL A 333 12.87 0.66 18.68
C VAL A 333 11.60 1.16 18.00
N TRP A 334 10.84 0.20 17.48
CA TRP A 334 9.63 0.49 16.71
C TRP A 334 8.38 0.22 17.51
N LEU A 335 7.80 1.28 18.05
CA LEU A 335 6.53 1.18 18.77
C LEU A 335 5.36 1.05 17.81
N LYS A 336 4.54 0.01 18.02
CA LYS A 336 3.41 -0.31 17.15
C LYS A 336 2.04 -0.08 17.80
N ALA A 337 1.30 0.88 17.26
CA ALA A 337 -0.11 1.06 17.58
C ALA A 337 -0.99 0.64 16.38
N ILE A 338 -1.57 -0.57 16.47
CA ILE A 338 -2.29 -1.18 15.34
C ILE A 338 -3.78 -1.45 15.58
N ASN A 339 -4.16 -1.61 16.84
CA ASN A 339 -5.53 -1.99 17.17
C ASN A 339 -6.34 -0.86 17.81
N CYS A 340 -5.72 0.31 17.94
CA CYS A 340 -6.41 1.45 18.54
C CYS A 340 -6.10 2.78 17.85
N ALA A 341 -7.11 3.29 17.16
CA ALA A 341 -7.01 4.55 16.43
C ALA A 341 -6.81 5.76 17.35
N THR A 342 -7.15 5.61 18.63
CA THR A 342 -6.98 6.70 19.59
C THR A 342 -5.71 6.56 20.42
N SER A 343 -4.77 5.72 19.98
CA SER A 343 -3.48 5.59 20.68
C SER A 343 -2.73 6.93 20.71
N GLY A 344 -2.08 7.18 21.85
CA GLY A 344 -1.26 8.37 22.04
C GLY A 344 0.23 8.21 21.70
N VAL A 345 0.55 7.16 20.96
CA VAL A 345 1.95 6.80 20.66
C VAL A 345 2.77 7.95 20.07
N VAL A 346 2.12 8.82 19.30
CA VAL A 346 2.81 9.94 18.63
C VAL A 346 3.41 10.94 19.62
N GLY A 347 2.60 11.38 20.58
CA GLY A 347 3.09 12.28 21.63
C GLY A 347 4.05 11.59 22.59
N LEU A 348 3.84 10.30 22.80
CA LEU A 348 4.77 9.49 23.58
C LEU A 348 6.16 9.57 22.95
N VAL A 349 6.21 9.26 21.66
CA VAL A 349 7.46 9.21 20.91
C VAL A 349 8.19 10.56 20.96
N ASN A 350 7.45 11.64 20.78
CA ASN A 350 8.03 13.00 20.81
C ASN A 350 8.82 13.25 22.09
N CYS A 351 8.25 12.78 23.20
CA CYS A 351 8.87 12.97 24.53
C CYS A 351 10.08 12.06 24.74
N LEU A 352 9.94 10.81 24.30
CA LEU A 352 11.01 9.81 24.44
C LEU A 352 12.21 10.12 23.53
N ARG A 353 11.98 10.83 22.42
CA ARG A 353 13.05 11.24 21.51
C ARG A 353 13.99 12.24 22.18
N ARG A 354 13.48 12.94 23.20
CA ARG A 354 14.23 13.97 23.92
C ARG A 354 15.01 13.37 25.09
N GLU A 355 14.80 12.08 25.34
CA GLU A 355 15.41 11.39 26.47
C GLU A 355 16.61 10.59 26.01
N PRO A 356 17.48 10.20 26.95
CA PRO A 356 18.67 9.43 26.56
C PRO A 356 18.30 8.16 25.79
N GLY A 357 19.04 7.90 24.72
CA GLY A 357 18.74 6.79 23.81
C GLY A 357 17.50 7.05 22.95
N GLY A 358 17.05 8.29 22.92
CA GLY A 358 15.85 8.66 22.19
C GLY A 358 15.96 8.56 20.69
N ASN A 359 17.18 8.73 20.17
CA ASN A 359 17.45 8.63 18.74
C ASN A 359 17.05 7.29 18.14
N ARG A 360 16.92 6.30 19.00
CA ARG A 360 16.55 4.94 18.58
C ARG A 360 15.07 4.82 18.23
N LEU A 361 14.25 5.75 18.69
CA LEU A 361 12.80 5.58 18.64
C LEU A 361 12.17 5.89 17.30
N ARG A 362 11.21 5.03 16.97
CA ARG A 362 10.38 5.15 15.79
C ARG A 362 8.99 4.68 16.18
N CYS A 363 7.99 4.96 15.36
CA CYS A 363 6.67 4.41 15.60
C CYS A 363 5.84 4.21 14.36
N VAL A 364 4.87 3.32 14.49
CA VAL A 364 3.84 3.10 13.49
C VAL A 364 2.47 3.23 14.15
N LEU A 365 1.61 4.02 13.54
CA LEU A 365 0.24 4.21 14.02
C LEU A 365 -0.75 4.01 12.89
N LEU A 366 -1.73 3.15 13.14
CA LEU A 366 -2.88 2.99 12.23
C LEU A 366 -4.06 3.73 12.84
N SER A 367 -4.50 4.78 12.16
CA SER A 367 -5.54 5.64 12.70
C SER A 367 -6.55 6.08 11.64
N ASN A 368 -7.42 5.16 11.25
CA ASN A 368 -8.50 5.49 10.33
C ASN A 368 -9.59 6.28 11.05
N LEU A 369 -10.02 7.37 10.44
CA LEU A 369 -11.18 8.12 10.92
C LEU A 369 -12.48 7.49 10.44
N SER A 370 -12.41 6.74 9.33
CA SER A 370 -13.58 6.07 8.78
C SER A 370 -13.58 4.58 9.07
N SER A 371 -14.73 4.09 9.54
CA SER A 371 -14.94 2.66 9.83
C SER A 371 -14.86 1.82 8.56
N THR A 372 -15.30 2.41 7.44
CA THR A 372 -15.28 1.74 6.15
C THR A 372 -13.88 1.58 5.54
N SER A 373 -12.90 2.33 6.06
CA SER A 373 -11.52 2.28 5.51
C SER A 373 -10.81 0.96 5.75
N HIS A 374 -10.00 0.57 4.77
CA HIS A 374 -9.18 -0.63 4.89
C HIS A 374 -8.11 -0.44 5.96
N VAL A 375 -7.83 -1.50 6.69
CA VAL A 375 -6.74 -1.52 7.68
C VAL A 375 -5.62 -2.39 7.13
N PRO A 376 -4.46 -1.78 6.81
CA PRO A 376 -3.42 -2.60 6.17
C PRO A 376 -2.70 -3.53 7.13
N GLU A 377 -2.09 -4.56 6.57
CA GLU A 377 -1.29 -5.51 7.33
C GLU A 377 0.14 -4.98 7.40
N VAL A 378 0.63 -4.78 8.62
CA VAL A 378 1.99 -4.25 8.83
C VAL A 378 2.82 -5.19 9.70
N ASP A 379 2.47 -6.47 9.67
CA ASP A 379 3.24 -7.50 10.36
C ASP A 379 4.58 -7.72 9.63
N PRO A 380 5.61 -8.22 10.34
CA PRO A 380 7.01 -8.22 9.85
C PRO A 380 7.32 -8.70 8.42
N GLY A 381 6.54 -9.62 7.89
CA GLY A 381 6.77 -10.09 6.53
C GLY A 381 6.28 -9.14 5.45
N SER A 382 5.49 -8.15 5.84
CA SER A 382 4.62 -7.45 4.88
C SER A 382 5.33 -6.41 4.01
N ALA A 383 4.76 -6.17 2.84
CA ALA A 383 5.31 -5.20 1.89
C ALA A 383 5.07 -3.78 2.36
N GLU A 384 3.98 -3.57 3.08
CA GLU A 384 3.60 -2.25 3.60
C GLU A 384 4.58 -1.84 4.70
N LEU A 385 4.96 -2.78 5.54
CA LEU A 385 5.92 -2.53 6.63
C LEU A 385 7.34 -2.32 6.09
N GLN A 386 7.70 -3.07 5.04
CA GLN A 386 9.02 -2.96 4.43
C GLN A 386 9.31 -1.54 3.94
N LYS A 387 8.29 -0.96 3.29
CA LYS A 387 8.36 0.40 2.76
C LYS A 387 8.66 1.40 3.88
N VAL A 388 7.92 1.25 4.97
CA VAL A 388 8.06 2.11 6.15
C VAL A 388 9.46 2.01 6.72
N LEU A 389 9.95 0.78 6.86
CA LEU A 389 11.30 0.53 7.39
C LEU A 389 12.39 1.12 6.50
N GLN A 390 12.14 1.14 5.21
CA GLN A 390 13.11 1.69 4.24
C GLN A 390 13.23 3.21 4.37
N GLY A 391 12.09 3.88 4.58
CA GLY A 391 12.08 5.31 4.83
C GLY A 391 12.75 5.64 6.16
N ASP A 392 12.56 4.74 7.13
CA ASP A 392 13.10 4.88 8.50
C ASP A 392 12.65 6.17 9.20
N LEU A 393 11.50 6.69 8.80
CA LEU A 393 10.98 7.91 9.41
C LEU A 393 10.52 7.63 10.84
N VAL A 394 10.67 8.63 11.70
CA VAL A 394 10.20 8.51 13.09
C VAL A 394 8.68 8.33 13.15
N MET A 395 7.96 9.16 12.40
CA MET A 395 6.50 9.18 12.45
C MET A 395 5.88 8.57 11.19
N ASN A 396 5.23 7.43 11.38
CA ASN A 396 4.53 6.72 10.31
C ASN A 396 3.09 6.46 10.67
N VAL A 397 2.22 7.35 10.23
CA VAL A 397 0.80 7.29 10.54
C VAL A 397 0.00 6.94 9.29
N TYR A 398 -0.80 5.90 9.39
CA TYR A 398 -1.72 5.53 8.32
C TYR A 398 -3.13 6.01 8.63
N ARG A 399 -3.69 6.80 7.71
CA ARG A 399 -5.05 7.34 7.86
C ARG A 399 -5.81 7.30 6.55
N ASP A 400 -6.80 6.41 6.49
CA ASP A 400 -7.77 6.37 5.41
C ASP A 400 -7.12 6.38 4.03
N GLY A 401 -6.22 5.43 3.82
CA GLY A 401 -5.67 5.17 2.49
C GLY A 401 -4.30 5.76 2.19
N ALA A 402 -3.79 6.58 3.11
CA ALA A 402 -2.49 7.25 2.90
C ALA A 402 -1.59 7.20 4.13
N TRP A 403 -0.30 7.03 3.85
CA TRP A 403 0.75 7.16 4.85
C TRP A 403 1.18 8.61 4.90
N GLY A 404 1.51 9.06 6.10
CA GLY A 404 1.91 10.43 6.33
C GLY A 404 2.24 10.61 7.79
N ALA A 405 2.09 11.84 8.27
CA ALA A 405 2.41 12.17 9.65
C ALA A 405 1.74 13.49 10.03
N PHE A 406 1.57 13.73 11.33
CA PHE A 406 0.98 14.98 11.79
C PHE A 406 2.00 16.11 11.72
N ARG A 407 1.61 17.22 11.09
CA ARG A 407 2.51 18.36 10.87
C ARG A 407 1.86 19.65 11.35
N HIS A 408 2.70 20.62 11.71
CA HIS A 408 2.21 21.94 12.13
C HIS A 408 2.24 22.93 10.97
N PHE A 409 1.17 23.71 10.85
CA PHE A 409 1.10 24.75 9.81
C PHE A 409 0.57 26.06 10.37
N LEU A 410 1.15 27.15 9.90
CA LEU A 410 0.74 28.47 10.34
C LEU A 410 -0.75 28.66 10.10
N LEU A 411 -1.45 29.06 11.15
CA LEU A 411 -2.89 29.30 11.10
C LEU A 411 -3.17 30.54 10.26
N GLU A 412 -3.89 30.33 9.17
CA GLU A 412 -4.25 31.42 8.26
C GLU A 412 -5.14 32.45 8.96
N GLU A 413 -6.14 31.95 9.66
CA GLU A 413 -7.23 32.77 10.21
C GLU A 413 -6.72 33.97 11.01
N ASP A 414 -5.65 33.75 11.77
CA ASP A 414 -4.95 34.83 12.49
C ASP A 414 -5.78 35.45 13.61
N SER A 417 -13.25 37.92 15.87
CA SER A 417 -14.45 38.45 16.51
C SER A 417 -14.76 37.66 17.78
N LYS A 418 -15.28 38.36 18.79
CA LYS A 418 -15.55 37.72 20.07
C LYS A 418 -16.75 36.78 19.99
N THR A 419 -16.58 35.59 20.54
CA THR A 419 -17.65 34.61 20.59
C THR A 419 -18.66 34.94 21.68
N PHE A 420 -19.79 34.28 21.61
CA PHE A 420 -20.85 34.41 22.60
C PHE A 420 -21.50 33.05 22.79
N CYS A 421 -22.05 32.83 23.98
CA CYS A 421 -22.59 31.54 24.38
C CYS A 421 -24.10 31.58 24.61
N PRO A 422 -24.81 30.51 24.22
CA PRO A 422 -26.21 30.34 24.61
C PRO A 422 -26.38 30.33 26.13
N ALA A 423 -27.11 31.30 26.64
CA ALA A 423 -27.21 31.53 28.09
C ALA A 423 -28.08 30.49 28.80
N HIS A 424 -28.90 29.76 28.04
CA HIS A 424 -29.77 28.74 28.65
C HIS A 424 -29.07 27.39 28.87
N LYS A 425 -27.95 27.18 28.19
CA LYS A 425 -27.24 25.90 28.26
C LYS A 425 -26.28 25.83 29.43
N SER A 426 -25.93 24.61 29.80
CA SER A 426 -24.97 24.36 30.86
C SER A 426 -23.60 24.05 30.28
N TYR A 427 -22.57 24.43 31.03
CA TYR A 427 -21.19 24.25 30.62
C TYR A 427 -20.39 23.58 31.72
N ILE A 428 -19.57 22.63 31.29
CA ILE A 428 -18.82 21.77 32.19
C ILE A 428 -17.33 21.95 31.96
N ILE A 429 -16.62 22.29 33.03
CA ILE A 429 -15.17 22.29 33.01
C ILE A 429 -14.65 21.23 33.98
N ALA A 430 -14.14 20.13 33.43
CA ALA A 430 -13.44 19.14 34.23
C ALA A 430 -12.07 19.72 34.57
N GLY A 431 -11.75 19.74 35.86
CA GLY A 431 -10.54 20.45 36.33
C GLY A 431 -10.80 21.94 36.46
N GLY A 432 -12.07 22.29 36.60
CA GLY A 432 -12.51 23.68 36.62
C GLY A 432 -12.04 24.54 37.79
N LEU A 433 -11.57 23.91 38.87
CA LEU A 433 -11.06 24.65 40.03
C LEU A 433 -9.57 24.97 39.91
N GLY A 434 -8.92 24.40 38.89
CA GLY A 434 -7.52 24.65 38.63
C GLY A 434 -7.21 26.06 38.17
N GLY A 435 -5.94 26.30 37.85
CA GLY A 435 -5.45 27.59 37.41
C GLY A 435 -6.09 28.10 36.13
N PHE A 436 -5.98 27.31 35.07
CA PHE A 436 -6.57 27.68 33.78
C PHE A 436 -8.09 27.58 33.89
N GLY A 437 -8.55 26.59 34.65
CA GLY A 437 -9.98 26.33 34.84
C GLY A 437 -10.78 27.50 35.38
N LEU A 438 -10.26 28.18 36.40
CA LEU A 438 -10.96 29.31 36.99
C LEU A 438 -11.03 30.50 36.01
N GLU A 439 -9.96 30.68 35.24
CA GLU A 439 -9.89 31.74 34.23
C GLU A 439 -10.84 31.48 33.07
N LEU A 440 -10.93 30.21 32.67
CA LEU A 440 -11.86 29.78 31.64
C LEU A 440 -13.30 30.01 32.09
N ALA A 441 -13.57 29.72 33.36
CA ALA A 441 -14.88 29.94 33.95
C ALA A 441 -15.28 31.42 33.86
N GLN A 442 -14.37 32.28 34.28
CA GLN A 442 -14.53 33.73 34.14
C GLN A 442 -14.78 34.12 32.68
N TRP A 443 -13.92 33.61 31.81
CA TRP A 443 -14.01 33.87 30.36
C TRP A 443 -15.41 33.51 29.84
N LEU A 444 -15.88 32.32 30.19
CA LEU A 444 -17.18 31.84 29.74
C LEU A 444 -18.32 32.72 30.26
N ILE A 445 -18.23 33.09 31.52
CA ILE A 445 -19.17 34.01 32.15
C ILE A 445 -19.26 35.34 31.39
N GLN A 446 -18.09 35.88 31.00
CA GLN A 446 -18.03 37.13 30.23
C GLN A 446 -18.79 37.02 28.91
N ARG A 447 -18.86 35.80 28.39
CA ARG A 447 -19.50 35.54 27.11
C ARG A 447 -20.93 35.02 27.24
N GLY A 448 -21.48 35.12 28.45
CA GLY A 448 -22.92 34.91 28.66
C GLY A 448 -23.28 33.66 29.44
N VAL A 449 -22.31 32.81 29.73
CA VAL A 449 -22.59 31.58 30.49
C VAL A 449 -23.11 31.90 31.90
N GLN A 450 -24.25 31.30 32.24
CA GLN A 450 -24.89 31.49 33.56
C GLN A 450 -24.95 30.19 34.37
N LYS A 451 -24.57 29.08 33.73
CA LYS A 451 -24.71 27.74 34.30
C LYS A 451 -23.42 26.97 34.10
N LEU A 452 -22.73 26.72 35.22
CA LEU A 452 -21.40 26.11 35.23
C LEU A 452 -21.31 24.94 36.20
N VAL A 453 -20.70 23.84 35.76
CA VAL A 453 -20.32 22.75 36.64
C VAL A 453 -18.81 22.60 36.59
N LEU A 454 -18.18 22.83 37.73
CA LEU A 454 -16.73 22.74 37.87
C LEU A 454 -16.37 21.47 38.61
N THR A 455 -15.67 20.56 37.94
CA THR A 455 -15.32 19.29 38.57
C THR A 455 -13.91 19.25 39.11
N SER A 456 -13.79 18.54 40.23
CA SER A 456 -12.56 18.39 40.98
C SER A 456 -12.73 17.17 41.87
N ARG A 457 -11.70 16.34 41.97
CA ARG A 457 -11.79 15.11 42.74
C ARG A 457 -11.92 15.36 44.25
N SER A 458 -11.26 16.41 44.73
CA SER A 458 -11.25 16.72 46.16
C SER A 458 -11.93 18.05 46.53
N GLY A 459 -12.62 18.66 45.57
CA GLY A 459 -13.42 19.87 45.86
C GLY A 459 -12.56 21.09 46.12
N ILE A 460 -13.16 22.07 46.78
CA ILE A 460 -12.45 23.32 47.09
C ILE A 460 -11.37 23.09 48.15
N ARG A 461 -10.17 23.55 47.84
CA ARG A 461 -9.00 23.39 48.72
C ARG A 461 -8.21 24.68 48.96
N THR A 462 -8.52 25.74 48.22
CA THR A 462 -7.82 27.03 48.42
C THR A 462 -8.77 28.20 48.65
N GLY A 463 -8.21 29.28 49.19
CA GLY A 463 -8.98 30.48 49.52
C GLY A 463 -9.39 31.20 48.26
N TYR A 464 -8.52 31.11 47.26
CA TYR A 464 -8.78 31.73 45.96
C TYR A 464 -9.97 31.06 45.30
N GLN A 465 -9.97 29.74 45.31
CA GLN A 465 -11.08 28.98 44.72
C GLN A 465 -12.39 29.32 45.40
N ALA A 466 -12.37 29.33 46.73
CA ALA A 466 -13.58 29.61 47.51
C ALA A 466 -14.14 31.00 47.19
N LYS A 467 -13.25 31.98 47.13
CA LYS A 467 -13.65 33.37 46.86
C LYS A 467 -14.27 33.53 45.47
N GLN A 468 -13.68 32.90 44.46
CA GLN A 468 -14.15 33.05 43.08
C GLN A 468 -15.56 32.47 42.91
N VAL A 469 -15.79 31.31 43.53
CA VAL A 469 -17.07 30.64 43.45
C VAL A 469 -18.17 31.47 44.11
N ARG A 470 -17.87 31.98 45.31
CA ARG A 470 -18.84 32.77 46.08
C ARG A 470 -19.21 34.05 45.34
N ARG A 471 -18.20 34.70 44.77
CA ARG A 471 -18.35 35.95 44.03
C ARG A 471 -19.22 35.77 42.78
N TRP A 472 -18.96 34.69 42.04
CA TRP A 472 -19.72 34.37 40.84
C TRP A 472 -21.19 34.11 41.17
N ARG A 473 -21.42 33.41 42.28
CA ARG A 473 -22.79 33.10 42.74
C ARG A 473 -23.53 34.39 43.13
N ARG A 474 -22.81 35.30 43.78
CA ARG A 474 -23.35 36.61 44.13
C ARG A 474 -23.78 37.37 42.89
N GLN A 475 -23.00 37.22 41.83
CA GLN A 475 -23.28 37.89 40.55
C GLN A 475 -24.43 37.26 39.76
N GLY A 476 -24.99 36.17 40.29
CA GLY A 476 -26.15 35.52 39.67
C GLY A 476 -25.83 34.28 38.83
N VAL A 477 -24.56 33.91 38.77
CA VAL A 477 -24.14 32.72 38.02
C VAL A 477 -24.37 31.46 38.86
N GLN A 478 -25.03 30.47 38.26
CA GLN A 478 -25.18 29.17 38.88
C GLN A 478 -23.90 28.38 38.70
N VAL A 479 -23.17 28.23 39.81
CA VAL A 479 -21.90 27.51 39.81
C VAL A 479 -21.97 26.31 40.73
N GLN A 480 -21.83 25.13 40.13
CA GLN A 480 -21.86 23.88 40.88
C GLN A 480 -20.46 23.30 40.95
N VAL A 481 -20.00 23.02 42.16
CA VAL A 481 -18.72 22.35 42.36
C VAL A 481 -18.98 20.86 42.53
N SER A 482 -18.54 20.08 41.56
CA SER A 482 -18.80 18.63 41.52
C SER A 482 -17.55 17.77 41.76
N THR A 483 -17.77 16.62 42.38
CA THR A 483 -16.72 15.61 42.58
C THR A 483 -16.91 14.41 41.65
N SER A 484 -17.88 14.50 40.74
CA SER A 484 -18.09 13.43 39.75
C SER A 484 -16.83 13.30 38.88
N ASN A 485 -16.32 12.07 38.77
CA ASN A 485 -15.03 11.79 38.12
C ASN A 485 -15.19 11.20 36.71
N ILE A 486 -14.78 11.99 35.72
CA ILE A 486 -14.86 11.58 34.32
C ILE A 486 -13.94 10.40 33.95
N SER A 487 -13.02 10.04 34.85
CA SER A 487 -12.16 8.85 34.66
C SER A 487 -12.96 7.56 34.55
N SER A 488 -14.17 7.55 35.11
CA SER A 488 -15.10 6.43 34.92
C SER A 488 -16.37 6.85 34.18
N LEU A 489 -16.97 5.86 33.52
CA LEU A 489 -18.18 6.05 32.72
C LEU A 489 -19.31 6.50 33.63
N GLU A 490 -19.39 5.86 34.80
CA GLU A 490 -20.39 6.16 35.82
C GLU A 490 -20.28 7.61 36.28
N GLY A 491 -19.06 8.03 36.60
CA GLY A 491 -18.80 9.40 37.02
C GLY A 491 -19.10 10.41 35.91
N ALA A 492 -18.75 10.05 34.69
CA ALA A 492 -19.05 10.89 33.52
C ALA A 492 -20.56 11.07 33.34
N ARG A 493 -21.31 10.00 33.59
CA ARG A 493 -22.77 10.01 33.43
C ARG A 493 -23.45 10.86 34.48
N GLY A 494 -22.97 10.74 35.71
CA GLY A 494 -23.50 11.55 36.82
C GLY A 494 -23.20 13.02 36.63
N LEU A 495 -22.02 13.31 36.11
CA LEU A 495 -21.59 14.69 35.90
C LEU A 495 -22.53 15.39 34.92
N ILE A 496 -22.80 14.71 33.80
CA ILE A 496 -23.70 15.23 32.77
C ILE A 496 -25.12 15.41 33.36
N ALA A 497 -25.56 14.44 34.16
CA ALA A 497 -26.86 14.53 34.84
C ALA A 497 -26.94 15.77 35.72
N GLU A 498 -25.88 16.02 36.49
CA GLU A 498 -25.80 17.19 37.37
C GLU A 498 -25.92 18.49 36.55
N ALA A 499 -25.20 18.53 35.43
CA ALA A 499 -25.24 19.68 34.52
C ALA A 499 -26.61 19.83 33.85
N ALA A 500 -27.20 18.70 33.46
CA ALA A 500 -28.50 18.66 32.76
C ALA A 500 -29.64 19.27 33.58
N GLN A 501 -29.48 19.26 34.90
CA GLN A 501 -30.47 19.84 35.82
CA GLN A 501 -30.46 19.84 35.82
C GLN A 501 -30.50 21.36 35.72
N LEU A 502 -29.34 21.96 35.48
CA LEU A 502 -29.23 23.42 35.36
C LEU A 502 -29.76 23.85 33.99
N GLY A 503 -29.47 23.03 33.00
CA GLY A 503 -29.89 23.26 31.63
C GLY A 503 -29.27 22.23 30.72
N PRO A 504 -29.67 22.21 29.44
CA PRO A 504 -29.08 21.27 28.49
C PRO A 504 -27.58 21.56 28.28
N VAL A 505 -26.80 20.50 28.14
CA VAL A 505 -25.35 20.64 28.04
C VAL A 505 -24.95 21.17 26.68
N GLY A 506 -24.38 22.38 26.68
CA GLY A 506 -23.90 23.04 25.47
C GLY A 506 -22.40 22.91 25.25
N GLY A 507 -21.66 22.69 26.33
CA GLY A 507 -20.20 22.62 26.23
C GLY A 507 -19.50 21.84 27.33
N VAL A 508 -18.52 21.03 26.92
CA VAL A 508 -17.62 20.35 27.83
C VAL A 508 -16.15 20.74 27.55
N PHE A 509 -15.42 21.00 28.63
CA PHE A 509 -14.02 21.44 28.56
C PHE A 509 -13.17 20.55 29.44
N ASN A 510 -12.32 19.73 28.85
CA ASN A 510 -11.44 18.86 29.65
C ASN A 510 -10.13 19.51 29.99
N LEU A 511 -10.07 20.13 31.17
CA LEU A 511 -8.81 20.67 31.73
C LEU A 511 -8.28 19.80 32.87
N ALA A 512 -8.80 18.60 33.03
CA ALA A 512 -8.31 17.70 34.08
C ALA A 512 -6.89 17.26 33.76
N VAL A 513 -6.03 17.26 34.78
CA VAL A 513 -4.66 16.79 34.61
C VAL A 513 -4.06 16.25 35.91
N VAL A 514 -3.38 15.12 35.77
CA VAL A 514 -2.55 14.55 36.82
C VAL A 514 -1.16 14.31 36.23
N LEU A 515 -0.12 14.73 36.96
CA LEU A 515 1.25 14.63 36.49
C LEU A 515 2.08 13.58 37.26
N ARG A 516 2.77 12.73 36.51
CA ARG A 516 3.78 11.82 37.05
C ARG A 516 5.09 11.98 36.28
N ASP A 517 5.74 13.12 36.47
CA ASP A 517 6.96 13.44 35.71
C ASP A 517 8.14 12.57 36.10
N GLY A 518 8.88 12.17 35.08
CA GLY A 518 10.15 11.49 35.24
C GLY A 518 10.56 10.83 33.95
N LEU A 519 11.86 10.56 33.81
CA LEU A 519 12.37 9.83 32.66
C LEU A 519 11.78 8.42 32.62
N LEU A 520 11.70 7.84 31.45
CA LEU A 520 11.03 6.55 31.27
C LEU A 520 11.57 5.47 32.22
N GLU A 521 12.87 5.50 32.47
CA GLU A 521 13.54 4.55 33.36
C GLU A 521 12.95 4.53 34.76
N ASN A 522 12.48 5.70 35.21
CA ASN A 522 11.82 5.84 36.52
C ASN A 522 10.31 5.76 36.48
N GLN A 523 9.75 5.38 35.33
CA GLN A 523 8.29 5.28 35.17
C GLN A 523 7.73 3.89 35.49
N THR A 524 6.41 3.83 35.64
CA THR A 524 5.68 2.57 35.82
C THR A 524 4.36 2.59 35.04
N PRO A 525 3.78 1.41 34.77
CA PRO A 525 2.44 1.31 34.18
C PRO A 525 1.38 2.04 35.01
N GLU A 526 1.52 1.96 36.32
CA GLU A 526 0.58 2.62 37.24
C GLU A 526 0.63 4.14 37.04
N PHE A 527 1.83 4.67 36.92
CA PHE A 527 2.02 6.12 36.73
C PHE A 527 1.43 6.55 35.38
N PHE A 528 1.60 5.70 34.38
CA PHE A 528 0.99 5.93 33.07
C PHE A 528 -0.55 5.93 33.17
N GLN A 529 -1.06 5.00 33.98
CA GLN A 529 -2.51 4.90 34.26
C GLN A 529 -3.04 6.15 34.95
N ASP A 530 -2.30 6.64 35.95
CA ASP A 530 -2.71 7.83 36.71
C ASP A 530 -2.81 9.05 35.76
N VAL A 531 -1.79 9.23 34.93
CA VAL A 531 -1.75 10.38 34.01
C VAL A 531 -2.81 10.26 32.91
N CYS A 532 -3.02 9.05 32.42
CA CYS A 532 -4.01 8.83 31.35
C CYS A 532 -5.47 8.88 31.83
N LYS A 533 -5.70 8.63 33.12
CA LYS A 533 -7.09 8.59 33.64
C LYS A 533 -7.89 9.89 33.40
N PRO A 534 -7.37 11.07 33.82
CA PRO A 534 -8.19 12.26 33.58
C PRO A 534 -8.30 12.67 32.11
N LYS A 535 -7.30 12.29 31.32
CA LYS A 535 -7.25 12.72 29.92
C LYS A 535 -7.75 11.69 28.90
N TYR A 536 -7.10 10.54 28.81
CA TYR A 536 -7.47 9.54 27.82
C TYR A 536 -8.85 8.97 28.17
N SER A 537 -8.96 8.40 29.36
CA SER A 537 -10.23 7.82 29.84
C SER A 537 -11.32 8.88 30.03
N GLY A 538 -10.96 10.02 30.59
CA GLY A 538 -11.90 11.11 30.80
C GLY A 538 -12.54 11.55 29.50
N THR A 539 -11.72 11.74 28.48
CA THR A 539 -12.21 12.21 27.17
C THR A 539 -13.00 11.12 26.44
N LEU A 540 -12.55 9.87 26.55
CA LEU A 540 -13.31 8.73 26.00
C LEU A 540 -14.70 8.65 26.65
N ASN A 541 -14.76 8.86 27.95
CA ASN A 541 -16.02 8.78 28.69
C ASN A 541 -16.94 9.94 28.37
N LEU A 542 -16.36 11.14 28.27
CA LEU A 542 -17.11 12.35 27.91
C LEU A 542 -17.63 12.23 26.48
N ASP A 543 -16.79 11.70 25.61
CA ASP A 543 -17.16 11.43 24.23
C ASP A 543 -18.43 10.57 24.19
N ARG A 544 -18.39 9.45 24.91
CA ARG A 544 -19.50 8.49 24.91
C ARG A 544 -20.78 9.05 25.55
N VAL A 545 -20.64 9.68 26.71
CA VAL A 545 -21.80 10.20 27.43
C VAL A 545 -22.47 11.35 26.67
N THR A 546 -21.66 12.24 26.08
CA THR A 546 -22.18 13.39 25.33
C THR A 546 -22.86 12.95 24.05
N ARG A 547 -22.30 11.93 23.41
CA ARG A 547 -22.92 11.30 22.23
C ARG A 547 -24.32 10.79 22.58
N GLU A 548 -24.40 10.08 23.70
CA GLU A 548 -25.62 9.36 24.08
C GLU A 548 -26.70 10.27 24.65
N ALA A 549 -26.28 11.36 25.30
CA ALA A 549 -27.19 12.13 26.16
C ALA A 549 -27.12 13.65 26.02
N CYS A 550 -26.33 14.16 25.07
CA CYS A 550 -26.12 15.61 24.93
C CYS A 550 -26.26 16.06 23.48
N PRO A 551 -27.47 15.99 22.94
CA PRO A 551 -27.70 16.30 21.54
C PRO A 551 -27.59 17.79 21.24
N GLU A 552 -27.64 18.62 22.28
CA GLU A 552 -27.52 20.06 22.11
C GLU A 552 -26.09 20.57 22.39
N LEU A 553 -25.11 19.67 22.34
CA LEU A 553 -23.71 20.04 22.57
C LEU A 553 -23.13 20.82 21.39
N ASP A 554 -22.60 21.99 21.68
CA ASP A 554 -21.95 22.85 20.69
C ASP A 554 -20.43 22.78 20.76
N TYR A 555 -19.91 22.51 21.95
CA TYR A 555 -18.47 22.57 22.20
C TYR A 555 -17.94 21.35 22.95
N PHE A 556 -16.88 20.77 22.39
CA PHE A 556 -16.15 19.65 23.00
C PHE A 556 -14.65 19.97 22.89
N VAL A 557 -14.09 20.42 24.00
CA VAL A 557 -12.73 21.00 23.99
C VAL A 557 -11.80 20.39 25.02
N VAL A 558 -10.63 19.97 24.56
CA VAL A 558 -9.59 19.43 25.44
C VAL A 558 -8.32 20.28 25.37
N PHE A 559 -7.69 20.45 26.52
CA PHE A 559 -6.44 21.22 26.59
C PHE A 559 -5.28 20.23 26.53
N SER A 560 -4.64 20.20 25.36
CA SER A 560 -3.41 19.45 25.14
C SER A 560 -2.25 20.38 25.46
N SER A 561 -1.06 19.96 25.02
CA SER A 561 0.20 20.60 25.39
C SER A 561 1.22 20.47 24.28
N VAL A 562 2.19 21.39 24.30
CA VAL A 562 3.41 21.27 23.49
C VAL A 562 4.24 20.04 23.89
N SER A 563 4.05 19.56 25.11
CA SER A 563 4.68 18.31 25.57
C SER A 563 4.29 17.13 24.68
N CYS A 564 3.05 17.14 24.22
CA CYS A 564 2.59 16.17 23.23
C CYS A 564 3.01 16.61 21.81
N GLY A 565 2.71 17.85 21.46
CA GLY A 565 2.92 18.35 20.10
C GLY A 565 4.36 18.43 19.62
N ARG A 566 5.26 18.74 20.55
CA ARG A 566 6.67 18.93 20.24
C ARG A 566 7.58 17.93 20.95
N GLY A 567 7.21 17.58 22.18
CA GLY A 567 7.98 16.68 23.01
C GLY A 567 8.59 17.37 24.19
N ASN A 568 8.47 16.74 25.36
CA ASN A 568 9.17 17.19 26.56
C ASN A 568 9.75 16.01 27.33
N ALA A 569 11.05 16.08 27.64
CA ALA A 569 11.75 15.01 28.33
C ALA A 569 11.16 14.80 29.73
N GLY A 570 10.90 13.55 30.07
CA GLY A 570 10.38 13.19 31.39
C GLY A 570 8.88 13.32 31.52
N GLN A 571 8.19 13.49 30.39
CA GLN A 571 6.73 13.61 30.40
C GLN A 571 6.07 12.73 29.32
N SER A 572 6.68 11.59 29.03
CA SER A 572 6.18 10.69 27.98
C SER A 572 4.75 10.21 28.23
N ASN A 573 4.41 9.99 29.50
CA ASN A 573 3.06 9.52 29.86
C ASN A 573 2.02 10.60 29.58
N TYR A 574 2.37 11.83 29.94
CA TYR A 574 1.59 13.02 29.69
C TYR A 574 1.50 13.30 28.18
N GLY A 575 2.61 13.06 27.49
CA GLY A 575 2.65 13.21 26.05
C GLY A 575 1.67 12.25 25.39
N PHE A 576 1.64 11.03 25.92
CA PHE A 576 0.74 9.97 25.44
C PHE A 576 -0.72 10.34 25.70
N ALA A 577 -1.03 10.68 26.95
CA ALA A 577 -2.41 10.98 27.36
C ALA A 577 -3.01 12.09 26.50
N ASN A 578 -2.27 13.17 26.35
CA ASN A 578 -2.70 14.30 25.53
C ASN A 578 -2.88 13.95 24.07
N SER A 579 -1.95 13.18 23.54
CA SER A 579 -1.99 12.76 22.14
C SER A 579 -3.26 11.96 21.85
N ALA A 580 -3.63 11.08 22.77
CA ALA A 580 -4.84 10.27 22.66
C ALA A 580 -6.11 11.12 22.58
N MET A 581 -6.16 12.19 23.37
CA MET A 581 -7.31 13.13 23.37
C MET A 581 -7.47 13.79 22.01
N GLU A 582 -6.35 14.12 21.40
CA GLU A 582 -6.34 14.73 20.07
C GLU A 582 -6.95 13.77 19.06
N ARG A 583 -6.53 12.51 19.12
CA ARG A 583 -7.03 11.47 18.21
C ARG A 583 -8.54 11.33 18.31
N ILE A 584 -9.06 11.44 19.54
CA ILE A 584 -10.49 11.32 19.82
C ILE A 584 -11.27 12.48 19.19
N CYS A 585 -10.75 13.70 19.39
CA CYS A 585 -11.37 14.89 18.83
C CYS A 585 -11.47 14.81 17.31
N GLU A 586 -10.43 14.27 16.68
CA GLU A 586 -10.38 14.10 15.24
C GLU A 586 -11.49 13.16 14.75
N LYS A 587 -11.67 12.05 15.47
CA LYS A 587 -12.69 11.04 15.12
C LYS A 587 -14.09 11.64 15.23
N ARG A 588 -14.29 12.41 16.30
CA ARG A 588 -15.57 13.09 16.55
C ARG A 588 -15.91 14.04 15.41
N ARG A 589 -14.94 14.86 15.02
CA ARG A 589 -15.12 15.87 13.98
C ARG A 589 -15.42 15.24 12.63
N HIS A 590 -14.80 14.10 12.38
CA HIS A 590 -15.06 13.33 11.17
C HIS A 590 -16.53 12.91 11.11
N GLU A 591 -17.08 12.59 12.27
CA GLU A 591 -18.50 12.21 12.40
C GLU A 591 -19.42 13.43 12.54
N GLY A 592 -18.88 14.64 12.40
CA GLY A 592 -19.68 15.86 12.47
C GLY A 592 -20.04 16.32 13.88
N LEU A 593 -19.40 15.71 14.89
CA LEU A 593 -19.55 16.13 16.30
C LEU A 593 -18.56 17.26 16.63
N PRO A 594 -18.89 18.12 17.60
CA PRO A 594 -17.85 19.08 17.99
C PRO A 594 -16.62 18.37 18.57
N GLY A 595 -15.45 18.93 18.28
CA GLY A 595 -14.19 18.39 18.75
C GLY A 595 -13.07 19.38 18.52
N LEU A 596 -12.36 19.73 19.58
CA LEU A 596 -11.24 20.65 19.48
C LEU A 596 -10.21 20.35 20.55
N ALA A 597 -8.98 20.13 20.10
CA ALA A 597 -7.82 19.99 20.96
C ALA A 597 -6.89 21.20 20.77
N VAL A 598 -6.53 21.83 21.88
CA VAL A 598 -5.62 22.95 21.86
C VAL A 598 -4.29 22.57 22.53
N GLN A 599 -3.22 22.58 21.74
CA GLN A 599 -1.87 22.36 22.26
C GLN A 599 -1.32 23.67 22.79
N TRP A 600 -1.36 23.81 24.11
CA TRP A 600 -0.84 25.00 24.76
C TRP A 600 0.63 24.83 25.07
N GLY A 601 1.38 25.89 24.87
CA GLY A 601 2.71 26.01 25.45
C GLY A 601 2.58 26.36 26.92
N ALA A 602 3.70 26.72 27.53
CA ALA A 602 3.71 27.22 28.91
C ALA A 602 2.64 28.30 29.12
N ILE A 603 1.90 28.18 30.22
CA ILE A 603 0.85 29.13 30.59
C ILE A 603 1.37 29.99 31.75
N GLY A 604 1.20 31.31 31.61
CA GLY A 604 1.58 32.25 32.66
C GLY A 604 0.48 32.53 33.66
N ASP A 605 0.84 33.28 34.70
CA ASP A 605 -0.11 33.87 35.67
C ASP A 605 -0.73 32.85 36.63
N VAL A 606 -1.28 31.78 36.05
CA VAL A 606 -1.89 30.70 36.82
C VAL A 606 -1.52 29.34 36.22
N GLY A 607 -1.79 28.27 36.98
CA GLY A 607 -1.61 26.90 36.50
C GLY A 607 -0.47 26.11 37.14
N ILE A 608 -0.35 24.84 36.74
CA ILE A 608 0.68 23.92 37.26
C ILE A 608 2.09 24.48 37.13
N LEU A 609 2.41 24.95 35.94
CA LEU A 609 3.76 25.44 35.59
C LEU A 609 4.16 26.65 36.43
N VAL A 610 3.26 27.63 36.55
CA VAL A 610 3.56 28.83 37.34
C VAL A 610 3.76 28.44 38.80
N GLU A 611 2.91 27.53 39.28
CA GLU A 611 3.07 26.91 40.59
C GLU A 611 4.16 25.84 40.54
N THR A 615 8.33 33.48 37.40
CA THR A 615 7.41 32.49 36.85
C THR A 615 7.05 32.87 35.40
N ASN A 616 6.44 34.05 35.24
CA ASN A 616 6.06 34.57 33.91
C ASN A 616 7.29 34.97 33.09
N ASP A 617 8.37 35.36 33.78
CA ASP A 617 9.63 35.68 33.13
C ASP A 617 10.57 34.45 32.96
N THR A 618 10.09 33.27 33.36
CA THR A 618 10.88 32.03 33.29
C THR A 618 10.83 31.39 31.90
N ILE A 619 11.95 31.46 31.19
CA ILE A 619 12.06 30.89 29.85
C ILE A 619 12.14 29.36 29.95
N VAL A 620 11.27 28.68 29.21
CA VAL A 620 11.30 27.22 29.10
C VAL A 620 11.48 26.79 27.63
N SER A 621 12.56 26.05 27.36
CA SER A 621 12.85 25.53 26.02
C SER A 621 12.70 26.62 24.96
N GLY A 622 13.28 27.77 25.25
CA GLY A 622 13.28 28.92 24.33
C GLY A 622 11.92 29.57 24.16
N THR A 623 10.98 29.24 25.05
CA THR A 623 9.64 29.83 25.01
C THR A 623 9.32 30.56 26.31
N LEU A 624 8.39 31.51 26.20
CA LEU A 624 7.90 32.27 27.36
C LEU A 624 6.50 31.78 27.74
N PRO A 625 6.16 31.79 29.03
CA PRO A 625 4.78 31.51 29.43
C PRO A 625 3.80 32.51 28.83
N GLN A 626 2.74 32.00 28.23
CA GLN A 626 1.74 32.84 27.60
C GLN A 626 0.83 33.47 28.65
N ARG A 627 0.81 34.79 28.71
CA ARG A 627 -0.06 35.52 29.63
C ARG A 627 -1.50 35.10 29.41
N MET A 628 -2.24 34.94 30.51
CA MET A 628 -3.60 34.47 30.44
C MET A 628 -4.45 35.32 29.50
N ALA A 629 -4.26 36.62 29.53
CA ALA A 629 -4.99 37.54 28.64
C ALA A 629 -4.77 37.16 27.16
N SER A 630 -3.54 36.82 26.81
CA SER A 630 -3.22 36.34 25.46
C SER A 630 -3.89 34.99 25.17
N CYS A 631 -3.88 34.12 26.18
CA CYS A 631 -4.49 32.80 26.05
C CYS A 631 -6.01 32.89 25.78
N LEU A 632 -6.65 33.83 26.45
CA LEU A 632 -8.10 33.98 26.36
C LEU A 632 -8.53 34.62 25.02
N GLU A 633 -7.70 35.50 24.49
CA GLU A 633 -7.94 36.05 23.13
C GLU A 633 -7.76 34.97 22.06
N VAL A 634 -6.75 34.12 22.23
CA VAL A 634 -6.49 33.03 21.30
C VAL A 634 -7.63 32.03 21.30
N LEU A 635 -8.23 31.82 22.47
CA LEU A 635 -9.31 30.86 22.62
C LEU A 635 -10.55 31.31 21.81
N ASP A 636 -10.84 32.60 21.84
CA ASP A 636 -11.93 33.19 21.03
C ASP A 636 -11.74 32.81 19.57
N LEU A 637 -10.53 33.03 19.08
CA LEU A 637 -10.17 32.69 17.70
C LEU A 637 -10.29 31.19 17.44
N PHE A 638 -9.78 30.40 18.37
CA PHE A 638 -9.73 28.94 18.24
C PHE A 638 -11.12 28.30 18.26
N LEU A 639 -12.00 28.81 19.12
CA LEU A 639 -13.40 28.33 19.17
C LEU A 639 -14.15 28.67 17.89
N ASN A 640 -13.71 29.71 17.20
CA ASN A 640 -14.28 30.12 15.90
C ASN A 640 -13.55 29.50 14.70
N GLN A 641 -13.03 28.28 14.87
CA GLN A 641 -12.13 27.65 13.90
C GLN A 641 -12.61 26.28 13.42
N PRO A 642 -12.48 26.00 12.11
CA PRO A 642 -12.89 24.70 11.56
C PRO A 642 -11.90 23.56 11.88
N HIS A 643 -10.64 23.91 12.13
CA HIS A 643 -9.60 22.89 12.34
C HIS A 643 -9.72 22.12 13.64
N MET A 644 -9.28 20.87 13.62
CA MET A 644 -9.50 19.91 14.71
C MET A 644 -8.52 20.03 15.86
N VAL A 645 -7.25 20.28 15.53
CA VAL A 645 -6.20 20.42 16.53
C VAL A 645 -5.39 21.69 16.28
N LEU A 646 -5.31 22.53 17.30
CA LEU A 646 -4.62 23.82 17.19
C LEU A 646 -3.50 23.92 18.20
N SER A 647 -2.65 24.94 18.00
CA SER A 647 -1.45 25.14 18.79
C SER A 647 -1.18 26.63 19.00
N SER A 648 -0.78 26.96 20.22
CA SER A 648 -0.42 28.32 20.62
C SER A 648 0.77 28.32 21.57
N PHE A 649 1.83 29.01 21.20
CA PHE A 649 2.95 29.25 22.12
C PHE A 649 3.63 30.57 21.85
N VAL A 650 4.42 31.00 22.82
CA VAL A 650 5.12 32.27 22.73
C VAL A 650 6.63 32.05 22.71
N LEU A 651 7.25 32.61 21.68
CA LEU A 651 8.68 32.52 21.46
C LEU A 651 9.44 33.55 22.30
N ALA A 652 10.54 33.11 22.91
CA ALA A 652 11.46 34.05 23.56
C ALA A 652 12.31 34.68 22.46
N GLU A 653 12.38 36.01 22.44
CA GLU A 653 13.17 36.72 21.42
C GLU A 653 14.66 36.43 21.54
N GLN B 2 -6.27 4.28 -12.99
CA GLN B 2 -6.57 2.82 -13.06
C GLN B 2 -5.75 2.09 -12.02
N VAL B 3 -6.36 1.06 -11.43
CA VAL B 3 -5.69 0.17 -10.49
C VAL B 3 -5.73 -1.25 -11.07
N PRO B 4 -4.60 -1.72 -11.64
CA PRO B 4 -4.62 -3.00 -12.31
C PRO B 4 -4.58 -4.17 -11.32
N ILE B 5 -5.03 -5.33 -11.78
CA ILE B 5 -4.88 -6.56 -11.02
C ILE B 5 -3.55 -7.17 -11.42
N LEU B 6 -2.64 -7.26 -10.45
CA LEU B 6 -1.27 -7.72 -10.70
C LEU B 6 -1.09 -9.08 -10.09
N GLU B 7 -0.73 -10.02 -10.94
CA GLU B 7 -0.60 -11.41 -10.53
C GLU B 7 0.69 -12.07 -11.01
N LYS B 8 1.13 -13.06 -10.25
CA LYS B 8 2.15 -14.01 -10.70
C LYS B 8 1.48 -15.27 -11.23
N PHE B 9 2.13 -15.90 -12.20
CA PHE B 9 1.63 -17.09 -12.87
C PHE B 9 2.62 -18.22 -12.60
N CYS B 10 2.20 -19.20 -11.79
CA CYS B 10 3.13 -20.21 -11.28
C CYS B 10 2.66 -21.64 -11.49
N PHE B 11 3.62 -22.52 -11.75
CA PHE B 11 3.34 -23.94 -11.75
C PHE B 11 2.92 -24.31 -10.35
N THR B 12 1.76 -24.93 -10.24
CA THR B 12 1.19 -25.28 -8.95
C THR B 12 0.86 -26.77 -8.88
N PRO B 13 1.60 -27.52 -8.04
CA PRO B 13 1.27 -28.93 -7.88
C PRO B 13 -0.15 -29.12 -7.37
N HIS B 14 -0.82 -30.16 -7.85
CA HIS B 14 -2.14 -30.53 -7.36
C HIS B 14 -2.06 -30.78 -5.87
N THR B 15 -1.04 -31.54 -5.48
CA THR B 15 -0.78 -31.85 -4.07
C THR B 15 0.31 -30.97 -3.47
N GLU B 16 -0.04 -30.22 -2.44
CA GLU B 16 0.90 -29.41 -1.66
C GLU B 16 0.76 -29.70 -0.16
N GLU B 17 1.91 -29.85 0.50
CA GLU B 17 1.96 -30.11 1.92
C GLU B 17 2.86 -29.09 2.58
N GLY B 18 2.77 -29.01 3.91
CA GLY B 18 3.51 -28.03 4.68
C GLY B 18 3.13 -26.59 4.39
N CYS B 19 1.91 -26.37 3.91
CA CYS B 19 1.43 -25.03 3.62
C CYS B 19 1.37 -24.15 4.87
N LEU B 20 1.58 -22.86 4.66
CA LEU B 20 1.54 -21.83 5.70
C LEU B 20 2.74 -21.88 6.65
N SER B 21 3.75 -22.68 6.33
CA SER B 21 4.94 -22.83 7.18
C SER B 21 5.72 -21.53 7.38
N GLU B 22 5.71 -20.66 6.37
CA GLU B 22 6.41 -19.37 6.43
C GLU B 22 5.76 -18.39 7.40
N ARG B 23 4.50 -18.62 7.73
CA ARG B 23 3.72 -17.69 8.55
C ARG B 23 4.03 -17.86 10.03
N ALA B 24 4.77 -16.90 10.58
CA ALA B 24 5.26 -16.94 11.96
C ALA B 24 4.12 -16.91 12.99
N ALA B 25 3.09 -16.12 12.71
CA ALA B 25 1.95 -15.95 13.62
C ALA B 25 1.26 -17.29 13.93
N LEU B 26 1.11 -18.12 12.90
CA LEU B 26 0.43 -19.42 13.03
C LEU B 26 1.33 -20.42 13.74
N GLN B 27 2.62 -20.36 13.41
CA GLN B 27 3.62 -21.24 14.02
C GLN B 27 3.72 -20.92 15.52
N GLU B 28 3.64 -19.62 15.83
CA GLU B 28 3.67 -19.14 17.21
C GLU B 28 2.40 -19.53 17.96
N GLU B 29 1.26 -19.42 17.30
CA GLU B 29 -0.02 -19.76 17.95
C GLU B 29 -0.16 -21.26 18.22
N LEU B 30 0.40 -22.06 17.32
CA LEU B 30 0.36 -23.52 17.45
C LEU B 30 1.15 -24.01 18.65
N GLN B 31 2.35 -23.42 18.82
CA GLN B 31 3.23 -23.74 19.93
C GLN B 31 2.54 -23.46 21.26
N LEU B 32 1.86 -22.31 21.33
CA LEU B 32 1.09 -21.91 22.52
C LEU B 32 -0.04 -22.88 22.80
N CYS B 33 -0.80 -23.22 21.76
CA CYS B 33 -1.93 -24.14 21.90
C CYS B 33 -1.45 -25.52 22.35
N LYS B 34 -0.31 -25.94 21.82
CA LYS B 34 0.31 -27.21 22.23
C LYS B 34 0.69 -27.20 23.71
N GLY B 35 1.23 -26.07 24.16
CA GLY B 35 1.61 -25.92 25.57
C GLY B 35 0.41 -25.94 26.50
N LEU B 36 -0.66 -25.28 26.08
CA LEU B 36 -1.90 -25.21 26.88
C LEU B 36 -2.50 -26.60 27.04
N VAL B 37 -2.54 -27.36 25.94
CA VAL B 37 -3.11 -28.72 25.98
C VAL B 37 -2.25 -29.61 26.86
N GLN B 38 -0.94 -29.41 26.79
CA GLN B 38 0.02 -30.15 27.61
C GLN B 38 -0.24 -29.88 29.08
N ALA B 39 -0.57 -28.62 29.38
CA ALA B 39 -0.88 -28.20 30.75
C ALA B 39 -2.16 -28.86 31.28
N LEU B 40 -3.19 -28.94 30.44
CA LEU B 40 -4.46 -29.56 30.82
C LEU B 40 -4.27 -31.04 31.11
N GLN B 41 -3.51 -31.70 30.23
CA GLN B 41 -3.20 -33.11 30.37
C GLN B 41 -2.33 -33.36 31.61
N THR B 42 -1.38 -32.46 31.84
CA THR B 42 -0.51 -32.49 33.02
C THR B 42 -1.16 -31.72 34.17
N PRO B 65 -2.03 -14.17 18.02
CA PRO B 65 -1.36 -14.18 19.31
C PRO B 65 -2.04 -15.06 20.36
N SER B 66 -1.83 -14.70 21.63
CA SER B 66 -2.39 -15.42 22.77
C SER B 66 -3.86 -15.07 22.96
N GLN B 67 -4.29 -13.96 22.35
CA GLN B 67 -5.65 -13.46 22.45
C GLN B 67 -6.56 -13.97 21.32
N GLN B 68 -6.07 -14.94 20.55
CA GLN B 68 -6.91 -15.58 19.52
C GLN B 68 -7.91 -16.54 20.14
N GLU B 69 -8.94 -16.89 19.37
CA GLU B 69 -10.09 -17.62 19.91
C GLU B 69 -9.73 -19.00 20.47
N LEU B 70 -8.89 -19.74 19.75
CA LEU B 70 -8.50 -21.08 20.20
C LEU B 70 -7.64 -21.07 21.47
N PRO B 71 -6.62 -20.18 21.55
CA PRO B 71 -5.91 -20.13 22.82
C PRO B 71 -6.79 -19.66 23.99
N ARG B 72 -7.62 -18.65 23.75
CA ARG B 72 -8.50 -18.11 24.79
C ARG B 72 -9.41 -19.21 25.32
N LEU B 73 -9.93 -20.02 24.39
CA LEU B 73 -10.81 -21.13 24.74
C LEU B 73 -10.08 -22.16 25.60
N LEU B 74 -8.86 -22.50 25.20
CA LEU B 74 -8.07 -23.51 25.91
C LEU B 74 -7.76 -23.08 27.34
N SER B 75 -7.35 -21.82 27.48
CA SER B 75 -6.97 -21.27 28.77
C SER B 75 -8.16 -21.31 29.71
N ALA B 76 -9.33 -20.98 29.18
CA ALA B 76 -10.58 -21.03 29.94
C ALA B 76 -10.79 -22.43 30.49
N ALA B 77 -10.46 -23.43 29.67
CA ALA B 77 -10.51 -24.82 30.11
C ALA B 77 -9.52 -25.06 31.24
N CYS B 78 -8.34 -24.44 31.12
CA CYS B 78 -7.32 -24.51 32.18
C CYS B 78 -7.85 -23.92 33.49
N ARG B 79 -8.61 -22.83 33.37
CA ARG B 79 -9.24 -22.19 34.52
C ARG B 79 -10.17 -23.15 35.25
N LEU B 80 -10.93 -23.94 34.50
CA LEU B 80 -11.81 -24.95 35.08
C LEU B 80 -11.01 -26.12 35.64
N GLN B 81 -9.84 -26.39 35.05
CA GLN B 81 -8.95 -27.46 35.51
C GLN B 81 -8.49 -27.24 36.95
N ALA B 91 -17.75 -27.46 28.14
CA ALA B 91 -18.97 -27.66 27.36
C ALA B 91 -19.80 -26.38 27.37
N GLN B 92 -20.15 -25.92 28.58
CA GLN B 92 -20.81 -24.64 28.75
C GLN B 92 -19.90 -23.54 28.21
N VAL B 93 -18.60 -23.69 28.48
CA VAL B 93 -17.59 -22.75 27.99
C VAL B 93 -17.42 -22.87 26.48
N LEU B 94 -17.32 -24.11 26.00
CA LEU B 94 -17.08 -24.40 24.59
C LEU B 94 -18.27 -24.03 23.70
N ALA B 95 -19.46 -24.38 24.17
CA ALA B 95 -20.69 -24.14 23.40
C ALA B 95 -20.91 -22.64 23.17
N GLN B 96 -20.61 -21.85 24.19
CA GLN B 96 -20.79 -20.40 24.11
C GLN B 96 -19.88 -19.77 23.05
N GLU B 97 -18.65 -20.25 22.96
CA GLU B 97 -17.62 -19.63 22.10
C GLU B 97 -17.51 -20.22 20.69
N ARG B 98 -18.37 -21.18 20.34
CA ARG B 98 -18.28 -21.89 19.05
C ARG B 98 -18.42 -21.00 17.82
N PRO B 99 -19.38 -20.06 17.81
CA PRO B 99 -19.53 -19.24 16.61
C PRO B 99 -18.31 -18.40 16.29
N LYS B 100 -17.55 -18.03 17.33
CA LYS B 100 -16.32 -17.23 17.17
C LYS B 100 -15.13 -18.07 16.65
N LEU B 101 -15.19 -19.38 16.85
CA LEU B 101 -14.05 -20.29 16.61
C LEU B 101 -13.54 -20.45 15.16
N PRO B 102 -14.43 -20.54 14.15
CA PRO B 102 -13.89 -20.75 12.80
C PRO B 102 -12.94 -19.68 12.31
N GLU B 103 -13.10 -18.46 12.82
CA GLU B 103 -12.28 -17.33 12.40
C GLU B 103 -10.94 -17.26 13.12
N ASP B 104 -10.64 -18.27 13.93
CA ASP B 104 -9.31 -18.41 14.52
C ASP B 104 -8.28 -18.54 13.40
N PRO B 105 -7.12 -17.85 13.50
CA PRO B 105 -6.21 -17.94 12.37
C PRO B 105 -5.76 -19.35 11.98
N LEU B 106 -5.55 -20.23 12.95
CA LEU B 106 -5.16 -21.61 12.64
C LEU B 106 -6.30 -22.35 11.93
N LEU B 107 -7.52 -22.20 12.42
CA LEU B 107 -8.68 -22.88 11.84
C LEU B 107 -9.01 -22.32 10.46
N SER B 108 -8.69 -21.05 10.22
CA SER B 108 -9.00 -20.40 8.94
C SER B 108 -7.77 -20.19 8.05
N GLY B 109 -6.65 -20.79 8.44
CA GLY B 109 -5.35 -20.47 7.82
C GLY B 109 -5.27 -20.75 6.34
N LEU B 110 -5.70 -21.94 5.93
CA LEU B 110 -5.68 -22.32 4.51
C LEU B 110 -6.66 -21.48 3.71
N LEU B 111 -7.76 -21.11 4.35
CA LEU B 111 -8.83 -20.35 3.69
C LEU B 111 -8.36 -18.95 3.29
N ASP B 112 -7.57 -18.33 4.14
CA ASP B 112 -7.00 -17.00 3.85
C ASP B 112 -5.61 -17.13 3.27
N SER B 113 -5.46 -18.11 2.38
CA SER B 113 -4.19 -18.33 1.70
C SER B 113 -4.42 -18.61 0.22
N PRO B 114 -3.34 -18.58 -0.59
CA PRO B 114 -3.44 -18.87 -2.02
C PRO B 114 -3.88 -20.31 -2.35
N ALA B 115 -3.83 -21.21 -1.37
CA ALA B 115 -4.33 -22.57 -1.56
C ALA B 115 -5.83 -22.57 -1.94
N LEU B 116 -6.61 -21.73 -1.27
CA LEU B 116 -8.04 -21.64 -1.54
C LEU B 116 -8.30 -21.18 -2.97
N LYS B 117 -7.63 -20.11 -3.38
CA LYS B 117 -7.75 -19.56 -4.73
C LYS B 117 -7.36 -20.61 -5.78
N ALA B 118 -6.27 -21.32 -5.50
CA ALA B 118 -5.77 -22.37 -6.40
C ALA B 118 -6.84 -23.43 -6.69
N CYS B 119 -7.51 -23.87 -5.64
CA CYS B 119 -8.57 -24.87 -5.75
C CYS B 119 -9.77 -24.34 -6.52
N LEU B 120 -10.19 -23.13 -6.18
CA LEU B 120 -11.34 -22.50 -6.84
C LEU B 120 -11.09 -22.34 -8.34
N ASP B 121 -9.90 -21.85 -8.68
CA ASP B 121 -9.57 -21.57 -10.08
C ASP B 121 -9.47 -22.84 -10.89
N THR B 122 -9.08 -23.93 -10.24
CA THR B 122 -9.05 -25.23 -10.91
C THR B 122 -10.48 -25.62 -11.30
N ALA B 123 -11.40 -25.47 -10.36
CA ALA B 123 -12.83 -25.69 -10.63
C ALA B 123 -13.33 -24.83 -11.81
N VAL B 124 -13.00 -23.55 -11.76
CA VAL B 124 -13.47 -22.58 -12.75
C VAL B 124 -12.98 -22.92 -14.15
N GLU B 125 -11.71 -23.29 -14.23
CA GLU B 125 -11.03 -23.67 -15.47
C GLU B 125 -11.66 -24.92 -16.09
N ASN B 126 -12.30 -25.73 -15.26
CA ASN B 126 -12.94 -26.97 -15.72
C ASN B 126 -14.46 -26.87 -15.89
N MET B 127 -15.00 -25.67 -15.85
CA MET B 127 -16.43 -25.45 -16.12
C MET B 127 -16.67 -25.49 -17.63
N PRO B 128 -17.83 -26.01 -18.05
CA PRO B 128 -18.14 -26.06 -19.48
C PRO B 128 -18.49 -24.68 -20.01
N SER B 129 -18.91 -23.78 -19.12
CA SER B 129 -19.20 -22.39 -19.49
C SER B 129 -18.62 -21.38 -18.49
N LEU B 130 -19.00 -20.12 -18.67
CA LEU B 130 -18.56 -19.01 -17.81
C LEU B 130 -19.42 -18.87 -16.57
N LYS B 131 -20.47 -19.69 -16.48
CA LYS B 131 -21.34 -19.72 -15.32
C LYS B 131 -20.85 -20.76 -14.33
N MET B 132 -20.85 -20.40 -13.04
CA MET B 132 -20.59 -21.37 -11.98
C MET B 132 -21.65 -21.26 -10.88
N LYS B 133 -22.44 -22.31 -10.76
CA LYS B 133 -23.42 -22.44 -9.68
C LYS B 133 -22.76 -23.03 -8.42
N VAL B 134 -22.68 -22.22 -7.38
CA VAL B 134 -22.02 -22.63 -6.13
C VAL B 134 -22.99 -22.73 -4.94
N VAL B 135 -22.91 -23.85 -4.23
CA VAL B 135 -23.70 -24.06 -3.01
C VAL B 135 -22.81 -24.37 -1.79
N GLU B 136 -22.90 -23.53 -0.78
CA GLU B 136 -22.15 -23.76 0.47
C GLU B 136 -22.97 -24.54 1.50
N VAL B 137 -22.42 -25.68 1.91
CA VAL B 137 -23.01 -26.50 2.97
C VAL B 137 -22.50 -26.04 4.33
N LEU B 138 -23.44 -25.93 5.28
CA LEU B 138 -23.16 -25.51 6.67
C LEU B 138 -22.43 -24.17 6.77
N ALA B 139 -23.01 -23.17 6.09
CA ALA B 139 -22.41 -21.84 5.99
C ALA B 139 -22.33 -21.11 7.33
N GLY B 140 -23.25 -21.42 8.25
CA GLY B 140 -23.32 -20.76 9.56
C GLY B 140 -21.97 -20.72 10.27
N HIS B 141 -21.30 -21.87 10.31
CA HIS B 141 -19.99 -21.97 10.95
C HIS B 141 -18.85 -22.16 9.94
N GLY B 142 -19.19 -22.27 8.66
CA GLY B 142 -18.21 -22.48 7.59
C GLY B 142 -17.53 -21.21 7.11
N HIS B 143 -18.33 -20.16 6.92
CA HIS B 143 -17.84 -18.81 6.64
C HIS B 143 -17.14 -18.66 5.28
N LEU B 144 -17.43 -19.54 4.33
CA LEU B 144 -16.79 -19.47 3.01
C LEU B 144 -17.37 -18.36 2.13
N TYR B 145 -18.59 -17.92 2.45
CA TYR B 145 -19.23 -16.77 1.80
C TYR B 145 -18.43 -15.47 1.93
N SER B 146 -17.65 -15.38 3.01
CA SER B 146 -16.80 -14.19 3.26
C SER B 146 -15.46 -14.25 2.54
N ARG B 147 -15.28 -15.25 1.66
CA ARG B 147 -14.01 -15.44 0.94
C ARG B 147 -14.18 -15.76 -0.54
N ILE B 148 -15.03 -16.73 -0.85
CA ILE B 148 -15.13 -17.27 -2.22
C ILE B 148 -15.67 -16.27 -3.25
N PRO B 149 -16.84 -15.63 -3.01
CA PRO B 149 -17.29 -14.59 -3.93
C PRO B 149 -16.24 -13.51 -4.15
N GLY B 150 -15.62 -13.05 -3.07
CA GLY B 150 -14.62 -11.99 -3.12
C GLY B 150 -13.35 -12.38 -3.87
N LEU B 151 -12.99 -13.65 -3.79
CA LEU B 151 -11.82 -14.16 -4.49
C LEU B 151 -12.09 -14.27 -6.00
N LEU B 152 -13.34 -14.56 -6.34
CA LEU B 152 -13.74 -14.76 -7.75
C LEU B 152 -14.26 -13.48 -8.39
N SER B 153 -14.52 -12.45 -7.59
CA SER B 153 -15.13 -11.20 -8.08
C SER B 153 -14.28 -10.43 -9.09
N PRO B 154 -12.93 -10.46 -8.96
CA PRO B 154 -12.05 -9.79 -9.92
C PRO B 154 -11.98 -10.47 -11.29
N HIS B 155 -12.58 -11.65 -11.38
CA HIS B 155 -12.71 -12.35 -12.66
C HIS B 155 -13.70 -11.54 -13.51
N PRO B 156 -13.28 -11.09 -14.69
CA PRO B 156 -14.09 -10.19 -15.50
C PRO B 156 -15.25 -10.85 -16.24
N LEU B 157 -15.14 -12.15 -16.51
CA LEU B 157 -16.16 -12.87 -17.29
C LEU B 157 -17.07 -13.76 -16.46
N LEU B 158 -16.55 -14.23 -15.31
CA LEU B 158 -17.23 -15.27 -14.52
C LEU B 158 -18.58 -14.82 -13.95
N GLN B 159 -19.61 -15.59 -14.27
CA GLN B 159 -20.96 -15.41 -13.75
C GLN B 159 -21.19 -16.33 -12.52
N LEU B 160 -21.10 -15.74 -11.34
CA LEU B 160 -21.17 -16.50 -10.09
C LEU B 160 -22.57 -16.51 -9.48
N SER B 161 -23.11 -17.71 -9.29
CA SER B 161 -24.32 -17.91 -8.50
C SER B 161 -23.98 -18.61 -7.19
N TYR B 162 -24.04 -17.87 -6.08
CA TYR B 162 -23.63 -18.41 -4.78
C TYR B 162 -24.77 -18.45 -3.75
N THR B 163 -25.04 -19.65 -3.24
CA THR B 163 -26.05 -19.85 -2.21
C THR B 163 -25.42 -20.38 -0.91
N ALA B 164 -25.47 -19.55 0.14
CA ALA B 164 -25.11 -19.97 1.48
C ALA B 164 -26.28 -20.73 2.12
N THR B 165 -26.05 -21.98 2.52
CA THR B 165 -27.08 -22.78 3.17
C THR B 165 -26.66 -23.31 4.55
N ASP B 166 -27.66 -23.71 5.32
CA ASP B 166 -27.45 -24.32 6.64
C ASP B 166 -28.73 -25.05 7.09
N ARG B 167 -28.63 -25.79 8.19
CA ARG B 167 -29.77 -26.56 8.72
C ARG B 167 -30.82 -25.64 9.38
N HIS B 168 -30.34 -24.57 10.01
CA HIS B 168 -31.22 -23.59 10.68
C HIS B 168 -31.09 -22.19 10.08
N PRO B 169 -32.22 -21.47 9.93
CA PRO B 169 -32.19 -20.11 9.40
C PRO B 169 -31.44 -19.17 10.33
N GLN B 170 -31.56 -19.45 11.62
CA GLN B 170 -30.90 -18.68 12.68
C GLN B 170 -29.39 -18.68 12.53
N ALA B 171 -28.85 -19.74 11.93
CA ALA B 171 -27.40 -19.92 11.78
C ALA B 171 -26.73 -18.81 10.98
N LEU B 172 -27.46 -18.22 10.04
CA LEU B 172 -26.91 -17.21 9.12
C LEU B 172 -27.29 -15.76 9.47
N GLU B 173 -27.85 -15.56 10.67
CA GLU B 173 -28.38 -14.26 11.08
C GLU B 173 -27.31 -13.18 11.18
N ALA B 174 -26.17 -13.53 11.78
CA ALA B 174 -25.09 -12.57 12.04
C ALA B 174 -24.32 -12.22 10.78
N ALA B 175 -24.48 -13.02 9.73
CA ALA B 175 -23.74 -12.86 8.47
C ALA B 175 -24.52 -12.11 7.39
N GLN B 176 -25.72 -11.64 7.70
CA GLN B 176 -26.62 -11.07 6.68
C GLN B 176 -26.00 -9.87 5.97
N ALA B 177 -25.34 -9.02 6.74
CA ALA B 177 -24.65 -7.84 6.20
C ALA B 177 -23.58 -8.25 5.19
N GLU B 178 -22.83 -9.30 5.52
CA GLU B 178 -21.79 -9.84 4.65
C GLU B 178 -22.41 -10.48 3.40
N LEU B 179 -23.50 -11.22 3.61
CA LEU B 179 -24.17 -11.93 2.52
C LEU B 179 -24.77 -10.95 1.51
N GLN B 180 -25.35 -9.87 2.04
CA GLN B 180 -25.98 -8.83 1.22
C GLN B 180 -24.96 -8.18 0.27
N GLN B 181 -23.81 -7.79 0.82
CA GLN B 181 -22.75 -7.14 0.03
C GLN B 181 -22.34 -7.99 -1.16
N HIS B 182 -22.18 -9.29 -0.92
CA HIS B 182 -21.62 -10.20 -1.93
C HIS B 182 -22.68 -10.84 -2.85
N ASP B 183 -23.93 -10.41 -2.68
CA ASP B 183 -25.06 -10.91 -3.48
C ASP B 183 -25.27 -12.41 -3.28
N VAL B 184 -24.97 -12.89 -2.08
CA VAL B 184 -25.11 -14.31 -1.75
C VAL B 184 -26.56 -14.65 -1.42
N ALA B 185 -27.14 -15.59 -2.17
CA ALA B 185 -28.48 -16.09 -1.89
C ALA B 185 -28.43 -16.98 -0.65
N GLN B 186 -29.60 -17.31 -0.14
CA GLN B 186 -29.73 -18.09 1.10
C GLN B 186 -30.68 -19.28 0.91
N GLY B 187 -30.43 -20.33 1.70
CA GLY B 187 -31.19 -21.58 1.58
C GLY B 187 -31.14 -22.41 2.85
N GLN B 188 -32.14 -23.28 3.00
CA GLN B 188 -32.18 -24.22 4.12
C GLN B 188 -31.83 -25.61 3.63
N TRP B 189 -30.79 -26.19 4.22
CA TRP B 189 -30.37 -27.54 3.87
C TRP B 189 -29.55 -28.19 4.96
N ASP B 190 -30.10 -29.27 5.51
CA ASP B 190 -29.36 -30.16 6.40
C ASP B 190 -28.81 -31.30 5.55
N PRO B 191 -27.47 -31.40 5.44
CA PRO B 191 -26.83 -32.34 4.51
C PRO B 191 -27.11 -33.81 4.81
N ALA B 192 -27.62 -34.09 6.01
CA ALA B 192 -28.13 -35.42 6.34
C ALA B 192 -29.26 -35.83 5.39
N ASP B 193 -29.94 -34.84 4.81
CA ASP B 193 -31.03 -35.06 3.85
C ASP B 193 -30.57 -34.77 2.42
N PRO B 194 -31.30 -35.29 1.42
CA PRO B 194 -31.06 -34.84 0.05
C PRO B 194 -31.30 -33.35 -0.11
N ALA B 195 -30.63 -32.76 -1.09
CA ALA B 195 -30.74 -31.32 -1.33
C ALA B 195 -32.13 -30.97 -1.85
N PRO B 196 -32.63 -29.76 -1.53
CA PRO B 196 -33.80 -29.24 -2.23
C PRO B 196 -33.54 -29.15 -3.72
N SER B 197 -34.58 -29.22 -4.53
CA SER B 197 -34.45 -29.23 -6.00
C SER B 197 -33.71 -28.00 -6.52
N ALA B 198 -33.98 -26.85 -5.90
CA ALA B 198 -33.41 -25.58 -6.33
C ALA B 198 -31.89 -25.55 -6.28
N LEU B 199 -31.30 -26.34 -5.37
CA LEU B 199 -29.85 -26.30 -5.12
C LEU B 199 -29.09 -27.33 -5.97
N GLY B 200 -29.82 -28.15 -6.71
CA GLY B 200 -29.23 -29.24 -7.48
C GLY B 200 -28.59 -28.82 -8.79
N SER B 201 -27.97 -29.78 -9.45
CA SER B 201 -27.19 -29.55 -10.67
C SER B 201 -26.12 -28.48 -10.44
N ALA B 202 -25.61 -28.40 -9.21
CA ALA B 202 -24.57 -27.45 -8.86
C ALA B 202 -23.24 -27.83 -9.51
N ASP B 203 -22.45 -26.81 -9.82
CA ASP B 203 -21.13 -26.98 -10.42
C ASP B 203 -20.07 -27.15 -9.34
N LEU B 204 -20.27 -26.46 -8.23
CA LEU B 204 -19.32 -26.48 -7.12
C LEU B 204 -20.05 -26.47 -5.78
N LEU B 205 -19.78 -27.50 -4.98
CA LEU B 205 -20.19 -27.52 -3.57
C LEU B 205 -18.99 -27.30 -2.67
N VAL B 206 -19.13 -26.36 -1.74
CA VAL B 206 -18.08 -26.03 -0.78
C VAL B 206 -18.55 -26.22 0.66
N CYS B 207 -17.65 -26.71 1.50
CA CYS B 207 -17.94 -26.94 2.91
C CYS B 207 -16.69 -26.78 3.78
N ASN B 208 -16.75 -25.84 4.71
CA ASN B 208 -15.75 -25.74 5.76
C ASN B 208 -16.30 -26.42 6.99
N CYS B 209 -15.88 -27.66 7.20
CA CYS B 209 -16.34 -28.43 8.36
C CYS B 209 -15.21 -28.59 9.39
N ALA B 210 -14.39 -27.54 9.52
CA ALA B 210 -13.37 -27.48 10.56
C ALA B 210 -14.03 -27.39 11.94
N VAL B 211 -15.10 -26.61 12.02
CA VAL B 211 -15.90 -26.45 13.24
C VAL B 211 -17.31 -27.02 13.06
N ALA B 212 -17.92 -26.75 11.91
CA ALA B 212 -19.26 -27.26 11.60
C ALA B 212 -19.26 -28.79 11.48
N ALA B 213 -20.30 -29.41 12.03
CA ALA B 213 -20.43 -30.87 12.05
C ALA B 213 -21.38 -31.38 10.97
N LEU B 214 -20.86 -32.26 10.10
CA LEU B 214 -21.65 -32.86 9.03
C LEU B 214 -22.67 -33.88 9.54
N GLY B 215 -22.45 -34.38 10.76
CA GLY B 215 -23.14 -35.56 11.25
C GLY B 215 -22.46 -36.79 10.67
N ASP B 216 -23.26 -37.79 10.28
CA ASP B 216 -22.72 -38.97 9.63
C ASP B 216 -22.04 -38.57 8.29
N PRO B 217 -20.70 -38.67 8.20
CA PRO B 217 -20.00 -38.14 7.01
C PRO B 217 -20.38 -38.82 5.70
N ALA B 218 -20.52 -40.15 5.74
CA ALA B 218 -20.88 -40.91 4.53
C ALA B 218 -22.22 -40.46 3.95
N SER B 219 -23.21 -40.29 4.82
CA SER B 219 -24.54 -39.84 4.42
C SER B 219 -24.50 -38.41 3.90
N ALA B 220 -23.79 -37.56 4.64
CA ALA B 220 -23.63 -36.15 4.26
C ALA B 220 -23.03 -36.02 2.87
N LEU B 221 -21.88 -36.67 2.67
CA LEU B 221 -21.13 -36.58 1.40
C LEU B 221 -21.92 -37.18 0.24
N SER B 222 -22.68 -38.23 0.53
CA SER B 222 -23.53 -38.87 -0.48
C SER B 222 -24.54 -37.90 -1.05
N ASN B 223 -25.21 -37.17 -0.17
CA ASN B 223 -26.19 -36.16 -0.57
C ASN B 223 -25.54 -34.99 -1.31
N MET B 224 -24.37 -34.59 -0.83
CA MET B 224 -23.60 -33.52 -1.46
C MET B 224 -23.24 -33.86 -2.90
N VAL B 225 -22.78 -35.09 -3.11
CA VAL B 225 -22.45 -35.60 -4.44
C VAL B 225 -23.67 -35.57 -5.37
N ALA B 226 -24.79 -36.02 -4.86
CA ALA B 226 -26.05 -36.06 -5.61
C ALA B 226 -26.45 -34.67 -6.08
N ALA B 227 -26.15 -33.66 -5.26
CA ALA B 227 -26.46 -32.27 -5.56
C ALA B 227 -25.57 -31.69 -6.68
N LEU B 228 -24.45 -32.36 -6.94
CA LEU B 228 -23.53 -31.94 -8.00
C LEU B 228 -23.93 -32.48 -9.37
N ARG B 229 -23.79 -31.65 -10.39
CA ARG B 229 -23.88 -32.11 -11.76
C ARG B 229 -22.72 -33.07 -11.98
N GLU B 230 -22.81 -33.91 -13.00
CA GLU B 230 -21.68 -34.76 -13.35
C GLU B 230 -20.53 -33.86 -13.79
N GLY B 231 -19.33 -34.17 -13.31
CA GLY B 231 -18.15 -33.34 -13.58
C GLY B 231 -17.99 -32.19 -12.60
N GLY B 232 -18.98 -32.01 -11.73
CA GLY B 232 -18.95 -30.97 -10.71
C GLY B 232 -17.90 -31.22 -9.64
N PHE B 233 -17.58 -30.16 -8.90
CA PHE B 233 -16.53 -30.23 -7.88
C PHE B 233 -17.05 -30.13 -6.45
N LEU B 234 -16.36 -30.84 -5.57
CA LEU B 234 -16.54 -30.67 -4.13
C LEU B 234 -15.25 -30.12 -3.53
N LEU B 235 -15.39 -29.05 -2.76
CA LEU B 235 -14.29 -28.45 -2.02
C LEU B 235 -14.56 -28.54 -0.52
N LEU B 236 -13.82 -29.41 0.14
CA LEU B 236 -13.98 -29.61 1.57
C LEU B 236 -12.76 -29.07 2.33
N HIS B 237 -13.03 -28.22 3.31
CA HIS B 237 -12.01 -27.82 4.26
C HIS B 237 -12.29 -28.46 5.63
N THR B 238 -11.24 -29.00 6.23
CA THR B 238 -11.38 -29.74 7.48
C THR B 238 -10.07 -29.84 8.25
N LEU B 239 -10.16 -30.41 9.45
CA LEU B 239 -8.98 -30.67 10.28
C LEU B 239 -8.70 -32.17 10.25
N LEU B 240 -7.42 -32.51 10.17
CA LEU B 240 -7.01 -33.91 10.13
C LEU B 240 -6.66 -34.44 11.53
N ARG B 241 -7.30 -35.54 11.87
CA ARG B 241 -6.92 -36.30 13.06
C ARG B 241 -5.55 -36.95 12.80
N GLY B 242 -4.73 -37.02 13.85
CA GLY B 242 -3.34 -37.47 13.72
C GLY B 242 -2.35 -36.36 13.37
N HIS B 243 -2.83 -35.11 13.38
CA HIS B 243 -1.99 -33.93 13.16
C HIS B 243 -2.29 -32.93 14.30
N PRO B 244 -1.36 -32.00 14.59
CA PRO B 244 -1.51 -31.25 15.83
C PRO B 244 -2.84 -30.54 16.04
N LEU B 245 -3.29 -29.77 15.05
CA LEU B 245 -4.50 -28.96 15.23
C LEU B 245 -5.72 -29.84 15.51
N GLY B 246 -5.86 -30.90 14.73
CA GLY B 246 -7.00 -31.81 14.86
C GLY B 246 -7.01 -32.54 16.18
N ASP B 247 -5.84 -32.97 16.61
CA ASP B 247 -5.68 -33.69 17.89
C ASP B 247 -5.98 -32.75 19.04
N ILE B 248 -5.52 -31.50 18.93
CA ILE B 248 -5.74 -30.48 19.95
C ILE B 248 -7.24 -30.22 20.13
N VAL B 249 -7.94 -30.07 19.00
CA VAL B 249 -9.38 -29.79 19.02
C VAL B 249 -10.19 -30.98 19.52
N ALA B 250 -9.79 -32.18 19.10
CA ALA B 250 -10.50 -33.41 19.46
C ALA B 250 -10.46 -33.65 20.97
N PHE B 251 -9.32 -33.31 21.57
CA PHE B 251 -9.11 -33.40 23.00
C PHE B 251 -10.03 -32.44 23.75
N LEU B 252 -10.09 -31.20 23.24
CA LEU B 252 -10.92 -30.14 23.85
C LEU B 252 -12.41 -30.48 23.81
N THR B 253 -12.86 -31.08 22.71
CA THR B 253 -14.28 -31.40 22.53
C THR B 253 -14.61 -32.78 23.10
N SER B 254 -13.57 -33.46 23.57
CA SER B 254 -13.70 -34.75 24.23
C SER B 254 -13.24 -34.65 25.69
N GLY B 260 -18.46 -42.47 13.30
CA GLY B 260 -17.81 -41.68 12.26
C GLY B 260 -17.97 -40.17 12.37
N GLN B 261 -18.74 -39.69 13.35
CA GLN B 261 -18.87 -38.25 13.60
C GLN B 261 -17.59 -37.75 14.28
N GLY B 262 -17.32 -36.45 14.14
CA GLY B 262 -16.14 -35.83 14.76
C GLY B 262 -14.98 -35.59 13.80
N ILE B 263 -13.79 -35.47 14.37
CA ILE B 263 -12.55 -35.25 13.60
C ILE B 263 -12.04 -36.55 13.03
N LEU B 264 -11.73 -36.53 11.74
CA LEU B 264 -11.31 -37.72 11.00
C LEU B 264 -9.88 -37.66 10.49
N SER B 265 -9.29 -38.84 10.30
CA SER B 265 -7.98 -38.95 9.69
C SER B 265 -8.09 -38.71 8.18
N GLN B 266 -6.95 -38.45 7.57
CA GLN B 266 -6.87 -38.21 6.13
C GLN B 266 -7.30 -39.45 5.35
N ASP B 267 -6.82 -40.60 5.80
CA ASP B 267 -7.16 -41.88 5.17
C ASP B 267 -8.66 -42.12 5.21
N ALA B 268 -9.29 -41.76 6.33
CA ALA B 268 -10.73 -41.91 6.51
C ALA B 268 -11.51 -41.07 5.52
N TRP B 269 -11.08 -39.82 5.36
CA TRP B 269 -11.69 -38.88 4.41
C TRP B 269 -11.57 -39.37 2.97
N GLU B 270 -10.36 -39.81 2.61
CA GLU B 270 -10.10 -40.30 1.26
C GLU B 270 -10.82 -41.61 0.96
N SER B 271 -11.01 -42.41 2.01
CA SER B 271 -11.81 -43.64 1.90
C SER B 271 -13.29 -43.30 1.69
N LEU B 272 -13.76 -42.29 2.42
CA LEU B 272 -15.13 -41.79 2.27
C LEU B 272 -15.39 -41.24 0.86
N PHE B 273 -14.41 -40.52 0.32
CA PHE B 273 -14.52 -39.96 -1.03
C PHE B 273 -14.70 -41.06 -2.07
N SER B 274 -13.85 -42.08 -1.98
CA SER B 274 -13.95 -43.25 -2.87
C SER B 274 -15.32 -43.91 -2.72
N ARG B 275 -15.76 -44.06 -1.47
CA ARG B 275 -17.02 -44.73 -1.13
C ARG B 275 -18.23 -44.10 -1.82
N VAL B 276 -18.26 -42.77 -1.86
CA VAL B 276 -19.34 -42.03 -2.51
C VAL B 276 -19.03 -41.67 -3.97
N SER B 277 -18.03 -42.33 -4.55
CA SER B 277 -17.66 -42.16 -5.97
C SER B 277 -17.06 -40.80 -6.30
N LEU B 278 -16.46 -40.15 -5.31
CA LEU B 278 -15.70 -38.91 -5.58
C LEU B 278 -14.25 -39.21 -5.94
N ARG B 279 -13.72 -38.48 -6.91
CA ARG B 279 -12.31 -38.59 -7.28
C ARG B 279 -11.52 -37.38 -6.78
N LEU B 280 -10.45 -37.65 -6.03
CA LEU B 280 -9.62 -36.60 -5.45
C LEU B 280 -8.66 -36.05 -6.51
N VAL B 281 -8.82 -34.77 -6.85
CA VAL B 281 -8.01 -34.13 -7.88
C VAL B 281 -7.13 -32.98 -7.35
N GLY B 282 -7.29 -32.65 -6.07
CA GLY B 282 -6.49 -31.60 -5.44
C GLY B 282 -6.39 -31.80 -3.95
N LEU B 283 -5.21 -31.47 -3.40
CA LEU B 283 -4.94 -31.66 -1.97
C LEU B 283 -3.94 -30.62 -1.45
N LYS B 284 -4.42 -29.78 -0.54
CA LYS B 284 -3.60 -28.75 0.14
C LYS B 284 -3.60 -29.03 1.64
N LYS B 285 -2.42 -29.32 2.17
CA LYS B 285 -2.27 -29.59 3.61
C LYS B 285 -1.34 -28.57 4.29
N SER B 286 -1.85 -27.95 5.34
CA SER B 286 -1.04 -27.05 6.16
C SER B 286 -0.04 -27.84 7.03
N PHE B 287 0.92 -27.12 7.60
CA PHE B 287 1.96 -27.75 8.43
C PHE B 287 1.39 -28.30 9.74
N TYR B 288 0.21 -27.82 10.12
CA TYR B 288 -0.46 -28.25 11.37
C TYR B 288 -1.64 -29.20 11.15
N GLY B 289 -1.89 -29.56 9.90
CA GLY B 289 -2.87 -30.59 9.57
C GLY B 289 -4.28 -30.12 9.25
N SER B 290 -4.46 -28.85 8.92
CA SER B 290 -5.69 -28.42 8.28
C SER B 290 -5.55 -28.73 6.78
N THR B 291 -6.66 -29.05 6.14
CA THR B 291 -6.60 -29.57 4.79
C THR B 291 -7.75 -29.13 3.91
N LEU B 292 -7.39 -28.75 2.69
CA LEU B 292 -8.34 -28.55 1.61
C LEU B 292 -8.33 -29.78 0.70
N PHE B 293 -9.45 -30.48 0.66
CA PHE B 293 -9.68 -31.55 -0.33
C PHE B 293 -10.49 -31.02 -1.52
N LEU B 294 -9.94 -31.13 -2.72
CA LEU B 294 -10.68 -30.82 -3.95
C LEU B 294 -11.03 -32.12 -4.65
N CYS B 295 -12.33 -32.37 -4.76
CA CYS B 295 -12.83 -33.61 -5.36
C CYS B 295 -13.74 -33.33 -6.53
N ARG B 296 -13.93 -34.36 -7.35
CA ARG B 296 -14.74 -34.26 -8.55
C ARG B 296 -15.67 -35.45 -8.71
N ARG B 297 -16.94 -35.16 -8.99
CA ARG B 297 -17.90 -36.22 -9.32
C ARG B 297 -17.63 -36.64 -10.76
N PRO B 298 -17.39 -37.94 -11.00
CA PRO B 298 -17.03 -38.34 -12.37
C PRO B 298 -18.17 -38.21 -13.38
N THR B 299 -17.77 -38.24 -14.65
CA THR B 299 -18.69 -38.24 -15.80
C THR B 299 -18.35 -39.46 -16.66
N PRO B 300 -19.38 -40.18 -17.17
CA PRO B 300 -19.05 -41.29 -18.06
C PRO B 300 -18.32 -40.83 -19.31
N GLN B 301 -17.12 -41.38 -19.52
CA GLN B 301 -16.18 -40.87 -20.50
C GLN B 301 -16.17 -41.67 -21.80
N ASP B 302 -16.49 -40.99 -22.90
CA ASP B 302 -16.29 -41.54 -24.23
C ASP B 302 -14.79 -41.73 -24.47
N SER B 303 -14.46 -42.55 -25.46
CA SER B 303 -13.06 -42.87 -25.74
C SER B 303 -12.28 -41.61 -26.13
N PRO B 304 -11.12 -41.37 -25.48
CA PRO B 304 -10.44 -40.12 -25.79
C PRO B 304 -9.67 -40.15 -27.08
N ILE B 305 -9.59 -38.99 -27.74
CA ILE B 305 -8.78 -38.85 -28.94
C ILE B 305 -7.46 -38.19 -28.57
N PHE B 306 -6.36 -38.89 -28.86
CA PHE B 306 -5.02 -38.39 -28.58
C PHE B 306 -4.37 -37.82 -29.83
N LEU B 307 -3.87 -36.59 -29.71
CA LEU B 307 -3.18 -35.90 -30.79
C LEU B 307 -1.88 -35.27 -30.27
N PRO B 308 -0.72 -35.76 -30.74
CA PRO B 308 0.52 -35.05 -30.46
C PRO B 308 0.57 -33.68 -31.12
N VAL B 309 1.00 -32.69 -30.36
CA VAL B 309 1.12 -31.32 -30.90
C VAL B 309 2.57 -30.82 -30.86
N ASP B 310 3.51 -31.76 -30.99
CA ASP B 310 4.95 -31.49 -30.94
C ASP B 310 5.61 -31.23 -32.29
N ASP B 311 4.95 -31.66 -33.36
CA ASP B 311 5.50 -31.48 -34.71
C ASP B 311 5.81 -30.01 -35.00
N THR B 312 7.03 -29.77 -35.47
CA THR B 312 7.53 -28.40 -35.71
C THR B 312 6.84 -27.72 -36.89
N SER B 313 6.34 -28.52 -37.83
CA SER B 313 5.67 -27.98 -39.04
C SER B 313 4.19 -27.63 -38.79
N PHE B 314 3.68 -27.92 -37.60
CA PHE B 314 2.28 -27.62 -37.21
C PHE B 314 1.23 -28.40 -38.00
N ARG B 315 1.62 -29.53 -38.58
CA ARG B 315 0.71 -30.41 -39.32
C ARG B 315 -0.46 -30.90 -38.46
N TRP B 316 -0.23 -31.02 -37.16
CA TRP B 316 -1.28 -31.40 -36.21
C TRP B 316 -2.47 -30.45 -36.23
N VAL B 317 -2.25 -29.22 -36.71
CA VAL B 317 -3.34 -28.27 -36.83
C VAL B 317 -4.43 -28.82 -37.73
N GLU B 318 -4.03 -29.34 -38.89
CA GLU B 318 -4.98 -29.88 -39.86
C GLU B 318 -5.74 -31.05 -39.26
N SER B 319 -5.00 -31.93 -38.59
CA SER B 319 -5.59 -33.08 -37.89
C SER B 319 -6.63 -32.63 -36.88
N LEU B 320 -6.28 -31.63 -36.07
CA LEU B 320 -7.17 -31.15 -35.02
C LEU B 320 -8.44 -30.53 -35.58
N LYS B 321 -8.31 -29.85 -36.72
CA LYS B 321 -9.45 -29.24 -37.42
C LYS B 321 -10.45 -30.30 -37.87
N GLY B 322 -9.95 -31.41 -38.38
CA GLY B 322 -10.78 -32.54 -38.79
C GLY B 322 -11.51 -33.15 -37.62
N ILE B 323 -10.81 -33.26 -36.49
CA ILE B 323 -11.37 -33.85 -35.26
C ILE B 323 -12.48 -32.97 -34.67
N LEU B 324 -12.23 -31.67 -34.59
CA LEU B 324 -13.23 -30.73 -34.08
C LEU B 324 -14.40 -30.50 -35.05
N ALA B 325 -14.14 -30.69 -36.35
CA ALA B 325 -15.17 -30.51 -37.39
C ALA B 325 -16.37 -31.46 -37.22
N ASP B 326 -16.13 -32.60 -36.57
CA ASP B 326 -17.20 -33.56 -36.25
C ASP B 326 -18.07 -32.99 -35.14
N GLU B 327 -19.13 -32.28 -35.54
CA GLU B 327 -20.04 -31.63 -34.61
C GLU B 327 -20.73 -32.61 -33.68
N ASP B 328 -21.09 -33.78 -34.22
CA ASP B 328 -21.79 -34.81 -33.44
C ASP B 328 -20.96 -35.34 -32.29
N SER B 329 -19.65 -35.45 -32.50
CA SER B 329 -18.77 -36.15 -31.57
C SER B 329 -18.67 -35.50 -30.19
N ALA B 330 -18.78 -36.32 -29.16
CA ALA B 330 -18.65 -35.88 -27.76
C ALA B 330 -17.40 -36.48 -27.12
N ARG B 331 -16.53 -37.08 -27.94
CA ARG B 331 -15.28 -37.66 -27.47
C ARG B 331 -14.29 -36.55 -27.07
N PRO B 332 -13.70 -36.64 -25.86
CA PRO B 332 -12.78 -35.56 -25.50
C PRO B 332 -11.50 -35.59 -26.30
N VAL B 333 -10.97 -34.41 -26.58
CA VAL B 333 -9.75 -34.28 -27.38
C VAL B 333 -8.55 -33.95 -26.49
N TRP B 334 -7.62 -34.89 -26.44
CA TRP B 334 -6.45 -34.81 -25.56
C TRP B 334 -5.19 -34.46 -26.34
N LEU B 335 -4.83 -33.19 -26.29
CA LEU B 335 -3.60 -32.72 -26.93
C LEU B 335 -2.39 -33.09 -26.09
N LYS B 336 -1.42 -33.75 -26.72
CA LYS B 336 -0.22 -34.25 -26.04
C LYS B 336 1.07 -33.52 -26.43
N ALA B 337 1.66 -32.82 -25.48
CA ALA B 337 3.01 -32.25 -25.62
C ALA B 337 3.98 -33.04 -24.72
N ILE B 338 4.76 -33.94 -25.34
CA ILE B 338 5.62 -34.90 -24.59
C ILE B 338 7.12 -34.76 -24.86
N ASN B 339 7.48 -34.23 -26.02
CA ASN B 339 8.88 -34.17 -26.43
C ASN B 339 9.46 -32.76 -26.41
N CYS B 340 8.65 -31.79 -26.01
CA CYS B 340 9.11 -30.40 -25.98
C CYS B 340 8.60 -29.62 -24.77
N ALA B 341 9.54 -29.32 -23.88
CA ALA B 341 9.27 -28.61 -22.64
C ALA B 341 8.84 -27.16 -22.89
N THR B 342 9.12 -26.64 -24.07
CA THR B 342 8.73 -25.27 -24.42
C THR B 342 7.47 -25.21 -25.28
N SER B 343 6.71 -26.30 -25.32
CA SER B 343 5.43 -26.31 -26.05
C SER B 343 4.46 -25.25 -25.51
N GLY B 344 3.73 -24.62 -26.42
CA GLY B 344 2.71 -23.63 -26.07
C GLY B 344 1.30 -24.18 -25.91
N VAL B 345 1.18 -25.50 -25.78
CA VAL B 345 -0.12 -26.20 -25.73
C VAL B 345 -1.09 -25.61 -24.69
N VAL B 346 -0.57 -25.11 -23.58
CA VAL B 346 -1.40 -24.55 -22.49
C VAL B 346 -2.20 -23.32 -22.93
N GLY B 347 -1.53 -22.36 -23.54
CA GLY B 347 -2.20 -21.17 -24.06
C GLY B 347 -3.07 -21.48 -25.27
N LEU B 348 -2.65 -22.46 -26.05
CA LEU B 348 -3.46 -22.96 -27.16
C LEU B 348 -4.82 -23.42 -26.63
N VAL B 349 -4.76 -24.30 -25.64
CA VAL B 349 -5.94 -24.89 -25.06
C VAL B 349 -6.89 -23.82 -24.50
N ASN B 350 -6.34 -22.85 -23.78
CA ASN B 350 -7.15 -21.77 -23.20
C ASN B 350 -8.01 -21.06 -24.26
N CYS B 351 -7.43 -20.85 -25.43
CA CYS B 351 -8.12 -20.19 -26.54
C CYS B 351 -9.17 -21.09 -27.19
N LEU B 352 -8.79 -22.35 -27.40
CA LEU B 352 -9.68 -23.33 -28.03
C LEU B 352 -10.88 -23.69 -27.15
N ARG B 353 -10.72 -23.56 -25.84
CA ARG B 353 -11.82 -23.80 -24.89
C ARG B 353 -12.94 -22.77 -25.06
N ARG B 354 -12.59 -21.61 -25.61
CA ARG B 354 -13.54 -20.51 -25.80
C ARG B 354 -14.25 -20.59 -27.14
N GLU B 355 -13.85 -21.56 -27.94
CA GLU B 355 -14.37 -21.73 -29.29
C GLU B 355 -15.41 -22.84 -29.31
N PRO B 356 -16.25 -22.88 -30.37
CA PRO B 356 -17.25 -23.94 -30.45
C PRO B 356 -16.66 -25.34 -30.35
N GLY B 357 -17.29 -26.19 -29.57
CA GLY B 357 -16.76 -27.53 -29.27
C GLY B 357 -15.56 -27.51 -28.34
N GLY B 358 -15.31 -26.37 -27.71
CA GLY B 358 -14.17 -26.19 -26.84
C GLY B 358 -14.22 -26.98 -25.55
N ASN B 359 -15.44 -27.26 -25.07
CA ASN B 359 -15.63 -28.04 -23.84
C ASN B 359 -15.02 -29.46 -23.94
N ARG B 360 -14.74 -29.90 -25.17
CA ARG B 360 -14.10 -31.21 -25.42
C ARG B 360 -12.61 -31.24 -25.10
N LEU B 361 -11.98 -30.07 -25.05
CA LEU B 361 -10.51 -30.02 -25.03
C LEU B 361 -9.88 -30.28 -23.68
N ARG B 362 -8.78 -31.02 -23.74
CA ARG B 362 -7.94 -31.33 -22.60
C ARG B 362 -6.51 -31.34 -23.12
N CYS B 363 -5.54 -31.29 -22.21
CA CYS B 363 -4.16 -31.43 -22.64
C CYS B 363 -3.27 -32.05 -21.59
N VAL B 364 -2.16 -32.59 -22.08
CA VAL B 364 -1.07 -33.07 -21.25
C VAL B 364 0.22 -32.42 -21.71
N LEU B 365 0.96 -31.85 -20.76
CA LEU B 365 2.26 -31.25 -21.03
C LEU B 365 3.32 -31.78 -20.08
N LEU B 366 4.42 -32.27 -20.65
CA LEU B 366 5.60 -32.63 -19.87
C LEU B 366 6.61 -31.51 -20.02
N SER B 367 6.90 -30.84 -18.91
CA SER B 367 7.76 -29.67 -18.93
C SER B 367 8.73 -29.62 -17.74
N ASN B 368 9.76 -30.45 -17.79
CA ASN B 368 10.81 -30.42 -16.78
C ASN B 368 11.71 -29.21 -17.00
N LEU B 369 11.98 -28.49 -15.92
CA LEU B 369 12.98 -27.41 -15.93
C LEU B 369 14.39 -27.97 -15.73
N SER B 370 14.49 -29.14 -15.13
CA SER B 370 15.78 -29.80 -14.91
C SER B 370 16.02 -30.95 -15.90
N SER B 371 17.21 -30.94 -16.51
CA SER B 371 17.63 -32.01 -17.43
C SER B 371 17.75 -33.35 -16.71
N THR B 372 18.14 -33.30 -15.45
CA THR B 372 18.28 -34.52 -14.61
C THR B 372 16.96 -35.17 -14.23
N SER B 373 15.85 -34.45 -14.35
CA SER B 373 14.53 -34.97 -13.94
C SER B 373 14.03 -36.11 -14.81
N HIS B 374 13.34 -37.05 -14.17
CA HIS B 374 12.73 -38.16 -14.89
C HIS B 374 11.60 -37.66 -15.78
N VAL B 375 11.47 -38.28 -16.95
CA VAL B 375 10.35 -38.03 -17.86
C VAL B 375 9.42 -39.23 -17.80
N PRO B 376 8.18 -39.05 -17.28
CA PRO B 376 7.32 -40.22 -17.16
C PRO B 376 6.74 -40.69 -18.48
N GLU B 377 6.32 -41.95 -18.49
CA GLU B 377 5.67 -42.56 -19.64
C GLU B 377 4.19 -42.30 -19.52
N VAL B 378 3.61 -41.64 -20.53
CA VAL B 378 2.18 -41.31 -20.52
C VAL B 378 1.49 -41.86 -21.77
N ASP B 379 2.05 -42.94 -22.32
CA ASP B 379 1.42 -43.63 -23.44
C ASP B 379 0.17 -44.38 -22.97
N PRO B 380 -0.80 -44.62 -23.88
CA PRO B 380 -2.09 -45.20 -23.52
C PRO B 380 -1.92 -46.49 -22.72
N GLY B 381 -2.60 -46.59 -21.59
CA GLY B 381 -2.52 -47.77 -20.74
C GLY B 381 -1.43 -47.71 -19.68
N SER B 382 -0.61 -46.66 -19.70
CA SER B 382 0.30 -46.38 -18.57
C SER B 382 -0.52 -45.99 -17.34
N ALA B 383 0.08 -46.20 -16.18
CA ALA B 383 -0.56 -45.88 -14.89
C ALA B 383 -0.60 -44.38 -14.66
N GLU B 384 0.40 -43.68 -15.20
CA GLU B 384 0.48 -42.22 -15.05
C GLU B 384 -0.62 -41.55 -15.85
N LEU B 385 -0.85 -42.05 -17.05
CA LEU B 385 -1.90 -41.51 -17.94
C LEU B 385 -3.30 -41.83 -17.41
N GLN B 386 -3.46 -43.01 -16.82
CA GLN B 386 -4.76 -43.44 -16.29
C GLN B 386 -5.25 -42.49 -15.19
N LYS B 387 -4.33 -42.10 -14.32
CA LYS B 387 -4.60 -41.16 -13.22
C LYS B 387 -5.12 -39.84 -13.76
N VAL B 388 -4.43 -39.33 -14.78
CA VAL B 388 -4.77 -38.05 -15.42
C VAL B 388 -6.16 -38.12 -16.03
N LEU B 389 -6.43 -39.22 -16.74
CA LEU B 389 -7.73 -39.42 -17.39
C LEU B 389 -8.87 -39.50 -16.39
N GLN B 390 -8.57 -40.05 -15.21
CA GLN B 390 -9.57 -40.19 -14.16
C GLN B 390 -9.95 -38.83 -13.57
N GLY B 391 -8.96 -37.96 -13.39
CA GLY B 391 -9.21 -36.59 -12.94
C GLY B 391 -9.98 -35.81 -13.99
N ASP B 392 -9.68 -36.09 -15.26
CA ASP B 392 -10.30 -35.43 -16.43
C ASP B 392 -10.11 -33.90 -16.41
N LEU B 393 -9.04 -33.45 -15.77
CA LEU B 393 -8.74 -32.01 -15.72
C LEU B 393 -8.30 -31.51 -17.08
N VAL B 394 -8.65 -30.27 -17.39
CA VAL B 394 -8.22 -29.64 -18.64
C VAL B 394 -6.69 -29.52 -18.71
N MET B 395 -6.10 -29.04 -17.63
CA MET B 395 -4.66 -28.74 -17.59
C MET B 395 -3.90 -29.75 -16.75
N ASN B 396 -3.07 -30.54 -17.43
CA ASN B 396 -2.22 -31.54 -16.78
C ASN B 396 -0.76 -31.36 -17.17
N VAL B 397 -0.05 -30.65 -16.31
CA VAL B 397 1.35 -30.31 -16.55
C VAL B 397 2.23 -31.06 -15.56
N TYR B 398 3.20 -31.79 -16.09
CA TYR B 398 4.20 -32.46 -15.29
C TYR B 398 5.51 -31.66 -15.28
N ARG B 399 5.96 -31.32 -14.07
CA ARG B 399 7.19 -30.55 -13.89
C ARG B 399 8.02 -31.08 -12.71
N ASP B 400 9.13 -31.71 -13.05
CA ASP B 400 10.15 -32.10 -12.08
C ASP B 400 9.56 -32.85 -10.88
N GLY B 401 8.85 -33.94 -11.18
CA GLY B 401 8.38 -34.88 -10.17
C GLY B 401 6.95 -34.73 -9.71
N ALA B 402 6.28 -33.67 -10.16
CA ALA B 402 4.91 -33.38 -9.71
C ALA B 402 3.96 -33.02 -10.85
N TRP B 403 2.73 -33.50 -10.72
CA TRP B 403 1.63 -33.10 -11.58
C TRP B 403 0.95 -31.90 -10.96
N GLY B 404 0.48 -31.02 -11.82
CA GLY B 404 -0.14 -29.78 -11.40
C GLY B 404 -0.54 -28.98 -12.61
N ALA B 405 -0.61 -27.66 -12.45
CA ALA B 405 -1.04 -26.77 -13.53
C ALA B 405 -0.61 -25.34 -13.21
N PHE B 406 -0.54 -24.49 -14.23
CA PHE B 406 -0.19 -23.10 -14.03
C PHE B 406 -1.39 -22.32 -13.48
N ARG B 407 -1.15 -21.60 -12.39
CA ARG B 407 -2.22 -20.86 -11.70
C ARG B 407 -1.83 -19.41 -11.47
N HIS B 408 -2.84 -18.54 -11.38
CA HIS B 408 -2.60 -17.12 -11.11
C HIS B 408 -2.75 -16.82 -9.62
N PHE B 409 -1.82 -16.02 -9.10
CA PHE B 409 -1.88 -15.59 -7.70
C PHE B 409 -1.62 -14.11 -7.57
N LEU B 410 -2.35 -13.48 -6.65
CA LEU B 410 -2.18 -12.05 -6.42
C LEU B 410 -0.74 -11.77 -6.05
N LEU B 411 -0.16 -10.81 -6.76
CA LEU B 411 1.22 -10.39 -6.53
C LEU B 411 1.31 -9.66 -5.18
N GLU B 412 2.08 -10.23 -4.28
CA GLU B 412 2.30 -9.64 -2.96
C GLU B 412 3.01 -8.28 -3.07
N GLU B 413 4.07 -8.27 -3.87
CA GLU B 413 5.03 -7.16 -3.90
C GLU B 413 4.37 -5.79 -4.15
N ASP B 414 3.37 -5.79 -5.03
CA ASP B 414 2.66 -4.58 -5.46
C ASP B 414 2.17 -3.68 -4.30
N SER B 417 9.54 1.07 -6.30
CA SER B 417 10.73 1.90 -6.49
C SER B 417 11.18 1.89 -7.95
N LYS B 418 11.57 3.05 -8.46
CA LYS B 418 11.91 3.16 -9.88
C LYS B 418 13.26 2.49 -10.19
N THR B 419 13.27 1.70 -11.26
CA THR B 419 14.49 1.06 -11.73
C THR B 419 15.38 2.04 -12.47
N PHE B 420 16.62 1.61 -12.69
CA PHE B 420 17.61 2.37 -13.44
C PHE B 420 18.47 1.40 -14.22
N CYS B 421 19.00 1.89 -15.35
CA CYS B 421 19.74 1.04 -16.30
C CYS B 421 21.20 1.44 -16.42
N PRO B 422 22.11 0.46 -16.57
CA PRO B 422 23.51 0.73 -16.89
C PRO B 422 23.62 1.46 -18.21
N ALA B 423 24.16 2.67 -18.18
CA ALA B 423 24.17 3.56 -19.35
C ALA B 423 25.17 3.13 -20.42
N HIS B 424 26.12 2.28 -20.06
CA HIS B 424 27.12 1.83 -21.04
C HIS B 424 26.66 0.64 -21.88
N LYS B 425 25.61 -0.04 -21.44
CA LYS B 425 25.13 -1.23 -22.14
C LYS B 425 24.13 -0.90 -23.24
N SER B 426 23.97 -1.86 -24.16
CA SER B 426 23.02 -1.71 -25.26
C SER B 426 21.75 -2.49 -24.95
N TYR B 427 20.66 -1.99 -25.49
CA TYR B 427 19.34 -2.55 -25.27
C TYR B 427 18.60 -2.73 -26.59
N ILE B 428 17.97 -3.89 -26.71
CA ILE B 428 17.35 -4.33 -27.93
C ILE B 428 15.86 -4.52 -27.71
N ILE B 429 15.07 -3.84 -28.53
CA ILE B 429 13.61 -4.07 -28.57
C ILE B 429 13.23 -4.61 -29.95
N ALA B 430 12.93 -5.90 -30.00
CA ALA B 430 12.41 -6.48 -31.21
C ALA B 430 10.94 -6.06 -31.33
N GLY B 431 10.57 -5.49 -32.47
CA GLY B 431 9.25 -4.86 -32.62
C GLY B 431 9.24 -3.46 -32.03
N GLY B 432 10.43 -2.88 -31.92
CA GLY B 432 10.63 -1.60 -31.26
C GLY B 432 10.00 -0.37 -31.91
N LEU B 433 9.60 -0.47 -33.18
CA LEU B 433 8.95 0.64 -33.88
C LEU B 433 7.42 0.60 -33.72
N GLY B 434 6.92 -0.47 -33.14
CA GLY B 434 5.49 -0.60 -32.84
C GLY B 434 4.98 0.34 -31.76
N GLY B 435 3.70 0.17 -31.44
CA GLY B 435 3.02 1.01 -30.45
C GLY B 435 3.62 0.93 -29.06
N PHE B 436 3.67 -0.27 -28.50
CA PHE B 436 4.23 -0.48 -27.16
C PHE B 436 5.75 -0.24 -27.24
N GLY B 437 6.33 -0.67 -28.35
CA GLY B 437 7.78 -0.56 -28.58
C GLY B 437 8.36 0.84 -28.46
N LEU B 438 7.70 1.82 -29.07
CA LEU B 438 8.18 3.20 -29.01
C LEU B 438 8.08 3.76 -27.57
N GLU B 439 7.03 3.37 -26.87
CA GLU B 439 6.81 3.80 -25.47
C GLU B 439 7.84 3.17 -24.53
N LEU B 440 8.16 1.90 -24.79
CA LEU B 440 9.17 1.19 -24.03
C LEU B 440 10.55 1.83 -24.25
N ALA B 441 10.82 2.22 -25.48
CA ALA B 441 12.05 2.92 -25.85
C ALA B 441 12.20 4.21 -25.03
N GLN B 442 11.14 5.03 -25.04
CA GLN B 442 11.06 6.24 -24.21
C GLN B 442 11.31 5.92 -22.73
N TRP B 443 10.57 4.92 -22.25
CA TRP B 443 10.66 4.47 -20.85
C TRP B 443 12.11 4.13 -20.49
N LEU B 444 12.76 3.35 -21.34
CA LEU B 444 14.15 2.93 -21.11
C LEU B 444 15.08 4.13 -21.08
N ILE B 445 14.90 5.04 -22.04
CA ILE B 445 15.66 6.29 -22.11
C ILE B 445 15.54 7.08 -20.81
N GLN B 446 14.33 7.18 -20.28
CA GLN B 446 14.09 7.90 -19.01
C GLN B 446 14.90 7.29 -17.86
N ARG B 447 15.19 6.00 -17.97
CA ARG B 447 15.92 5.27 -16.94
C ARG B 447 17.40 5.13 -17.23
N GLY B 448 17.88 5.88 -18.22
CA GLY B 448 19.32 6.05 -18.45
C GLY B 448 19.86 5.39 -19.70
N VAL B 449 19.03 4.63 -20.40
CA VAL B 449 19.49 3.96 -21.63
C VAL B 449 19.90 4.98 -22.69
N GLN B 450 21.11 4.80 -23.22
CA GLN B 450 21.67 5.69 -24.26
C GLN B 450 21.93 4.97 -25.58
N LYS B 451 21.74 3.64 -25.56
CA LYS B 451 22.08 2.78 -26.69
C LYS B 451 20.94 1.80 -26.95
N LEU B 452 20.27 2.00 -28.08
CA LEU B 452 19.05 1.28 -28.44
C LEU B 452 19.14 0.70 -29.84
N VAL B 453 18.73 -0.55 -30.00
CA VAL B 453 18.51 -1.14 -31.31
C VAL B 453 17.05 -1.54 -31.40
N LEU B 454 16.35 -0.89 -32.34
CA LEU B 454 14.94 -1.15 -32.57
C LEU B 454 14.78 -1.96 -33.85
N THR B 455 14.25 -3.19 -33.71
CA THR B 455 14.09 -4.05 -34.87
C THR B 455 12.67 -4.05 -35.44
N SER B 456 12.62 -4.17 -36.77
CA SER B 456 11.41 -4.14 -37.55
C SER B 456 11.75 -4.75 -38.90
N ARG B 457 10.84 -5.55 -39.44
CA ARG B 457 11.09 -6.23 -40.72
C ARG B 457 11.14 -5.26 -41.90
N SER B 458 10.34 -4.21 -41.84
CA SER B 458 10.23 -3.24 -42.95
C SER B 458 10.74 -1.83 -42.60
N GLY B 459 11.35 -1.68 -41.44
CA GLY B 459 11.98 -0.40 -41.08
C GLY B 459 10.97 0.69 -40.80
N ILE B 460 11.42 1.94 -40.86
CA ILE B 460 10.55 3.08 -40.56
C ILE B 460 9.54 3.25 -41.69
N ARG B 461 8.26 3.30 -41.30
CA ARG B 461 7.14 3.39 -42.25
C ARG B 461 6.19 4.56 -41.96
N THR B 462 6.31 5.18 -40.79
CA THR B 462 5.40 6.28 -40.42
C THR B 462 6.13 7.55 -39.99
N GLY B 463 5.37 8.64 -39.99
CA GLY B 463 5.91 9.96 -39.64
C GLY B 463 6.16 10.03 -38.15
N TYR B 464 5.34 9.34 -37.38
CA TYR B 464 5.48 9.26 -35.93
C TYR B 464 6.78 8.56 -35.56
N GLN B 465 7.03 7.43 -36.21
CA GLN B 465 8.24 6.65 -35.96
C GLN B 465 9.48 7.48 -36.30
N ALA B 466 9.45 8.13 -37.46
CA ALA B 466 10.57 8.93 -37.92
C ALA B 466 10.87 10.06 -36.94
N LYS B 467 9.82 10.75 -36.48
CA LYS B 467 9.97 11.87 -35.56
C LYS B 467 10.57 11.44 -34.22
N GLN B 468 10.11 10.30 -33.69
CA GLN B 468 10.57 9.85 -32.37
C GLN B 468 12.06 9.48 -32.41
N VAL B 469 12.47 8.83 -33.48
CA VAL B 469 13.86 8.41 -33.66
C VAL B 469 14.77 9.62 -33.78
N ARG B 470 14.35 10.59 -34.60
CA ARG B 470 15.14 11.81 -34.85
C ARG B 470 15.32 12.59 -33.55
N ARG B 471 14.24 12.71 -32.80
CA ARG B 471 14.19 13.46 -31.54
C ARG B 471 15.12 12.84 -30.50
N TRP B 472 15.05 11.52 -30.38
CA TRP B 472 15.91 10.77 -29.46
C TRP B 472 17.39 10.94 -29.80
N ARG B 473 17.69 10.91 -31.10
CA ARG B 473 19.07 11.10 -31.59
C ARG B 473 19.59 12.49 -31.27
N ARG B 474 18.72 13.50 -31.43
CA ARG B 474 19.04 14.88 -31.09
C ARG B 474 19.36 15.01 -29.61
N GLN B 475 18.65 14.23 -28.79
CA GLN B 475 18.85 14.24 -27.33
C GLN B 475 20.12 13.51 -26.89
N GLY B 476 20.84 12.91 -27.85
CA GLY B 476 22.11 12.24 -27.57
C GLY B 476 22.02 10.72 -27.43
N VAL B 477 20.82 10.18 -27.64
CA VAL B 477 20.64 8.73 -27.60
C VAL B 477 21.04 8.10 -28.93
N GLN B 478 21.87 7.06 -28.84
CA GLN B 478 22.20 6.26 -30.01
C GLN B 478 21.06 5.29 -30.30
N VAL B 479 20.33 5.56 -31.38
CA VAL B 479 19.22 4.71 -31.80
C VAL B 479 19.49 4.13 -33.18
N GLN B 480 19.56 2.80 -33.22
CA GLN B 480 19.70 2.08 -34.48
C GLN B 480 18.39 1.39 -34.86
N VAL B 481 17.92 1.66 -36.07
CA VAL B 481 16.78 0.97 -36.63
C VAL B 481 17.28 -0.19 -37.47
N SER B 482 17.00 -1.41 -37.01
CA SER B 482 17.49 -2.64 -37.65
C SER B 482 16.39 -3.48 -38.32
N THR B 483 16.76 -4.15 -39.41
CA THR B 483 15.88 -5.10 -40.08
C THR B 483 16.31 -6.55 -39.82
N SER B 484 17.30 -6.74 -38.95
CA SER B 484 17.71 -8.09 -38.57
C SER B 484 16.54 -8.83 -37.91
N ASN B 485 16.23 -10.02 -38.41
CA ASN B 485 15.04 -10.78 -38.03
C ASN B 485 15.34 -11.93 -37.06
N ILE B 486 14.86 -11.78 -35.83
CA ILE B 486 15.05 -12.78 -34.79
C ILE B 486 14.37 -14.12 -35.07
N SER B 487 13.48 -14.17 -36.07
CA SER B 487 12.84 -15.42 -36.48
C SER B 487 13.84 -16.47 -36.97
N SER B 488 15.01 -16.02 -37.41
CA SER B 488 16.11 -16.92 -37.73
C SER B 488 17.32 -16.70 -36.83
N LEU B 489 18.10 -17.77 -36.67
CA LEU B 489 19.30 -17.78 -35.85
C LEU B 489 20.31 -16.79 -36.39
N GLU B 490 20.45 -16.79 -37.71
CA GLU B 490 21.34 -15.87 -38.43
C GLU B 490 20.96 -14.41 -38.15
N GLY B 491 19.69 -14.10 -38.27
CA GLY B 491 19.18 -12.76 -38.02
C GLY B 491 19.37 -12.36 -36.57
N ALA B 492 19.13 -13.30 -35.66
CA ALA B 492 19.34 -13.09 -34.24
C ALA B 492 20.79 -12.75 -33.92
N ARG B 493 21.70 -13.44 -34.60
CA ARG B 493 23.14 -13.27 -34.39
C ARG B 493 23.62 -11.92 -34.89
N GLY B 494 23.14 -11.53 -36.06
CA GLY B 494 23.48 -10.23 -36.63
C GLY B 494 22.95 -9.09 -35.79
N LEU B 495 21.75 -9.27 -35.25
CA LEU B 495 21.13 -8.24 -34.44
C LEU B 495 21.98 -7.95 -33.21
N ILE B 496 22.39 -9.01 -32.52
CA ILE B 496 23.22 -8.89 -31.33
C ILE B 496 24.56 -8.25 -31.68
N ALA B 497 25.13 -8.64 -32.83
CA ALA B 497 26.37 -8.04 -33.32
C ALA B 497 26.22 -6.54 -33.52
N GLU B 498 25.12 -6.13 -34.14
CA GLU B 498 24.83 -4.70 -34.36
C GLU B 498 24.75 -3.95 -33.02
N ALA B 499 24.06 -4.56 -32.05
CA ALA B 499 23.93 -3.99 -30.70
C ALA B 499 25.27 -3.96 -29.95
N ALA B 500 26.06 -5.02 -30.13
CA ALA B 500 27.38 -5.18 -29.48
C ALA B 500 28.37 -4.07 -29.85
N GLN B 501 28.17 -3.49 -31.02
CA GLN B 501 29.01 -2.39 -31.50
C GLN B 501 28.79 -1.11 -30.70
N LEU B 502 27.56 -0.91 -30.25
CA LEU B 502 27.22 0.28 -29.46
C LEU B 502 27.73 0.10 -28.05
N GLY B 503 27.61 -1.13 -27.56
CA GLY B 503 28.04 -1.49 -26.23
C GLY B 503 27.64 -2.93 -25.94
N PRO B 504 28.09 -3.47 -24.81
CA PRO B 504 27.69 -4.82 -24.45
C PRO B 504 26.19 -4.91 -24.19
N VAL B 505 25.59 -6.02 -24.61
CA VAL B 505 24.15 -6.19 -24.51
C VAL B 505 23.72 -6.44 -23.07
N GLY B 506 22.96 -5.49 -22.53
CA GLY B 506 22.42 -5.58 -21.18
C GLY B 506 20.98 -6.05 -21.12
N GLY B 507 20.23 -5.85 -22.21
CA GLY B 507 18.81 -6.20 -22.23
C GLY B 507 18.20 -6.47 -23.58
N VAL B 508 17.39 -7.52 -23.64
CA VAL B 508 16.57 -7.82 -24.83
C VAL B 508 15.08 -7.86 -24.47
N PHE B 509 14.26 -7.25 -25.33
CA PHE B 509 12.83 -7.13 -25.13
C PHE B 509 12.10 -7.61 -26.38
N ASN B 510 11.40 -8.74 -26.27
CA ASN B 510 10.66 -9.26 -27.43
C ASN B 510 9.24 -8.75 -27.47
N LEU B 511 9.03 -7.67 -28.23
CA LEU B 511 7.70 -7.13 -28.52
C LEU B 511 7.26 -7.41 -29.96
N ALA B 512 7.97 -8.31 -30.66
CA ALA B 512 7.57 -8.66 -32.03
C ALA B 512 6.27 -9.46 -32.00
N VAL B 513 5.39 -9.14 -32.93
CA VAL B 513 4.12 -9.85 -33.05
C VAL B 513 3.57 -9.81 -34.48
N VAL B 514 3.09 -10.96 -34.92
CA VAL B 514 2.30 -11.10 -36.14
C VAL B 514 1.00 -11.82 -35.79
N LEU B 515 -0.12 -11.29 -36.25
CA LEU B 515 -1.44 -11.84 -35.94
C LEU B 515 -2.10 -12.51 -37.15
N ARG B 516 -2.61 -13.72 -36.91
CA ARG B 516 -3.46 -14.43 -37.86
C ARG B 516 -4.74 -14.89 -37.16
N ASP B 517 -5.59 -13.92 -36.83
CA ASP B 517 -6.81 -14.20 -36.08
C ASP B 517 -7.85 -14.98 -36.89
N GLY B 518 -8.48 -15.93 -36.21
CA GLY B 518 -9.61 -16.67 -36.74
C GLY B 518 -9.83 -17.93 -35.94
N LEU B 519 -11.05 -18.45 -36.00
CA LEU B 519 -11.37 -19.73 -35.35
C LEU B 519 -10.56 -20.85 -35.96
N LEU B 520 -10.33 -21.91 -35.17
CA LEU B 520 -9.44 -22.98 -35.59
C LEU B 520 -9.81 -23.58 -36.96
N GLU B 521 -11.11 -23.66 -37.22
CA GLU B 521 -11.65 -24.18 -38.48
C GLU B 521 -11.12 -23.44 -39.70
N ASN B 522 -10.86 -22.15 -39.52
CA ASN B 522 -10.32 -21.30 -40.57
C ASN B 522 -8.81 -21.13 -40.52
N GLN B 523 -8.14 -21.89 -39.65
CA GLN B 523 -6.68 -21.79 -39.49
C GLN B 523 -5.91 -22.76 -40.40
N THR B 524 -4.61 -22.50 -40.51
CA THR B 524 -3.67 -23.37 -41.24
C THR B 524 -2.35 -23.48 -40.48
N PRO B 525 -1.56 -24.54 -40.77
CA PRO B 525 -0.19 -24.65 -40.24
C PRO B 525 0.67 -23.43 -40.58
N GLU B 526 0.49 -22.90 -41.77
CA GLU B 526 1.26 -21.74 -42.24
C GLU B 526 0.96 -20.53 -41.35
N PHE B 527 -0.31 -20.34 -41.05
CA PHE B 527 -0.74 -19.21 -40.21
C PHE B 527 -0.17 -19.37 -38.81
N PHE B 528 -0.15 -20.61 -38.31
CA PHE B 528 0.47 -20.93 -37.01
C PHE B 528 1.97 -20.62 -37.04
N GLN B 529 2.60 -20.95 -38.18
CA GLN B 529 4.03 -20.66 -38.41
C GLN B 529 4.31 -19.17 -38.41
N ASP B 530 3.46 -18.40 -39.08
CA ASP B 530 3.62 -16.93 -39.17
C ASP B 530 3.55 -16.31 -37.76
N VAL B 531 2.55 -16.72 -36.99
CA VAL B 531 2.36 -16.17 -35.64
C VAL B 531 3.48 -16.61 -34.68
N CYS B 532 3.91 -17.85 -34.80
CA CYS B 532 4.97 -18.38 -33.93
C CYS B 532 6.37 -17.86 -34.27
N LYS B 533 6.60 -17.43 -35.51
CA LYS B 533 7.94 -16.97 -35.93
C LYS B 533 8.53 -15.83 -35.08
N PRO B 534 7.81 -14.70 -34.93
CA PRO B 534 8.41 -13.65 -34.11
C PRO B 534 8.50 -13.98 -32.62
N LYS B 535 7.63 -14.84 -32.14
CA LYS B 535 7.55 -15.15 -30.70
C LYS B 535 8.27 -16.43 -30.26
N TYR B 536 7.82 -17.57 -30.76
CA TYR B 536 8.40 -18.85 -30.34
C TYR B 536 9.84 -18.94 -30.86
N SER B 537 9.99 -18.86 -32.17
CA SER B 537 11.31 -18.91 -32.81
C SER B 537 12.21 -17.73 -32.43
N GLY B 538 11.63 -16.54 -32.40
CA GLY B 538 12.37 -15.34 -32.03
C GLY B 538 12.99 -15.47 -30.65
N THR B 539 12.19 -15.91 -29.70
CA THR B 539 12.64 -16.06 -28.31
C THR B 539 13.64 -17.21 -28.15
N LEU B 540 13.41 -18.31 -28.87
CA LEU B 540 14.37 -19.43 -28.90
C LEU B 540 15.73 -18.97 -29.43
N ASN B 541 15.69 -18.16 -30.48
CA ASN B 541 16.91 -17.65 -31.10
C ASN B 541 17.64 -16.65 -30.23
N LEU B 542 16.87 -15.76 -29.62
CA LEU B 542 17.42 -14.77 -28.68
C LEU B 542 18.03 -15.46 -27.46
N ASP B 543 17.31 -16.48 -26.98
CA ASP B 543 17.79 -17.30 -25.87
C ASP B 543 19.19 -17.85 -26.18
N ARG B 544 19.31 -18.48 -27.35
CA ARG B 544 20.55 -19.13 -27.76
C ARG B 544 21.70 -18.13 -28.00
N VAL B 545 21.41 -17.06 -28.73
CA VAL B 545 22.43 -16.06 -29.05
C VAL B 545 22.92 -15.32 -27.82
N THR B 546 21.99 -14.96 -26.92
CA THR B 546 22.35 -14.24 -25.69
C THR B 546 23.15 -15.11 -24.74
N ARG B 547 22.80 -16.40 -24.69
CA ARG B 547 23.56 -17.39 -23.93
C ARG B 547 25.02 -17.43 -24.40
N GLU B 548 25.18 -17.51 -25.71
CA GLU B 548 26.49 -17.73 -26.33
C GLU B 548 27.37 -16.50 -26.35
N ALA B 549 26.76 -15.32 -26.43
CA ALA B 549 27.49 -14.10 -26.78
C ALA B 549 27.17 -12.87 -25.93
N CYS B 550 26.35 -13.01 -24.89
CA CYS B 550 25.91 -11.85 -24.09
C CYS B 550 26.01 -12.13 -22.60
N PRO B 551 27.24 -12.24 -22.09
CA PRO B 551 27.46 -12.61 -20.71
C PRO B 551 27.11 -11.49 -19.74
N GLU B 552 26.96 -10.27 -20.26
CA GLU B 552 26.60 -9.13 -19.43
C GLU B 552 25.10 -8.80 -19.49
N LEU B 553 24.29 -9.77 -19.91
CA LEU B 553 22.84 -9.56 -20.04
C LEU B 553 22.18 -9.56 -18.66
N ASP B 554 21.45 -8.48 -18.38
CA ASP B 554 20.70 -8.31 -17.14
C ASP B 554 19.21 -8.58 -17.31
N TYR B 555 18.70 -8.33 -18.51
CA TYR B 555 17.27 -8.41 -18.78
C TYR B 555 16.93 -9.21 -20.04
N PHE B 556 16.00 -10.14 -19.86
CA PHE B 556 15.45 -10.95 -20.95
C PHE B 556 13.93 -10.97 -20.78
N VAL B 557 13.24 -10.15 -21.57
CA VAL B 557 11.82 -9.89 -21.35
C VAL B 557 10.97 -10.08 -22.60
N VAL B 558 9.90 -10.87 -22.45
CA VAL B 558 8.93 -11.09 -23.52
C VAL B 558 7.54 -10.60 -23.11
N PHE B 559 6.84 -10.01 -24.07
CA PHE B 559 5.48 -9.53 -23.82
C PHE B 559 4.52 -10.60 -24.29
N SER B 560 3.92 -11.27 -23.28
CA SER B 560 2.84 -12.22 -23.50
C SER B 560 1.52 -11.46 -23.41
N SER B 561 0.43 -12.22 -23.25
CA SER B 561 -0.92 -11.72 -23.35
C SER B 561 -1.86 -12.53 -22.47
N VAL B 562 -2.96 -11.89 -22.09
CA VAL B 562 -4.10 -12.58 -21.48
C VAL B 562 -4.73 -13.58 -22.46
N SER B 563 -4.51 -13.39 -23.76
CA SER B 563 -4.96 -14.35 -24.77
C SER B 563 -4.35 -15.73 -24.50
N CYS B 564 -3.11 -15.72 -24.04
CA CYS B 564 -2.45 -16.96 -23.60
C CYS B 564 -2.88 -17.32 -22.18
N GLY B 565 -2.78 -16.36 -21.28
CA GLY B 565 -3.02 -16.61 -19.84
C GLY B 565 -4.43 -17.01 -19.45
N ARG B 566 -5.41 -16.45 -20.17
CA ARG B 566 -6.83 -16.68 -19.88
C ARG B 566 -7.59 -17.35 -21.02
N GLY B 567 -7.21 -16.99 -22.24
CA GLY B 567 -7.82 -17.53 -23.45
C GLY B 567 -8.60 -16.47 -24.19
N ASN B 568 -8.42 -16.46 -25.50
CA ASN B 568 -9.24 -15.61 -26.38
C ASN B 568 -9.64 -16.39 -27.63
N ALA B 569 -10.94 -16.40 -27.91
CA ALA B 569 -11.47 -17.13 -29.06
C ALA B 569 -10.91 -16.56 -30.37
N GLY B 570 -10.45 -17.45 -31.24
CA GLY B 570 -9.95 -17.07 -32.56
C GLY B 570 -8.50 -16.62 -32.54
N GLN B 571 -7.79 -16.89 -31.44
CA GLN B 571 -6.37 -16.53 -31.32
C GLN B 571 -5.53 -17.68 -30.76
N SER B 572 -5.92 -18.91 -31.07
CA SER B 572 -5.24 -20.10 -30.54
C SER B 572 -3.77 -20.16 -30.92
N ASN B 573 -3.44 -19.70 -32.13
CA ASN B 573 -2.06 -19.69 -32.60
C ASN B 573 -1.19 -18.71 -31.79
N TYR B 574 -1.77 -17.54 -31.55
CA TYR B 574 -1.19 -16.49 -30.73
C TYR B 574 -1.10 -16.92 -29.26
N GLY B 575 -2.11 -17.65 -28.83
CA GLY B 575 -2.11 -18.22 -27.49
C GLY B 575 -0.96 -19.19 -27.32
N PHE B 576 -0.74 -19.99 -28.36
CA PHE B 576 0.35 -20.98 -28.39
C PHE B 576 1.72 -20.29 -28.38
N ALA B 577 1.90 -19.36 -29.30
CA ALA B 577 3.20 -18.68 -29.46
C ALA B 577 3.65 -18.04 -28.15
N ASN B 578 2.74 -17.28 -27.56
CA ASN B 578 3.00 -16.60 -26.29
C ASN B 578 3.30 -17.57 -25.16
N SER B 579 2.53 -18.64 -25.10
CA SER B 579 2.71 -19.66 -24.07
C SER B 579 4.11 -20.28 -24.12
N ALA B 580 4.58 -20.54 -25.34
CA ALA B 580 5.93 -21.09 -25.58
C ALA B 580 7.04 -20.18 -25.04
N MET B 581 6.87 -18.88 -25.23
CA MET B 581 7.84 -17.88 -24.74
C MET B 581 7.94 -17.93 -23.22
N GLU B 582 6.79 -18.11 -22.58
CA GLU B 582 6.72 -18.21 -21.11
C GLU B 582 7.51 -19.41 -20.63
N ARG B 583 7.32 -20.54 -21.31
CA ARG B 583 8.04 -21.79 -20.97
C ARG B 583 9.55 -21.61 -21.09
N ILE B 584 9.99 -20.86 -22.11
CA ILE B 584 11.42 -20.60 -22.32
C ILE B 584 12.00 -19.75 -21.20
N CYS B 585 11.28 -18.70 -20.82
CA CYS B 585 11.72 -17.82 -19.73
C CYS B 585 11.90 -18.59 -18.43
N GLU B 586 10.99 -19.54 -18.18
CA GLU B 586 11.02 -20.37 -16.99
C GLU B 586 12.28 -21.25 -16.94
N LYS B 587 12.64 -21.82 -18.09
CA LYS B 587 13.83 -22.66 -18.19
C LYS B 587 15.08 -21.86 -17.93
N ARG B 588 15.12 -20.66 -18.53
CA ARG B 588 16.25 -19.74 -18.39
C ARG B 588 16.47 -19.40 -16.91
N ARG B 589 15.38 -19.02 -16.24
CA ARG B 589 15.44 -18.62 -14.83
C ARG B 589 15.90 -19.75 -13.92
N HIS B 590 15.50 -20.97 -14.27
CA HIS B 590 15.93 -22.16 -13.54
C HIS B 590 17.46 -22.31 -13.62
N GLU B 591 18.00 -21.95 -14.78
CA GLU B 591 19.44 -21.97 -15.01
C GLU B 591 20.15 -20.71 -14.53
N GLY B 592 19.42 -19.81 -13.86
CA GLY B 592 20.01 -18.58 -13.31
C GLY B 592 20.21 -17.45 -14.33
N LEU B 593 19.63 -17.61 -15.52
CA LEU B 593 19.64 -16.56 -16.54
C LEU B 593 18.46 -15.61 -16.37
N PRO B 594 18.60 -14.35 -16.81
CA PRO B 594 17.40 -13.51 -16.73
C PRO B 594 16.30 -14.05 -17.64
N GLY B 595 15.06 -13.90 -17.17
CA GLY B 595 13.89 -14.37 -17.89
C GLY B 595 12.62 -13.81 -17.26
N LEU B 596 11.84 -13.12 -18.06
CA LEU B 596 10.58 -12.55 -17.59
C LEU B 596 9.57 -12.48 -18.73
N ALA B 597 8.42 -13.09 -18.49
CA ALA B 597 7.27 -13.02 -19.37
C ALA B 597 6.16 -12.23 -18.69
N VAL B 598 5.66 -11.20 -19.37
CA VAL B 598 4.56 -10.37 -18.89
C VAL B 598 3.29 -10.58 -19.70
N GLN B 599 2.26 -11.14 -19.06
CA GLN B 599 0.95 -11.32 -19.68
C GLN B 599 0.17 -10.04 -19.56
N TRP B 600 0.15 -9.29 -20.65
CA TRP B 600 -0.60 -8.04 -20.69
C TRP B 600 -2.03 -8.28 -21.12
N GLY B 601 -2.94 -7.57 -20.46
CA GLY B 601 -4.29 -7.41 -20.99
C GLY B 601 -4.26 -6.40 -22.12
N ALA B 602 -5.44 -5.98 -22.53
CA ALA B 602 -5.58 -4.90 -23.51
C ALA B 602 -4.73 -3.69 -23.15
N ILE B 603 -4.02 -3.16 -24.14
CA ILE B 603 -3.17 -1.97 -23.97
C ILE B 603 -3.85 -0.76 -24.61
N GLY B 604 -3.90 0.34 -23.86
CA GLY B 604 -4.48 1.59 -24.34
C GLY B 604 -3.49 2.51 -25.03
N ASP B 605 -4.01 3.60 -25.60
CA ASP B 605 -3.22 4.72 -26.13
C ASP B 605 -2.49 4.40 -27.43
N VAL B 606 -1.71 3.33 -27.42
CA VAL B 606 -0.96 2.86 -28.59
C VAL B 606 -1.11 1.34 -28.73
N GLY B 607 -0.69 0.82 -29.89
CA GLY B 607 -0.63 -0.63 -30.12
C GLY B 607 -1.67 -1.17 -31.10
N ILE B 608 -1.60 -2.47 -31.35
CA ILE B 608 -2.47 -3.17 -32.32
C ILE B 608 -3.94 -2.92 -32.04
N LEU B 609 -4.33 -3.12 -30.79
CA LEU B 609 -5.73 -3.04 -30.35
C LEU B 609 -6.28 -1.61 -30.51
N VAL B 610 -5.50 -0.63 -30.07
CA VAL B 610 -5.89 0.79 -30.14
C VAL B 610 -5.92 1.28 -31.58
N GLU B 611 -4.94 0.84 -32.37
CA GLU B 611 -4.81 1.25 -33.77
C GLU B 611 -5.96 0.74 -34.63
N THR B 612 -6.38 -0.51 -34.40
CA THR B 612 -7.48 -1.12 -35.13
C THR B 612 -8.80 -1.08 -34.33
N ASP B 617 -13.79 4.31 -23.14
CA ASP B 617 -13.06 3.45 -24.07
C ASP B 617 -13.74 2.08 -24.26
N THR B 618 -13.10 1.25 -25.07
CA THR B 618 -13.66 -0.01 -25.53
C THR B 618 -13.45 -1.15 -24.52
N ILE B 619 -14.53 -1.57 -23.89
CA ILE B 619 -14.51 -2.69 -22.96
C ILE B 619 -14.35 -4.00 -23.77
N VAL B 620 -13.33 -4.77 -23.41
CA VAL B 620 -13.12 -6.11 -24.00
C VAL B 620 -13.16 -7.19 -22.92
N SER B 621 -14.08 -8.14 -23.07
CA SER B 621 -14.24 -9.26 -22.13
C SER B 621 -14.23 -8.78 -20.68
N GLY B 622 -14.98 -7.72 -20.42
CA GLY B 622 -15.15 -7.16 -19.08
C GLY B 622 -13.91 -6.44 -18.58
N THR B 623 -12.96 -6.15 -19.47
CA THR B 623 -11.74 -5.45 -19.10
C THR B 623 -11.60 -4.16 -19.89
N LEU B 624 -10.85 -3.21 -19.31
CA LEU B 624 -10.52 -1.94 -19.95
C LEU B 624 -9.08 -1.97 -20.45
N PRO B 625 -8.80 -1.30 -21.59
CA PRO B 625 -7.41 -1.12 -22.00
C PRO B 625 -6.58 -0.37 -20.96
N GLN B 626 -5.42 -0.92 -20.62
CA GLN B 626 -4.56 -0.32 -19.63
C GLN B 626 -3.80 0.87 -20.22
N ARG B 627 -4.02 2.04 -19.63
CA ARG B 627 -3.32 3.26 -20.08
C ARG B 627 -1.82 3.03 -20.01
N MET B 628 -1.12 3.54 -21.01
CA MET B 628 0.32 3.32 -21.12
C MET B 628 1.06 3.75 -19.85
N ALA B 629 0.65 4.86 -19.26
CA ALA B 629 1.23 5.35 -18.02
C ALA B 629 1.14 4.29 -16.91
N SER B 630 0.00 3.61 -16.82
CA SER B 630 -0.18 2.52 -15.86
C SER B 630 0.71 1.32 -16.22
N CYS B 631 0.81 1.03 -17.51
CA CYS B 631 1.64 -0.07 -17.99
C CYS B 631 3.12 0.14 -17.64
N LEU B 632 3.57 1.38 -17.76
CA LEU B 632 4.97 1.71 -17.55
C LEU B 632 5.34 1.69 -16.04
N GLU B 633 4.38 2.06 -15.19
CA GLU B 633 4.57 1.90 -13.75
C GLU B 633 4.65 0.44 -13.34
N VAL B 634 3.77 -0.37 -13.91
CA VAL B 634 3.72 -1.81 -13.63
C VAL B 634 5.02 -2.47 -14.05
N LEU B 635 5.61 -1.98 -15.14
CA LEU B 635 6.84 -2.56 -15.70
C LEU B 635 8.00 -2.34 -14.71
N ASP B 636 8.08 -1.15 -14.11
CA ASP B 636 9.07 -0.86 -13.06
C ASP B 636 9.01 -1.90 -11.96
N LEU B 637 7.80 -2.15 -11.48
CA LEU B 637 7.55 -3.15 -10.44
C LEU B 637 7.94 -4.54 -10.90
N PHE B 638 7.52 -4.88 -12.13
CA PHE B 638 7.73 -6.21 -12.70
C PHE B 638 9.21 -6.52 -12.96
N LEU B 639 9.96 -5.52 -13.44
CA LEU B 639 11.40 -5.68 -13.66
C LEU B 639 12.14 -5.88 -12.32
N ASN B 640 11.55 -5.38 -11.24
CA ASN B 640 12.08 -5.57 -9.88
C ASN B 640 11.49 -6.78 -9.14
N GLN B 641 11.16 -7.85 -9.89
CA GLN B 641 10.46 -9.03 -9.34
C GLN B 641 11.24 -10.32 -9.52
N PRO B 642 11.19 -11.21 -8.50
CA PRO B 642 11.84 -12.52 -8.62
C PRO B 642 11.04 -13.51 -9.49
N HIS B 643 9.74 -13.30 -9.61
CA HIS B 643 8.86 -14.25 -10.32
C HIS B 643 9.06 -14.27 -11.84
N MET B 644 8.85 -15.44 -12.43
CA MET B 644 9.18 -15.73 -13.83
C MET B 644 8.14 -15.25 -14.84
N VAL B 645 6.87 -15.40 -14.49
CA VAL B 645 5.77 -14.99 -15.36
C VAL B 645 4.76 -14.14 -14.57
N LEU B 646 4.48 -12.93 -15.07
CA LEU B 646 3.60 -12.00 -14.40
C LEU B 646 2.44 -11.63 -15.30
N SER B 647 1.44 -10.99 -14.68
CA SER B 647 0.19 -10.63 -15.34
C SER B 647 -0.34 -9.29 -14.84
N SER B 648 -0.82 -8.49 -15.78
CA SER B 648 -1.42 -7.18 -15.50
C SER B 648 -2.62 -6.93 -16.39
N PHE B 649 -3.77 -6.67 -15.78
CA PHE B 649 -4.96 -6.22 -16.53
C PHE B 649 -5.83 -5.32 -15.69
N VAL B 650 -6.72 -4.62 -16.38
CA VAL B 650 -7.61 -3.66 -15.74
C VAL B 650 -9.06 -4.09 -15.90
N LEU B 651 -9.74 -4.18 -14.76
CA LEU B 651 -11.12 -4.61 -14.68
C LEU B 651 -12.05 -3.44 -14.99
N ALA B 652 -13.07 -3.74 -15.80
CA ALA B 652 -14.16 -2.80 -16.03
C ALA B 652 -15.08 -2.83 -14.81
N GLU B 653 -15.38 -1.64 -14.28
CA GLU B 653 -16.26 -1.46 -13.11
C GLU B 653 -16.90 -2.75 -12.59
AS CAC C . -19.72 29.28 24.03
O2 CAC C . -19.08 29.85 22.50
C1 CAC C . -21.32 28.20 23.75
C2 CAC C . -18.30 28.23 24.88
PA NDP D . -4.02 22.78 37.62
O1A NDP D . -3.25 21.68 38.31
O2A NDP D . -3.95 24.18 38.12
O5B NDP D . -5.57 22.33 37.68
C5B NDP D . -5.99 21.11 37.08
C4B NDP D . -7.04 20.44 37.94
O4B NDP D . -7.42 19.16 37.43
C3B NDP D . -6.59 20.14 39.38
O3B NDP D . -6.98 21.19 40.27
C2B NDP D . -7.25 18.82 39.74
O2B NDP D . -7.80 18.86 41.03
C1B NDP D . -8.07 18.48 38.53
N9A NDP D . -8.22 17.03 38.21
C8A NDP D . -7.28 16.09 38.00
N7A NDP D . -7.89 14.92 37.70
C5A NDP D . -9.22 15.13 37.73
C6A NDP D . -10.32 14.32 37.51
N6A NDP D . -10.20 13.01 37.21
N1A NDP D . -11.56 14.86 37.60
C2A NDP D . -11.73 16.15 37.91
N3A NDP D . -10.67 16.95 38.12
C4A NDP D . -9.42 16.46 38.04
O3 NDP D . -3.65 22.63 36.06
PN NDP D . -3.66 23.80 34.97
O1N NDP D . -2.27 24.37 34.89
O2N NDP D . -4.79 24.75 35.27
O5D NDP D . -3.88 22.96 33.61
C5D NDP D . -5.13 22.89 32.93
C4D NDP D . -4.97 22.23 31.58
O4D NDP D . -3.99 22.91 30.79
C3D NDP D . -4.54 20.77 31.71
O3D NDP D . -5.35 19.88 30.93
C2D NDP D . -3.10 20.80 31.22
O2D NDP D . -2.68 19.57 30.60
C1D NDP D . -3.04 21.98 30.26
N1N NDP D . -1.64 22.48 30.17
C2N NDP D . -1.35 23.53 31.03
C3N NDP D . -0.17 24.16 30.90
C7N NDP D . 0.42 24.95 31.97
O7N NDP D . 1.44 25.58 31.75
N7N NDP D . -0.15 24.93 33.16
C4N NDP D . 0.65 24.01 29.65
C5N NDP D . -0.17 23.36 28.58
C6N NDP D . -1.27 22.68 28.88
P2B NDP D . -8.12 17.65 41.98
O1X NDP D . -8.85 18.27 43.16
O2X NDP D . -8.94 16.68 41.16
O3X NDP D . -6.73 17.13 42.27
S SO4 E . -8.09 19.94 9.47
O1 SO4 E . -8.31 19.58 10.89
O2 SO4 E . -9.20 20.79 8.99
O3 SO4 E . -7.99 18.71 8.64
O4 SO4 E . -6.82 20.69 9.37
S SO4 F . 23.19 28.50 -12.69
O1 SO4 F . 24.59 28.88 -12.34
O2 SO4 F . 22.36 28.50 -11.47
O3 SO4 F . 22.65 29.46 -13.67
O4 SO4 F . 23.18 27.14 -13.30
N1 2W4 G . 8.87 22.46 28.36
C10 2W4 G . 10.05 22.64 29.08
C13 2W4 G . 8.88 22.12 24.68
C15 2W4 G . 8.19 24.34 25.23
C17 2W4 G . 8.31 23.70 22.80
C20 2W4 G . 8.06 24.27 20.12
C21 2W4 G . 9.01 23.57 18.29
C22 2W4 G . 9.58 22.86 19.27
C24 2W4 G . 9.11 23.03 21.86
O01 2W4 G . 2.19 21.06 29.87
C01 2W4 G . 2.88 21.74 30.62
C02 2W4 G . 2.64 21.75 32.12
C03 2W4 G . 1.29 21.27 32.57
C04 2W4 G . 2.47 20.40 32.75
N01 2W4 G . 3.87 22.51 30.14
C05 2W4 G . 4.78 23.38 30.91
C06 2W4 G . 5.80 23.84 29.88
C07 2W4 G . 5.71 22.86 28.71
C08 2W4 G . 6.55 21.58 28.85
C09 2W4 G . 7.95 21.91 29.22
N02 2W4 G . 8.44 21.77 30.41
N03 2W4 G . 9.73 22.22 30.31
O02 2W4 G . 11.10 23.10 28.66
C11 2W4 G . 8.73 22.78 26.97
C12 2W4 G . 9.02 21.82 26.02
C14 2W4 G . 8.45 23.38 24.25
C16 2W4 G . 8.32 24.04 26.58
C18 2W4 G . 7.40 24.66 22.36
C19 2W4 G . 7.27 24.97 21.01
O1 2W4 G . 8.06 24.44 18.77
C23 2W4 G . 8.99 23.31 20.49
C1 2W4 G . 4.20 22.58 28.71
AS CAC H . 17.36 -1.54 -17.14
O2 CAC H . 16.79 -1.77 -15.50
C1 CAC H . 16.03 -2.34 -18.34
C2 CAC H . 19.12 -2.34 -17.41
PA NDP I . 2.45 -3.40 -32.94
O1A NDP I . 2.02 -4.16 -34.15
O2A NDP I . 2.06 -1.96 -32.71
O5B NDP I . 4.06 -3.49 -32.90
C5B NDP I . 4.75 -4.76 -32.97
C4B NDP I . 5.75 -4.75 -34.13
O4B NDP I . 6.48 -5.97 -34.28
C3B NDP I . 5.10 -4.54 -35.49
O3B NDP I . 5.15 -3.14 -35.82
C2B NDP I . 5.92 -5.38 -36.45
O2B NDP I . 6.26 -4.64 -37.57
C1B NDP I . 7.01 -5.96 -35.62
N9A NDP I . 7.46 -7.33 -36.00
C8A NDP I . 6.70 -8.39 -36.33
N7A NDP I . 7.51 -9.44 -36.58
C5A NDP I . 8.77 -9.02 -36.40
C6A NDP I . 10.00 -9.65 -36.51
N6A NDP I . 10.05 -10.95 -36.88
N1A NDP I . 11.12 -8.96 -36.25
C2A NDP I . 11.07 -7.66 -35.89
N3A NDP I . 9.89 -7.02 -35.79
C4A NDP I . 8.74 -7.69 -36.03
O3 NDP I . 2.02 -4.32 -31.68
PN NDP I . 1.91 -3.82 -30.15
O1N NDP I . 0.46 -3.60 -29.87
O2N NDP I . 2.90 -2.70 -29.94
O5D NDP I . 2.34 -5.12 -29.29
C5D NDP I . 3.63 -5.23 -28.67
C4D NDP I . 3.72 -6.48 -27.79
O4D NDP I . 2.69 -6.44 -26.80
C3D NDP I . 3.54 -7.75 -28.60
O3D NDP I . 4.49 -8.76 -28.22
C2D NDP I . 2.12 -8.17 -28.28
O2D NDP I . 1.89 -9.58 -28.31
C1D NDP I . 1.88 -7.62 -26.87
N1N NDP I . 0.43 -7.44 -26.64
C2N NDP I . -0.11 -6.19 -26.95
C3N NDP I . -1.38 -5.92 -26.56
C7N NDP I . -2.19 -4.83 -27.09
O7N NDP I . -3.30 -4.61 -26.60
N7N NDP I . -1.70 -4.15 -28.12
C4N NDP I . -2.08 -6.82 -25.56
C5N NDP I . -1.10 -7.69 -24.87
C6N NDP I . 0.10 -7.92 -25.39
P2B NDP I . 6.96 -5.00 -38.94
O1X NDP I . 5.73 -5.56 -39.59
O2X NDP I . 7.49 -3.69 -39.46
O3X NDP I . 8.05 -6.04 -38.72
S SO4 J . 7.89 -18.45 -9.51
O1 SO4 J . 8.35 -17.72 -10.71
O2 SO4 J . 7.62 -17.46 -8.44
O3 SO4 J . 8.94 -19.39 -9.04
O4 SO4 J . 6.68 -19.22 -9.85
S SO4 K . -23.30 -26.72 12.90
O1 SO4 K . -22.08 -26.12 13.50
O2 SO4 K . -24.49 -25.97 13.36
O3 SO4 K . -23.22 -26.65 11.43
O4 SO4 K . -23.39 -28.14 13.32
N1 2W4 L . -9.89 -10.11 -25.49
C10 2W4 L . -11.08 -9.78 -26.11
C13 2W4 L . -9.44 -9.89 -21.82
C15 2W4 L . -9.58 -12.19 -22.42
C17 2W4 L . -9.27 -11.61 -19.99
C20 2W4 L . -9.02 -12.27 -17.34
C21 2W4 L . -9.79 -13.87 -16.06
C22 2W4 L . -10.30 -14.12 -17.26
C24 2W4 L . -9.93 -12.73 -19.48
O01 2W4 L . -3.23 -9.61 -27.19
C01 2W4 L . -4.03 -8.76 -27.54
C02 2W4 L . -3.90 -8.05 -28.87
C03 2W4 L . -3.45 -8.89 -30.02
C04 2W4 L . -2.50 -7.93 -29.42
N01 2W4 L . -5.06 -8.43 -26.76
C05 2W4 L . -6.12 -7.44 -27.02
C06 2W4 L . -7.14 -7.69 -25.91
C07 2W4 L . -6.82 -9.10 -25.37
C08 2W4 L . -7.45 -10.25 -26.17
C09 2W4 L . -8.90 -10.01 -26.44
N02 2W4 L . -9.38 -9.62 -27.58
N03 2W4 L . -10.72 -9.49 -27.36
O02 2W4 L . -12.20 -9.76 -25.60
C11 2W4 L . -9.75 -10.50 -24.11
C12 2W4 L . -9.59 -9.53 -23.15
C14 2W4 L . -9.43 -11.23 -21.43
C16 2W4 L . -9.74 -11.83 -23.75
C18 2W4 L . -8.49 -10.84 -19.13
C19 2W4 L . -8.35 -11.15 -17.79
O1 2W4 L . -8.99 -12.74 -16.05
C23 2W4 L . -9.81 -13.09 -18.13
C1 2W4 L . -5.29 -9.08 -25.46
#